data_1L5R
#
_entry.id   1L5R
#
_cell.length_a   124.422
_cell.length_b   124.422
_cell.length_c   124.006
_cell.angle_alpha   90.00
_cell.angle_beta   90.00
_cell.angle_gamma   120.00
#
_symmetry.space_group_name_H-M   'P 31'
#
loop_
_entity.id
_entity.type
_entity.pdbx_description
1 polymer 'glycogen phosphorylase, liver form'
2 non-polymer N-acetyl-beta-D-glucopyranosylamine
3 non-polymer "PYRIDOXAL-5'-PHOSPHATE"
4 non-polymer '[5-CHLORO-1H-INDOL-2-CARBONYL-PHENYLALANINYL]-AZETIDINE-3-CARBOXYLIC ACID'
5 non-polymer RIBOFLAVIN
6 non-polymer (4R)-2-METHYLPENTANE-2,4-DIOL
7 water water
#
_entity_poly.entity_id   1
_entity_poly.type   'polypeptide(L)'
_entity_poly.pdbx_seq_one_letter_code
;MAKPLTDQEKRRQISIRGIVGVENVAELKKSFNRHLHFTLVKDRNVATTRDYYFALAHTVRDHLVGRWIRTQQHYYDKCP
KRVYYLSLEFYMGRTLQNTMINLGLQNACDEAIYQLGLDIEELEEIEEDAGLGNGGLGRLAACFLDSMATLGLAAYGYGI
RYEYGIFNQKIRDGWQVEEADDWLRYGNPWEKSRPEFMLPVHFYGKVEHTNTGTKWIDTQVVLALPYDTPVPGYMNNTVN
TMRLWSARAPNDFNLRDFNVGDYIQAVLDRNLAENISRVLYPNDNFFEGKELRLKQEYFVVAATLQDIIRRFKASKFGST
RGAGTVFDAFPDQVAIQLNDTHPALAIPELMRIFVDIEKLPWSKAWELTQKTFAYTNHTVLPEALERWPVDLVEKLLPRH
LEIIYEINQKHLDRIVALFPKDVDRLRRMSLIEEEGSKRINMAHLCIVGSHAVNGVAKIHSDIVKTKVFKDFSELEPDKF
QNKTNGITPRRWLLLCNPGLAELIAEKIGEDYVKDLSQLTKLHSFLGDDVFLRELAKVKQENKLKFSQFLETEYKVKINP
SSMFDVQVKRIHEYKRQLLNCLHVITMYNRIKKDPKKLFVPRTVIIGGKAAPGYHMAKMIIKLITSVADVVNNDPMVGSK
LKVIFLENYRVSLAEKVIPATDLSEQISTAGTEASGTGNMKFMLNGALTIGTMDGANVEMAEEAGEENLFIFGMRIDDVA
ALDKKGYEAKEYYEALPELKLVIDQIDNGFFSPKQPDLFKDIINMLFYHDRFKVFADYEAYVKCQDKVSQLYMNPKAWNT
MVLKNIAASGKFSSDRTIKEYAQNIWNVEPSDLKISLSNESNKVNGN
;
_entity_poly.pdbx_strand_id   A,B
#
# COMPACT_ATOMS: atom_id res chain seq x y z
N GLU A 23 24.01 24.85 -6.71
CA GLU A 23 23.99 23.44 -6.24
C GLU A 23 25.40 22.84 -6.24
N ASN A 24 26.27 23.40 -5.39
CA ASN A 24 27.63 22.92 -5.29
C ASN A 24 27.75 21.88 -4.20
N VAL A 25 28.96 21.41 -3.98
CA VAL A 25 29.22 20.36 -3.01
C VAL A 25 28.81 20.64 -1.56
N ALA A 26 29.06 21.83 -1.07
CA ALA A 26 28.74 22.16 0.31
C ALA A 26 27.24 22.15 0.59
N GLU A 27 26.45 22.69 -0.33
CA GLU A 27 25.01 22.73 -0.15
C GLU A 27 24.39 21.36 -0.35
N LEU A 28 24.98 20.55 -1.22
CA LEU A 28 24.49 19.21 -1.44
C LEU A 28 24.69 18.36 -0.17
N LYS A 29 25.84 18.50 0.50
CA LYS A 29 26.07 17.73 1.72
C LYS A 29 25.10 18.18 2.81
N LYS A 30 24.81 19.47 2.78
CA LYS A 30 23.89 20.08 3.73
C LYS A 30 22.51 19.50 3.51
N SER A 31 22.04 19.49 2.26
CA SER A 31 20.70 18.96 1.96
C SER A 31 20.58 17.49 2.36
N PHE A 32 21.61 16.72 2.05
CA PHE A 32 21.67 15.29 2.41
C PHE A 32 21.49 15.11 3.92
N ASN A 33 22.27 15.84 4.72
CA ASN A 33 22.16 15.73 6.18
C ASN A 33 20.77 16.12 6.70
N ARG A 34 20.18 17.11 6.04
CA ARG A 34 18.88 17.66 6.37
C ARG A 34 17.84 16.56 6.14
N HIS A 35 17.88 15.93 4.97
CA HIS A 35 16.97 14.85 4.67
C HIS A 35 17.19 13.64 5.59
N LEU A 36 18.44 13.25 5.78
CA LEU A 36 18.73 12.12 6.68
C LEU A 36 18.05 12.35 8.04
N HIS A 37 18.16 13.58 8.54
CA HIS A 37 17.56 13.97 9.82
C HIS A 37 16.01 14.08 9.75
N PHE A 38 15.51 15.09 9.06
CA PHE A 38 14.07 15.33 8.96
C PHE A 38 13.23 14.35 8.15
N THR A 39 13.80 13.82 7.08
CA THR A 39 13.06 12.89 6.24
C THR A 39 13.20 11.41 6.65
N LEU A 40 14.40 10.99 7.02
CA LEU A 40 14.61 9.60 7.44
C LEU A 40 14.65 9.44 8.97
N VAL A 41 14.60 10.56 9.67
CA VAL A 41 14.63 10.55 11.14
C VAL A 41 15.85 9.78 11.69
N LYS A 42 17.03 10.04 11.12
CA LYS A 42 18.26 9.36 11.55
C LYS A 42 19.46 10.29 11.73
N ASP A 43 20.50 9.71 12.31
CA ASP A 43 21.76 10.40 12.50
C ASP A 43 22.80 9.42 11.97
N ARG A 44 24.06 9.84 11.89
CA ARG A 44 25.09 8.99 11.32
C ARG A 44 25.40 7.69 12.06
N ASN A 45 25.00 7.59 13.32
CA ASN A 45 25.27 6.36 14.07
C ASN A 45 24.20 5.30 13.92
N VAL A 46 22.99 5.69 13.55
CA VAL A 46 21.88 4.75 13.41
C VAL A 46 21.35 4.63 11.97
N ALA A 47 21.83 5.48 11.08
CA ALA A 47 21.37 5.42 9.69
C ALA A 47 21.79 4.11 9.03
N THR A 48 20.91 3.57 8.20
CA THR A 48 21.20 2.32 7.46
C THR A 48 21.67 2.72 6.06
N THR A 49 22.12 1.74 5.27
CA THR A 49 22.57 2.06 3.90
C THR A 49 21.37 2.55 3.11
N ARG A 50 20.21 1.97 3.39
CA ARG A 50 18.96 2.32 2.73
C ARG A 50 18.57 3.76 3.08
N ASP A 51 18.83 4.17 4.33
CA ASP A 51 18.56 5.55 4.74
C ASP A 51 19.47 6.51 3.95
N TYR A 52 20.73 6.12 3.75
CA TYR A 52 21.64 6.97 3.03
C TYR A 52 21.20 7.11 1.59
N TYR A 53 20.76 5.99 1.00
CA TYR A 53 20.27 6.03 -0.38
C TYR A 53 19.08 6.98 -0.49
N PHE A 54 18.13 6.83 0.41
CA PHE A 54 16.95 7.68 0.40
C PHE A 54 17.29 9.14 0.62
N ALA A 55 18.23 9.41 1.52
CA ALA A 55 18.64 10.79 1.78
C ALA A 55 19.18 11.40 0.50
N LEU A 56 20.01 10.66 -0.23
CA LEU A 56 20.56 11.17 -1.49
C LEU A 56 19.49 11.35 -2.55
N ALA A 57 18.60 10.35 -2.67
CA ALA A 57 17.52 10.39 -3.63
C ALA A 57 16.70 11.67 -3.41
N HIS A 58 16.33 11.95 -2.16
CA HIS A 58 15.56 13.15 -1.85
C HIS A 58 16.35 14.41 -2.20
N THR A 59 17.65 14.38 -1.90
CA THR A 59 18.53 15.53 -2.20
C THR A 59 18.50 15.82 -3.71
N VAL A 60 18.56 14.75 -4.51
CA VAL A 60 18.55 14.88 -5.97
C VAL A 60 17.15 15.23 -6.47
N ARG A 61 16.15 14.56 -5.92
CA ARG A 61 14.77 14.83 -6.31
C ARG A 61 14.40 16.33 -6.19
N ASP A 62 14.79 16.96 -5.10
CA ASP A 62 14.50 18.39 -4.93
C ASP A 62 14.90 19.22 -6.13
N HIS A 63 15.99 18.87 -6.81
CA HIS A 63 16.46 19.62 -7.97
C HIS A 63 15.57 19.53 -9.21
N LEU A 64 14.62 18.60 -9.18
CA LEU A 64 13.67 18.39 -10.27
C LEU A 64 12.41 19.25 -10.15
N VAL A 65 12.01 19.57 -8.92
CA VAL A 65 10.76 20.30 -8.69
C VAL A 65 10.52 21.58 -9.48
N GLY A 66 11.45 22.54 -9.39
CA GLY A 66 11.29 23.82 -10.08
C GLY A 66 11.00 23.66 -11.56
N ARG A 67 11.87 22.93 -12.25
CA ARG A 67 11.74 22.67 -13.67
C ARG A 67 10.51 21.83 -14.04
N TRP A 68 10.09 20.93 -13.16
CA TRP A 68 8.94 20.08 -13.46
C TRP A 68 7.67 20.94 -13.43
N ILE A 69 7.58 21.83 -12.47
CA ILE A 69 6.42 22.70 -12.37
C ILE A 69 6.39 23.68 -13.55
N ARG A 70 7.57 24.20 -13.91
CA ARG A 70 7.70 25.17 -15.00
C ARG A 70 7.45 24.52 -16.36
N THR A 71 7.90 23.28 -16.52
CA THR A 71 7.70 22.57 -17.79
C THR A 71 6.22 22.30 -18.01
N GLN A 72 5.55 21.75 -17.00
CA GLN A 72 4.13 21.47 -17.16
C GLN A 72 3.33 22.74 -17.30
N GLN A 73 3.78 23.80 -16.63
CA GLN A 73 3.10 25.10 -16.70
C GLN A 73 3.31 25.68 -18.10
N HIS A 74 4.48 25.43 -18.68
CA HIS A 74 4.77 25.92 -20.02
C HIS A 74 3.83 25.29 -21.04
N TYR A 75 3.62 23.99 -20.93
CA TYR A 75 2.74 23.32 -21.88
C TYR A 75 1.32 23.88 -21.81
N TYR A 76 0.87 24.26 -20.62
CA TYR A 76 -0.46 24.84 -20.45
C TYR A 76 -0.55 26.20 -21.13
N ASP A 77 0.41 27.08 -20.83
CA ASP A 77 0.41 28.42 -21.39
C ASP A 77 0.53 28.50 -22.92
N LYS A 78 1.56 27.86 -23.48
CA LYS A 78 1.79 27.91 -24.92
C LYS A 78 1.07 26.84 -25.74
N CYS A 79 0.33 25.99 -25.04
CA CYS A 79 -0.44 24.90 -25.65
C CYS A 79 0.07 24.20 -26.92
N PRO A 80 1.27 23.62 -26.88
CA PRO A 80 1.76 22.93 -28.07
C PRO A 80 1.05 21.59 -28.20
N LYS A 81 0.99 21.03 -29.41
CA LYS A 81 0.34 19.74 -29.59
C LYS A 81 1.02 18.71 -28.65
N ARG A 82 0.25 17.99 -27.86
CA ARG A 82 0.81 17.02 -26.92
C ARG A 82 0.86 15.56 -27.44
N VAL A 83 1.86 14.81 -26.98
CA VAL A 83 2.02 13.42 -27.37
C VAL A 83 1.80 12.51 -26.18
N TYR A 84 0.97 11.49 -26.36
CA TYR A 84 0.69 10.56 -25.27
C TYR A 84 1.08 9.15 -25.66
N TYR A 85 2.14 8.65 -25.03
CA TYR A 85 2.61 7.31 -25.31
C TYR A 85 1.91 6.37 -24.33
N LEU A 86 0.90 5.67 -24.85
CA LEU A 86 0.09 4.77 -24.08
C LEU A 86 0.62 3.36 -24.23
N SER A 87 1.12 2.82 -23.12
CA SER A 87 1.72 1.51 -23.11
C SER A 87 1.46 0.76 -21.81
N LEU A 88 1.27 -0.55 -21.90
CA LEU A 88 1.06 -1.35 -20.71
C LEU A 88 2.40 -1.64 -20.03
N GLU A 89 3.49 -1.19 -20.64
CA GLU A 89 4.81 -1.41 -20.04
C GLU A 89 5.78 -0.22 -20.09
N PHE A 90 6.50 -0.02 -19.00
CA PHE A 90 7.54 1.01 -18.95
C PHE A 90 8.64 0.38 -18.12
N TYR A 91 9.67 -0.10 -18.83
CA TYR A 91 10.83 -0.78 -18.25
C TYR A 91 11.84 0.32 -17.95
N MET A 92 11.63 1.00 -16.83
CA MET A 92 12.49 2.13 -16.44
C MET A 92 13.86 1.90 -15.78
N GLY A 93 14.08 0.75 -15.14
CA GLY A 93 15.34 0.54 -14.46
C GLY A 93 15.43 1.45 -13.25
N ARG A 94 16.64 1.80 -12.81
CA ARG A 94 16.85 2.73 -11.67
C ARG A 94 16.84 4.19 -12.11
N THR A 95 16.52 5.08 -11.17
CA THR A 95 16.36 6.49 -11.47
C THR A 95 17.40 7.49 -10.93
N LEU A 96 18.05 7.17 -9.81
CA LEU A 96 19.03 8.07 -9.20
C LEU A 96 20.11 8.55 -10.19
N GLN A 97 21.00 7.65 -10.60
CA GLN A 97 22.07 7.99 -11.54
C GLN A 97 21.57 8.73 -12.78
N ASN A 98 20.52 8.21 -13.41
CA ASN A 98 19.95 8.82 -14.61
C ASN A 98 19.62 10.29 -14.39
N THR A 99 18.97 10.56 -13.27
CA THR A 99 18.54 11.90 -12.91
C THR A 99 19.75 12.79 -12.62
N MET A 100 20.72 12.24 -11.91
CA MET A 100 21.92 13.02 -11.59
C MET A 100 22.62 13.40 -12.88
N ILE A 101 22.66 12.47 -13.83
CA ILE A 101 23.35 12.76 -15.09
C ILE A 101 22.60 13.77 -15.96
N ASN A 102 21.32 13.54 -16.21
CA ASN A 102 20.58 14.46 -17.08
C ASN A 102 20.49 15.88 -16.52
N LEU A 103 20.71 16.00 -15.21
CA LEU A 103 20.64 17.28 -14.53
C LEU A 103 22.02 17.88 -14.30
N GLY A 104 23.06 17.15 -14.72
CA GLY A 104 24.42 17.65 -14.53
C GLY A 104 24.85 17.76 -13.08
N LEU A 105 24.38 16.82 -12.24
CA LEU A 105 24.72 16.84 -10.82
C LEU A 105 25.56 15.66 -10.37
N GLN A 106 25.78 14.71 -11.25
CA GLN A 106 26.56 13.54 -10.85
C GLN A 106 27.93 13.80 -10.20
N ASN A 107 28.77 14.61 -10.83
CA ASN A 107 30.08 14.86 -10.26
C ASN A 107 30.00 15.54 -8.90
N ALA A 108 29.11 16.51 -8.76
CA ALA A 108 28.98 17.20 -7.46
C ALA A 108 28.47 16.20 -6.40
N CYS A 109 27.45 15.41 -6.73
CA CYS A 109 26.94 14.45 -5.76
C CYS A 109 28.00 13.43 -5.39
N ASP A 110 28.69 12.91 -6.41
CA ASP A 110 29.74 11.93 -6.18
C ASP A 110 30.71 12.45 -5.13
N GLU A 111 31.11 13.71 -5.27
CA GLU A 111 32.03 14.37 -4.35
C GLU A 111 31.42 14.57 -2.96
N ALA A 112 30.16 15.00 -2.93
CA ALA A 112 29.47 15.26 -1.67
C ALA A 112 29.40 13.98 -0.83
N ILE A 113 28.96 12.90 -1.45
CA ILE A 113 28.83 11.60 -0.79
C ILE A 113 30.20 11.10 -0.34
N TYR A 114 31.22 11.30 -1.17
CA TYR A 114 32.57 10.87 -0.81
C TYR A 114 33.07 11.65 0.42
N GLN A 115 32.83 12.96 0.44
CA GLN A 115 33.26 13.80 1.54
C GLN A 115 32.61 13.38 2.84
N LEU A 116 31.36 12.91 2.74
CA LEU A 116 30.60 12.48 3.90
C LEU A 116 31.06 11.10 4.38
N GLY A 117 32.04 10.54 3.67
CA GLY A 117 32.55 9.25 4.08
C GLY A 117 31.77 8.05 3.59
N LEU A 118 30.98 8.22 2.54
CA LEU A 118 30.18 7.13 2.00
C LEU A 118 30.60 6.80 0.58
N ASP A 119 30.09 5.69 0.07
CA ASP A 119 30.40 5.22 -1.28
C ASP A 119 29.10 5.34 -2.08
N ILE A 120 29.07 6.25 -3.06
CA ILE A 120 27.87 6.46 -3.84
C ILE A 120 27.44 5.22 -4.64
N GLU A 121 28.40 4.39 -5.02
CA GLU A 121 28.09 3.15 -5.74
C GLU A 121 27.24 2.24 -4.87
N GLU A 122 27.60 2.12 -3.59
CA GLU A 122 26.85 1.27 -2.67
C GLU A 122 25.44 1.79 -2.48
N LEU A 123 25.30 3.09 -2.32
CA LEU A 123 23.99 3.68 -2.15
C LEU A 123 23.14 3.41 -3.40
N GLU A 124 23.74 3.57 -4.57
CA GLU A 124 23.02 3.36 -5.84
C GLU A 124 22.48 1.95 -6.00
N GLU A 125 23.25 0.96 -5.53
CA GLU A 125 22.83 -0.44 -5.58
C GLU A 125 21.58 -0.70 -4.71
N ILE A 126 21.31 0.14 -3.74
CA ILE A 126 20.14 -0.05 -2.89
C ILE A 126 18.82 0.10 -3.69
N GLU A 127 18.80 1.00 -4.66
CA GLU A 127 17.58 1.24 -5.44
C GLU A 127 17.08 0.04 -6.25
N GLU A 128 15.78 -0.20 -6.18
CA GLU A 128 15.17 -1.30 -6.92
C GLU A 128 14.95 -0.83 -8.36
N ASP A 129 14.98 -1.75 -9.30
CA ASP A 129 14.68 -1.38 -10.67
C ASP A 129 13.18 -1.15 -10.68
N ALA A 130 12.71 -0.28 -11.55
CA ALA A 130 11.28 -0.10 -11.70
C ALA A 130 11.12 -1.05 -12.89
N GLY A 131 10.86 -2.33 -12.61
CA GLY A 131 10.73 -3.30 -13.68
C GLY A 131 9.32 -3.50 -14.19
N LEU A 132 8.72 -2.43 -14.66
CA LEU A 132 7.34 -2.49 -15.14
C LEU A 132 7.27 -2.86 -16.63
N GLY A 133 8.12 -3.79 -17.03
CA GLY A 133 8.16 -4.24 -18.41
C GLY A 133 8.81 -5.61 -18.52
N ASN A 134 8.65 -6.23 -19.68
CA ASN A 134 9.23 -7.56 -19.90
C ASN A 134 10.54 -7.60 -20.64
N GLY A 135 10.67 -6.68 -21.60
CA GLY A 135 11.87 -6.62 -22.40
C GLY A 135 11.90 -5.44 -23.34
N GLY A 136 12.33 -5.69 -24.57
CA GLY A 136 12.45 -4.64 -25.57
C GLY A 136 11.29 -3.67 -25.70
N LEU A 137 10.08 -4.20 -25.69
CA LEU A 137 8.90 -3.37 -25.83
C LEU A 137 8.78 -2.33 -24.70
N GLY A 138 8.94 -2.78 -23.46
CA GLY A 138 8.84 -1.85 -22.34
C GLY A 138 10.07 -0.97 -22.20
N ARG A 139 11.20 -1.43 -22.71
CA ARG A 139 12.41 -0.62 -22.58
C ARG A 139 12.38 0.46 -23.65
N LEU A 140 11.80 0.14 -24.81
CA LEU A 140 11.68 1.12 -25.90
C LEU A 140 10.85 2.31 -25.39
N ALA A 141 9.76 2.02 -24.67
CA ALA A 141 8.92 3.06 -24.10
C ALA A 141 9.75 3.95 -23.14
N ALA A 142 10.54 3.30 -22.27
CA ALA A 142 11.42 4.00 -21.32
C ALA A 142 12.45 4.85 -22.07
N CYS A 143 13.07 4.29 -23.10
CA CYS A 143 14.07 5.03 -23.87
C CYS A 143 13.44 6.22 -24.61
N PHE A 144 12.18 6.07 -25.01
CA PHE A 144 11.43 7.11 -25.73
C PHE A 144 11.06 8.28 -24.86
N LEU A 145 10.76 8.01 -23.59
CA LEU A 145 10.42 9.06 -22.64
C LEU A 145 11.66 9.94 -22.43
N ASP A 146 12.83 9.31 -22.34
CA ASP A 146 14.07 10.05 -22.13
C ASP A 146 14.40 10.92 -23.35
N SER A 147 14.19 10.40 -24.56
CA SER A 147 14.49 11.16 -25.76
C SER A 147 13.49 12.30 -25.97
N MET A 148 12.19 12.02 -25.76
CA MET A 148 11.15 13.03 -25.90
C MET A 148 11.37 14.22 -24.97
N ALA A 149 11.93 13.96 -23.78
CA ALA A 149 12.21 15.04 -22.82
C ALA A 149 13.49 15.78 -23.25
N THR A 150 14.47 15.04 -23.76
CA THR A 150 15.73 15.67 -24.18
C THR A 150 15.49 16.57 -25.40
N LEU A 151 14.55 16.17 -26.24
CA LEU A 151 14.16 16.93 -27.44
C LEU A 151 13.17 18.05 -27.08
N GLY A 152 12.74 18.12 -25.82
CA GLY A 152 11.81 19.15 -25.41
C GLY A 152 10.40 19.08 -25.96
N LEU A 153 9.88 17.87 -26.18
CA LEU A 153 8.52 17.73 -26.71
C LEU A 153 7.50 17.68 -25.56
N ALA A 154 6.29 18.12 -25.82
CA ALA A 154 5.24 18.09 -24.81
C ALA A 154 4.67 16.68 -24.86
N ALA A 155 5.36 15.75 -24.22
CA ALA A 155 4.96 14.35 -24.24
C ALA A 155 4.77 13.76 -22.86
N TYR A 156 3.82 12.83 -22.77
CA TYR A 156 3.49 12.13 -21.53
C TYR A 156 3.49 10.63 -21.74
N GLY A 157 3.91 9.88 -20.72
CA GLY A 157 3.86 8.43 -20.82
C GLY A 157 2.70 8.01 -19.92
N TYR A 158 1.83 7.13 -20.41
CA TYR A 158 0.67 6.66 -19.63
C TYR A 158 0.64 5.13 -19.51
N GLY A 159 0.78 4.63 -18.29
CA GLY A 159 0.75 3.20 -18.10
C GLY A 159 0.08 2.79 -16.82
N ILE A 160 0.40 1.58 -16.34
CA ILE A 160 -0.15 1.04 -15.09
C ILE A 160 0.95 0.96 -14.04
N ARG A 161 0.64 1.39 -12.82
CA ARG A 161 1.62 1.33 -11.75
C ARG A 161 1.46 -0.04 -11.12
N TYR A 162 2.13 -1.04 -11.68
CA TYR A 162 2.03 -2.40 -11.13
C TYR A 162 2.63 -2.46 -9.73
N GLU A 163 1.94 -3.13 -8.81
CA GLU A 163 2.49 -3.26 -7.46
C GLU A 163 3.71 -4.18 -7.56
N TYR A 164 3.65 -5.12 -8.51
CA TYR A 164 4.74 -6.06 -8.76
C TYR A 164 5.12 -6.02 -10.23
N GLY A 165 6.40 -5.82 -10.50
CA GLY A 165 6.87 -5.81 -11.88
C GLY A 165 7.27 -7.22 -12.30
N ILE A 166 8.15 -7.29 -13.30
CA ILE A 166 8.63 -8.57 -13.79
C ILE A 166 9.29 -9.30 -12.60
N PHE A 167 8.95 -10.56 -12.39
CA PHE A 167 9.49 -11.32 -11.27
C PHE A 167 11.01 -11.34 -11.14
N ASN A 168 11.49 -11.49 -9.91
CA ASN A 168 12.93 -11.61 -9.70
C ASN A 168 13.21 -13.08 -9.98
N GLN A 169 14.23 -13.35 -10.77
CA GLN A 169 14.58 -14.71 -11.13
C GLN A 169 15.68 -15.29 -10.24
N LYS A 170 15.46 -16.52 -9.81
CA LYS A 170 16.42 -17.27 -9.01
C LYS A 170 16.71 -18.57 -9.75
N ILE A 171 17.87 -19.15 -9.51
CA ILE A 171 18.21 -20.44 -10.12
C ILE A 171 18.33 -21.43 -8.99
N ARG A 172 17.47 -22.44 -8.99
CA ARG A 172 17.46 -23.47 -7.96
C ARG A 172 17.69 -24.82 -8.61
N ASP A 173 18.77 -25.49 -8.20
CA ASP A 173 19.10 -26.80 -8.77
C ASP A 173 19.16 -26.64 -10.29
N GLY A 174 19.74 -25.54 -10.74
CA GLY A 174 19.88 -25.27 -12.16
C GLY A 174 18.63 -24.75 -12.87
N TRP A 175 17.49 -24.69 -12.17
CA TRP A 175 16.22 -24.23 -12.76
C TRP A 175 15.79 -22.82 -12.31
N GLN A 176 15.09 -22.11 -13.19
CA GLN A 176 14.59 -20.80 -12.85
C GLN A 176 13.44 -20.93 -11.86
N VAL A 177 13.43 -20.06 -10.89
CA VAL A 177 12.38 -20.00 -9.89
C VAL A 177 11.94 -18.54 -9.89
N GLU A 178 10.65 -18.30 -9.71
CA GLU A 178 10.12 -16.94 -9.70
C GLU A 178 9.86 -16.44 -8.29
N GLU A 179 10.33 -15.23 -8.00
CA GLU A 179 10.11 -14.62 -6.72
C GLU A 179 9.42 -13.28 -6.99
N ALA A 180 8.42 -12.95 -6.20
CA ALA A 180 7.67 -11.72 -6.38
C ALA A 180 8.60 -10.49 -6.31
N ASP A 181 8.38 -9.55 -7.22
CA ASP A 181 9.18 -8.33 -7.27
C ASP A 181 8.42 -7.20 -6.59
N ASP A 182 8.50 -7.22 -5.26
CA ASP A 182 7.82 -6.26 -4.39
C ASP A 182 8.63 -4.97 -4.32
N TRP A 183 8.78 -4.30 -5.47
CA TRP A 183 9.58 -3.07 -5.56
C TRP A 183 9.13 -1.85 -4.77
N LEU A 184 7.89 -1.82 -4.32
CA LEU A 184 7.39 -0.66 -3.56
C LEU A 184 7.47 -0.83 -2.03
N ARG A 185 7.85 -2.01 -1.59
CA ARG A 185 7.89 -2.30 -0.16
C ARG A 185 8.50 -1.21 0.69
N TYR A 186 9.66 -0.70 0.30
CA TYR A 186 10.31 0.29 1.09
C TYR A 186 10.00 1.72 0.66
N GLY A 187 9.17 1.87 -0.37
CA GLY A 187 8.84 3.21 -0.83
C GLY A 187 9.59 3.65 -2.07
N ASN A 188 8.89 4.40 -2.92
CA ASN A 188 9.48 4.89 -4.17
C ASN A 188 9.54 6.40 -4.07
N PRO A 189 10.75 6.97 -3.90
CA PRO A 189 10.72 8.43 -3.79
C PRO A 189 10.48 9.15 -5.10
N TRP A 190 10.55 8.43 -6.22
CA TRP A 190 10.39 9.04 -7.52
C TRP A 190 8.97 9.14 -8.06
N GLU A 191 7.98 8.68 -7.30
CA GLU A 191 6.61 8.77 -7.76
C GLU A 191 5.83 9.78 -6.90
N LYS A 192 4.89 10.48 -7.51
CA LYS A 192 4.08 11.44 -6.78
C LYS A 192 2.60 11.17 -6.95
N SER A 193 1.95 10.74 -5.88
CA SER A 193 0.51 10.50 -5.93
C SER A 193 -0.17 11.80 -6.36
N ARG A 194 -1.13 11.72 -7.27
CA ARG A 194 -1.86 12.92 -7.71
C ARG A 194 -3.33 12.64 -7.37
N PRO A 195 -3.65 12.67 -6.07
CA PRO A 195 -5.02 12.39 -5.62
C PRO A 195 -6.12 13.22 -6.30
N GLU A 196 -5.85 14.47 -6.62
CA GLU A 196 -6.91 15.28 -7.23
C GLU A 196 -7.37 14.84 -8.63
N PHE A 197 -6.61 13.94 -9.25
CA PHE A 197 -6.97 13.47 -10.59
C PHE A 197 -7.46 12.04 -10.63
N MET A 198 -7.95 11.52 -9.51
CA MET A 198 -8.46 10.15 -9.47
C MET A 198 -9.69 10.10 -10.38
N LEU A 199 -9.95 8.94 -10.98
CA LEU A 199 -11.08 8.78 -11.90
C LEU A 199 -11.75 7.41 -11.75
N PRO A 200 -13.03 7.30 -12.12
CA PRO A 200 -13.69 6.00 -12.00
C PRO A 200 -13.65 5.26 -13.34
N VAL A 201 -13.39 3.95 -13.29
CA VAL A 201 -13.38 3.13 -14.49
C VAL A 201 -14.53 2.14 -14.34
N HIS A 202 -15.22 1.88 -15.45
CA HIS A 202 -16.38 1.00 -15.44
C HIS A 202 -16.19 -0.38 -16.06
N PHE A 203 -16.85 -1.36 -15.47
CA PHE A 203 -16.74 -2.73 -15.96
C PHE A 203 -18.10 -3.43 -15.89
N TYR A 204 -18.27 -4.45 -16.74
CA TYR A 204 -19.49 -5.25 -16.79
C TYR A 204 -20.74 -4.42 -17.06
N GLY A 205 -21.80 -4.66 -16.29
CA GLY A 205 -23.03 -3.92 -16.49
C GLY A 205 -23.72 -4.34 -17.77
N LYS A 206 -24.56 -3.48 -18.32
CA LYS A 206 -25.28 -3.80 -19.57
C LYS A 206 -25.60 -2.54 -20.35
N VAL A 207 -25.74 -2.69 -21.65
CA VAL A 207 -26.05 -1.57 -22.53
C VAL A 207 -27.54 -1.28 -22.58
N GLU A 208 -27.88 0.00 -22.50
CA GLU A 208 -29.27 0.45 -22.54
C GLU A 208 -29.45 1.52 -23.61
N HIS A 209 -30.19 1.19 -24.66
CA HIS A 209 -30.41 2.13 -25.75
C HIS A 209 -31.68 2.96 -25.52
N THR A 210 -31.47 4.22 -25.14
CA THR A 210 -32.57 5.13 -24.84
C THR A 210 -32.79 6.20 -25.91
N ASN A 211 -33.68 7.14 -25.62
CA ASN A 211 -33.98 8.21 -26.55
C ASN A 211 -33.13 9.44 -26.28
N THR A 212 -32.28 9.37 -25.26
CA THR A 212 -31.38 10.47 -24.93
C THR A 212 -29.97 10.08 -25.36
N GLY A 213 -29.84 8.84 -25.86
CA GLY A 213 -28.57 8.29 -26.29
C GLY A 213 -28.44 6.91 -25.68
N THR A 214 -27.30 6.26 -25.89
CA THR A 214 -27.12 4.92 -25.33
C THR A 214 -26.49 5.05 -23.96
N LYS A 215 -26.97 4.26 -23.00
CA LYS A 215 -26.45 4.30 -21.65
C LYS A 215 -25.83 2.97 -21.25
N TRP A 216 -24.66 3.05 -20.62
CA TRP A 216 -23.95 1.87 -20.13
C TRP A 216 -24.22 1.92 -18.63
N ILE A 217 -25.10 1.05 -18.16
CA ILE A 217 -25.51 1.06 -16.77
C ILE A 217 -25.22 -0.22 -15.98
N ASP A 218 -25.53 -0.18 -14.69
CA ASP A 218 -25.34 -1.29 -13.74
C ASP A 218 -23.92 -1.82 -13.75
N THR A 219 -22.97 -0.93 -13.98
CA THR A 219 -21.58 -1.33 -14.03
C THR A 219 -20.92 -1.31 -12.67
N GLN A 220 -19.82 -2.04 -12.54
CA GLN A 220 -19.07 -2.02 -11.31
C GLN A 220 -17.96 -1.01 -11.52
N VAL A 221 -17.65 -0.24 -10.49
CA VAL A 221 -16.64 0.78 -10.62
C VAL A 221 -15.35 0.49 -9.86
N VAL A 222 -14.24 0.82 -10.49
CA VAL A 222 -12.92 0.68 -9.89
C VAL A 222 -12.26 2.04 -10.10
N LEU A 223 -11.75 2.64 -9.03
CA LEU A 223 -11.12 3.96 -9.14
C LEU A 223 -9.69 3.82 -9.64
N ALA A 224 -9.22 4.86 -10.32
CA ALA A 224 -7.86 4.88 -10.83
C ALA A 224 -7.17 6.12 -10.30
N LEU A 225 -6.18 5.90 -9.45
CA LEU A 225 -5.39 6.99 -8.85
C LEU A 225 -4.09 7.03 -9.64
N PRO A 226 -3.76 8.20 -10.25
CA PRO A 226 -2.54 8.34 -11.03
C PRO A 226 -1.34 8.77 -10.19
N TYR A 227 -0.18 8.22 -10.52
CA TYR A 227 1.06 8.53 -9.83
C TYR A 227 2.02 9.08 -10.88
N ASP A 228 2.45 10.32 -10.69
CA ASP A 228 3.36 10.97 -11.61
C ASP A 228 4.83 10.77 -11.29
N THR A 229 5.62 10.47 -12.31
CA THR A 229 7.05 10.33 -12.14
C THR A 229 7.68 11.28 -13.15
N PRO A 230 8.64 12.08 -12.70
CA PRO A 230 9.28 13.02 -13.62
C PRO A 230 10.24 12.34 -14.57
N VAL A 231 10.35 12.88 -15.77
CA VAL A 231 11.23 12.37 -16.82
C VAL A 231 12.12 13.58 -17.22
N PRO A 232 13.31 13.71 -16.60
CA PRO A 232 14.19 14.82 -16.92
C PRO A 232 14.88 14.72 -18.29
N GLY A 233 14.80 15.79 -19.06
CA GLY A 233 15.48 15.76 -20.35
C GLY A 233 16.96 15.94 -20.08
N TYR A 234 17.79 15.60 -21.06
CA TYR A 234 19.23 15.72 -20.87
C TYR A 234 19.68 17.16 -21.01
N MET A 235 20.11 17.75 -19.90
CA MET A 235 20.60 19.11 -19.88
C MET A 235 19.77 20.15 -20.63
N ASN A 236 18.49 20.29 -20.31
CA ASN A 236 17.67 21.29 -21.02
C ASN A 236 16.52 21.88 -20.20
N ASN A 237 16.55 21.73 -18.88
CA ASN A 237 15.48 22.29 -18.06
C ASN A 237 14.09 21.69 -18.33
N THR A 238 13.98 20.65 -19.15
CA THR A 238 12.66 20.08 -19.39
C THR A 238 12.47 18.88 -18.50
N VAL A 239 11.29 18.80 -17.89
CA VAL A 239 10.95 17.67 -17.05
C VAL A 239 9.53 17.30 -17.39
N ASN A 240 9.38 16.19 -18.10
CA ASN A 240 8.07 15.70 -18.50
C ASN A 240 7.53 14.74 -17.48
N THR A 241 6.36 14.19 -17.77
CA THR A 241 5.72 13.29 -16.84
C THR A 241 5.39 11.90 -17.34
N MET A 242 5.58 10.91 -16.46
CA MET A 242 5.17 9.54 -16.74
C MET A 242 4.04 9.28 -15.74
N ARG A 243 2.82 9.13 -16.21
CA ARG A 243 1.68 8.91 -15.30
C ARG A 243 1.23 7.43 -15.29
N LEU A 244 1.36 6.80 -14.14
CA LEU A 244 0.99 5.40 -13.96
C LEU A 244 -0.28 5.29 -13.07
N TRP A 245 -1.24 4.48 -13.49
CA TRP A 245 -2.48 4.34 -12.73
C TRP A 245 -2.49 3.12 -11.82
N SER A 246 -3.05 3.31 -10.63
CA SER A 246 -3.16 2.26 -9.63
C SER A 246 -4.65 2.08 -9.34
N ALA A 247 -5.09 0.82 -9.31
CA ALA A 247 -6.49 0.47 -9.07
C ALA A 247 -6.87 0.55 -7.59
N ARG A 248 -8.01 1.18 -7.30
CA ARG A 248 -8.49 1.30 -5.92
C ARG A 248 -9.99 1.05 -5.88
N ALA A 249 -10.45 0.35 -4.86
CA ALA A 249 -11.88 0.08 -4.72
C ALA A 249 -12.64 1.37 -4.35
N PRO A 250 -13.89 1.49 -4.81
CA PRO A 250 -14.71 2.68 -4.52
C PRO A 250 -15.14 2.70 -3.05
N ASN A 251 -15.41 3.88 -2.51
CA ASN A 251 -15.81 4.03 -1.12
C ASN A 251 -14.67 3.60 -0.17
N ASP A 262 -21.63 -10.04 4.84
CA ASP A 262 -20.60 -10.07 5.87
C ASP A 262 -19.63 -8.90 5.69
N TYR A 263 -19.50 -8.08 6.73
CA TYR A 263 -18.65 -6.90 6.70
C TYR A 263 -17.15 -7.13 6.47
N ILE A 264 -16.54 -8.01 7.26
CA ILE A 264 -15.12 -8.28 7.15
C ILE A 264 -14.79 -8.73 5.74
N GLN A 265 -15.52 -9.73 5.25
CA GLN A 265 -15.29 -10.26 3.91
C GLN A 265 -15.47 -9.19 2.84
N ALA A 266 -16.47 -8.33 3.02
CA ALA A 266 -16.71 -7.26 2.08
C ALA A 266 -15.48 -6.34 2.00
N VAL A 267 -14.84 -6.06 3.12
CA VAL A 267 -13.68 -5.18 3.09
C VAL A 267 -12.51 -5.93 2.44
N LEU A 268 -12.34 -7.21 2.78
CA LEU A 268 -11.26 -7.98 2.19
C LEU A 268 -11.50 -8.07 0.68
N ASP A 269 -12.76 -8.27 0.28
CA ASP A 269 -13.05 -8.38 -1.15
C ASP A 269 -12.63 -7.15 -1.96
N ARG A 270 -12.30 -6.07 -1.28
CA ARG A 270 -11.84 -4.87 -1.98
C ARG A 270 -10.52 -5.22 -2.74
N ASN A 271 -9.86 -6.30 -2.32
CA ASN A 271 -8.63 -6.77 -2.95
C ASN A 271 -8.94 -7.12 -4.42
N LEU A 272 -10.16 -7.60 -4.69
CA LEU A 272 -10.52 -7.98 -6.05
C LEU A 272 -10.39 -6.84 -7.07
N ALA A 273 -10.83 -5.64 -6.73
CA ALA A 273 -10.72 -4.50 -7.67
C ALA A 273 -9.26 -4.04 -7.78
N GLU A 274 -8.58 -3.99 -6.65
CA GLU A 274 -7.21 -3.56 -6.62
C GLU A 274 -6.26 -4.55 -7.30
N ASN A 275 -6.72 -5.77 -7.51
CA ASN A 275 -5.92 -6.79 -8.20
C ASN A 275 -5.66 -6.42 -9.66
N ILE A 276 -6.47 -5.51 -10.22
CA ILE A 276 -6.30 -5.08 -11.61
C ILE A 276 -4.91 -4.49 -11.88
N SER A 277 -4.34 -3.76 -10.93
CA SER A 277 -2.99 -3.22 -11.15
C SER A 277 -1.99 -3.94 -10.26
N ARG A 278 -2.30 -5.14 -9.84
CA ARG A 278 -1.41 -5.86 -8.93
C ARG A 278 -0.10 -6.38 -9.54
N VAL A 279 -0.17 -6.96 -10.72
CA VAL A 279 1.03 -7.54 -11.30
C VAL A 279 1.12 -7.55 -12.80
N LEU A 280 2.32 -7.27 -13.27
CA LEU A 280 2.63 -7.27 -14.68
C LEU A 280 2.61 -8.70 -15.24
N TYR A 281 2.00 -8.89 -16.41
CA TYR A 281 1.99 -10.22 -17.03
C TYR A 281 3.41 -10.34 -17.57
N PRO A 282 4.16 -11.34 -17.07
CA PRO A 282 5.55 -11.63 -17.41
C PRO A 282 5.86 -12.39 -18.69
N ASN A 283 5.10 -12.12 -19.74
CA ASN A 283 5.29 -12.80 -21.02
C ASN A 283 5.82 -11.86 -22.08
N ASP A 284 6.80 -12.34 -22.84
CA ASP A 284 7.40 -11.55 -23.90
C ASP A 284 6.96 -12.15 -25.23
N ASN A 285 6.26 -11.38 -26.05
CA ASN A 285 5.78 -11.88 -27.34
C ASN A 285 4.83 -13.06 -27.16
N PHE A 286 3.92 -12.96 -26.20
CA PHE A 286 2.99 -14.05 -25.97
C PHE A 286 1.65 -13.54 -25.48
N PHE A 287 0.59 -13.84 -26.23
CA PHE A 287 -0.74 -13.41 -25.84
C PHE A 287 -1.37 -14.43 -24.89
N GLU A 288 -1.77 -13.96 -23.72
CA GLU A 288 -2.41 -14.79 -22.73
C GLU A 288 -3.77 -14.14 -22.51
N GLY A 289 -4.80 -14.72 -23.10
CA GLY A 289 -6.14 -14.16 -22.97
C GLY A 289 -6.83 -14.32 -21.64
N LYS A 290 -6.23 -13.82 -20.55
CA LYS A 290 -6.87 -13.92 -19.24
C LYS A 290 -7.78 -12.72 -19.02
N GLU A 291 -8.92 -12.95 -18.37
CA GLU A 291 -9.84 -11.86 -18.11
C GLU A 291 -9.19 -10.69 -17.36
N LEU A 292 -8.32 -10.99 -16.39
CA LEU A 292 -7.65 -9.93 -15.62
C LEU A 292 -6.80 -9.01 -16.52
N ARG A 293 -6.17 -9.61 -17.51
CA ARG A 293 -5.35 -8.86 -18.46
C ARG A 293 -6.24 -7.92 -19.26
N LEU A 294 -7.42 -8.41 -19.64
CA LEU A 294 -8.36 -7.59 -20.39
C LEU A 294 -8.72 -6.38 -19.53
N LYS A 295 -8.92 -6.63 -18.23
CA LYS A 295 -9.29 -5.55 -17.30
C LYS A 295 -8.16 -4.53 -17.23
N GLN A 296 -6.92 -5.00 -17.21
CA GLN A 296 -5.80 -4.07 -17.14
C GLN A 296 -5.79 -3.16 -18.36
N GLU A 297 -5.95 -3.77 -19.54
CA GLU A 297 -5.94 -3.04 -20.80
C GLU A 297 -7.02 -1.98 -20.86
N TYR A 298 -8.25 -2.32 -20.48
CA TYR A 298 -9.33 -1.33 -20.48
C TYR A 298 -9.05 -0.30 -19.39
N PHE A 299 -8.65 -0.77 -18.22
CA PHE A 299 -8.33 0.10 -17.09
C PHE A 299 -7.45 1.27 -17.50
N VAL A 300 -6.26 0.97 -18.04
CA VAL A 300 -5.32 2.01 -18.41
C VAL A 300 -5.85 2.87 -19.54
N VAL A 301 -6.59 2.27 -20.47
CA VAL A 301 -7.17 3.00 -21.58
C VAL A 301 -8.28 3.98 -21.13
N ALA A 302 -9.19 3.50 -20.29
CA ALA A 302 -10.29 4.35 -19.84
C ALA A 302 -9.80 5.52 -18.99
N ALA A 303 -8.92 5.25 -18.04
CA ALA A 303 -8.36 6.30 -17.17
C ALA A 303 -7.60 7.33 -18.01
N THR A 304 -6.73 6.82 -18.89
CA THR A 304 -5.93 7.69 -19.74
C THR A 304 -6.73 8.64 -20.66
N LEU A 305 -7.71 8.10 -21.38
CA LEU A 305 -8.53 8.90 -22.29
C LEU A 305 -9.35 9.96 -21.56
N GLN A 306 -9.92 9.60 -20.42
CA GLN A 306 -10.70 10.54 -19.62
C GLN A 306 -9.79 11.69 -19.17
N ASP A 307 -8.60 11.33 -18.72
CA ASP A 307 -7.63 12.32 -18.26
C ASP A 307 -7.20 13.26 -19.38
N ILE A 308 -7.04 12.71 -20.58
CA ILE A 308 -6.63 13.52 -21.74
C ILE A 308 -7.76 14.45 -22.17
N ILE A 309 -8.98 13.92 -22.19
CA ILE A 309 -10.17 14.72 -22.54
C ILE A 309 -10.34 15.89 -21.57
N ARG A 310 -10.22 15.59 -20.29
CA ARG A 310 -10.35 16.61 -19.26
C ARG A 310 -9.31 17.69 -19.43
N ARG A 311 -8.07 17.29 -19.70
CA ARG A 311 -6.98 18.25 -19.89
C ARG A 311 -7.24 19.09 -21.14
N PHE A 312 -7.84 18.47 -22.15
CA PHE A 312 -8.14 19.16 -23.40
C PHE A 312 -9.17 20.26 -23.14
N LYS A 313 -10.22 19.92 -22.41
CA LYS A 313 -11.27 20.86 -22.11
C LYS A 313 -10.86 21.97 -21.14
N ALA A 314 -9.70 21.86 -20.54
CA ALA A 314 -9.24 22.89 -19.62
C ALA A 314 -8.11 23.71 -20.25
N SER A 315 -7.68 23.30 -21.44
CA SER A 315 -6.59 23.97 -22.14
C SER A 315 -6.85 25.40 -22.60
N LYS A 316 -8.10 25.83 -22.53
CA LYS A 316 -8.47 27.18 -22.96
C LYS A 316 -8.43 27.23 -24.48
N PHE A 317 -8.11 26.06 -25.05
CA PHE A 317 -8.05 25.86 -26.49
C PHE A 317 -9.02 26.80 -27.20
N VAL A 326 -15.24 22.52 -28.37
CA VAL A 326 -15.45 21.88 -29.66
C VAL A 326 -14.29 20.93 -29.89
N PHE A 327 -14.59 19.65 -30.08
CA PHE A 327 -13.51 18.69 -30.28
C PHE A 327 -12.95 18.74 -31.70
N ASP A 328 -13.32 19.77 -32.44
CA ASP A 328 -12.85 19.93 -33.81
C ASP A 328 -11.34 19.96 -33.91
N ALA A 329 -10.69 20.60 -32.93
CA ALA A 329 -9.24 20.70 -32.91
C ALA A 329 -8.60 19.70 -31.97
N PHE A 330 -9.37 18.70 -31.56
CA PHE A 330 -8.84 17.69 -30.66
C PHE A 330 -7.54 17.09 -31.20
N PRO A 331 -7.57 16.51 -32.42
CA PRO A 331 -6.36 15.91 -33.01
C PRO A 331 -5.24 16.89 -33.42
N ASP A 332 -5.52 18.18 -33.32
CA ASP A 332 -4.51 19.15 -33.64
C ASP A 332 -3.81 19.46 -32.33
N GLN A 333 -4.42 18.98 -31.25
CA GLN A 333 -3.90 19.17 -29.90
C GLN A 333 -3.48 17.86 -29.24
N VAL A 334 -4.00 16.76 -29.76
CA VAL A 334 -3.72 15.45 -29.19
C VAL A 334 -3.27 14.38 -30.16
N ALA A 335 -2.22 13.65 -29.78
CA ALA A 335 -1.71 12.54 -30.56
C ALA A 335 -1.54 11.40 -29.57
N ILE A 336 -2.09 10.25 -29.89
CA ILE A 336 -1.98 9.10 -28.99
C ILE A 336 -1.42 7.92 -29.72
N GLN A 337 -0.24 7.50 -29.29
CA GLN A 337 0.46 6.39 -29.89
C GLN A 337 0.11 5.09 -29.17
N LEU A 338 -0.36 4.12 -29.93
CA LEU A 338 -0.71 2.82 -29.39
C LEU A 338 0.54 1.94 -29.44
N ASN A 339 1.14 1.65 -28.28
CA ASN A 339 2.35 0.82 -28.22
C ASN A 339 1.90 -0.62 -28.28
N ASP A 340 1.98 -1.20 -29.48
CA ASP A 340 1.50 -2.55 -29.75
C ASP A 340 -0.03 -2.51 -29.60
N THR A 341 -0.71 -3.65 -29.73
CA THR A 341 -2.17 -3.66 -29.66
C THR A 341 -2.73 -3.66 -28.23
N HIS A 342 -1.86 -3.80 -27.26
CA HIS A 342 -2.26 -3.87 -25.86
C HIS A 342 -3.32 -2.84 -25.43
N PRO A 343 -3.22 -1.59 -25.91
CA PRO A 343 -4.21 -0.55 -25.54
C PRO A 343 -5.16 -0.28 -26.70
N ALA A 344 -5.38 -1.30 -27.52
CA ALA A 344 -6.24 -1.21 -28.68
C ALA A 344 -7.63 -0.70 -28.30
N LEU A 345 -8.10 -1.09 -27.12
CA LEU A 345 -9.42 -0.67 -26.65
C LEU A 345 -9.59 0.85 -26.61
N ALA A 346 -8.49 1.57 -26.73
CA ALA A 346 -8.54 3.01 -26.69
C ALA A 346 -9.38 3.62 -27.83
N ILE A 347 -9.43 2.90 -28.95
CA ILE A 347 -10.16 3.35 -30.13
C ILE A 347 -11.66 3.32 -29.87
N PRO A 348 -12.22 2.16 -29.47
CA PRO A 348 -13.68 2.22 -29.25
C PRO A 348 -14.02 2.99 -27.96
N GLU A 349 -13.04 3.22 -27.10
CA GLU A 349 -13.31 3.96 -25.86
C GLU A 349 -13.46 5.43 -26.19
N LEU A 350 -12.58 5.94 -27.06
CA LEU A 350 -12.63 7.32 -27.49
C LEU A 350 -13.94 7.57 -28.22
N MET A 351 -14.33 6.62 -29.06
CA MET A 351 -15.59 6.72 -29.80
C MET A 351 -16.75 6.71 -28.78
N ARG A 352 -16.68 5.81 -27.82
CA ARG A 352 -17.73 5.71 -26.79
C ARG A 352 -17.90 7.07 -26.13
N ILE A 353 -16.77 7.68 -25.75
CA ILE A 353 -16.81 8.99 -25.13
C ILE A 353 -17.37 10.08 -26.04
N PHE A 354 -16.89 10.09 -27.28
CA PHE A 354 -17.35 11.08 -28.26
C PHE A 354 -18.83 10.94 -28.57
N VAL A 355 -19.29 9.72 -28.77
CA VAL A 355 -20.68 9.47 -29.11
C VAL A 355 -21.66 9.43 -27.94
N ASP A 356 -21.44 8.51 -27.01
CA ASP A 356 -22.33 8.33 -25.87
C ASP A 356 -22.28 9.46 -24.86
N ILE A 357 -21.11 10.01 -24.64
CA ILE A 357 -20.99 11.07 -23.67
C ILE A 357 -21.04 12.46 -24.26
N GLU A 358 -20.15 12.74 -25.21
CA GLU A 358 -20.11 14.07 -25.82
C GLU A 358 -21.18 14.34 -26.88
N LYS A 359 -21.92 13.30 -27.24
CA LYS A 359 -23.01 13.39 -28.23
C LYS A 359 -22.61 13.76 -29.66
N LEU A 360 -21.37 13.48 -30.05
CA LEU A 360 -20.96 13.81 -31.41
C LEU A 360 -21.53 12.76 -32.35
N PRO A 361 -21.81 13.13 -33.62
CA PRO A 361 -22.36 12.14 -34.53
C PRO A 361 -21.25 11.14 -34.89
N TRP A 362 -21.62 9.89 -35.13
CA TRP A 362 -20.65 8.85 -35.45
C TRP A 362 -19.56 9.23 -36.46
N SER A 363 -19.99 9.72 -37.62
CA SER A 363 -19.06 10.10 -38.67
C SER A 363 -17.95 11.06 -38.23
N LYS A 364 -18.33 12.11 -37.50
CA LYS A 364 -17.39 13.11 -37.01
C LYS A 364 -16.42 12.53 -35.97
N ALA A 365 -16.98 11.74 -35.05
CA ALA A 365 -16.22 11.10 -33.99
C ALA A 365 -15.19 10.16 -34.60
N TRP A 366 -15.62 9.36 -35.57
CA TRP A 366 -14.75 8.40 -36.23
C TRP A 366 -13.58 9.09 -36.91
N GLU A 367 -13.85 10.24 -37.53
CA GLU A 367 -12.81 11.00 -38.20
C GLU A 367 -11.76 11.52 -37.19
N LEU A 368 -12.22 12.11 -36.11
CA LEU A 368 -11.33 12.64 -35.08
C LEU A 368 -10.52 11.51 -34.46
N THR A 369 -11.16 10.37 -34.25
CA THR A 369 -10.51 9.20 -33.68
C THR A 369 -9.29 8.81 -34.54
N GLN A 370 -9.51 8.58 -35.83
CA GLN A 370 -8.40 8.20 -36.72
C GLN A 370 -7.29 9.25 -36.75
N LYS A 371 -7.65 10.52 -36.71
CA LYS A 371 -6.64 11.58 -36.72
C LYS A 371 -5.89 11.61 -35.38
N THR A 372 -6.49 11.05 -34.33
CA THR A 372 -5.86 11.04 -33.03
C THR A 372 -4.87 9.90 -32.84
N PHE A 373 -5.28 8.69 -33.21
CA PHE A 373 -4.45 7.51 -33.02
C PHE A 373 -3.46 7.09 -34.11
N ALA A 374 -2.36 6.50 -33.66
CA ALA A 374 -1.31 5.96 -34.51
C ALA A 374 -0.93 4.66 -33.80
N TYR A 375 -0.69 3.61 -34.56
CA TYR A 375 -0.39 2.31 -34.02
C TYR A 375 0.99 1.77 -34.39
N THR A 376 1.73 1.23 -33.40
CA THR A 376 3.04 0.66 -33.66
C THR A 376 3.00 -0.87 -33.51
N ASN A 377 3.43 -1.55 -34.56
CA ASN A 377 3.46 -3.01 -34.59
C ASN A 377 4.84 -3.49 -34.19
N HIS A 378 4.90 -4.37 -33.20
CA HIS A 378 6.16 -4.88 -32.66
C HIS A 378 6.52 -6.32 -32.93
N THR A 379 5.69 -7.06 -33.66
CA THR A 379 6.02 -8.47 -33.89
C THR A 379 5.13 -9.18 -34.92
N VAL A 380 5.70 -10.20 -35.58
CA VAL A 380 4.96 -10.99 -36.56
C VAL A 380 4.86 -12.43 -36.06
N LEU A 381 5.30 -12.68 -34.83
CA LEU A 381 5.22 -14.02 -34.24
C LEU A 381 3.77 -14.27 -33.87
N PRO A 382 3.22 -15.42 -34.30
CA PRO A 382 1.83 -15.84 -34.07
C PRO A 382 1.35 -15.91 -32.62
N GLU A 383 2.21 -16.33 -31.70
CA GLU A 383 1.81 -16.45 -30.30
C GLU A 383 1.69 -15.14 -29.55
N ALA A 384 2.13 -14.05 -30.17
CA ALA A 384 2.07 -12.75 -29.53
C ALA A 384 0.79 -12.03 -29.91
N LEU A 385 0.13 -12.50 -30.96
CA LEU A 385 -1.08 -11.86 -31.46
C LEU A 385 -2.31 -11.87 -30.54
N GLU A 386 -2.86 -10.68 -30.29
CA GLU A 386 -4.03 -10.55 -29.42
C GLU A 386 -5.33 -10.76 -30.19
N ARG A 387 -6.05 -11.79 -29.78
CA ARG A 387 -7.32 -12.13 -30.37
C ARG A 387 -8.22 -12.46 -29.19
N TRP A 388 -9.01 -11.49 -28.76
CA TRP A 388 -9.89 -11.66 -27.61
C TRP A 388 -11.26 -12.21 -27.99
N PRO A 389 -11.67 -13.31 -27.34
CA PRO A 389 -12.97 -13.90 -27.64
C PRO A 389 -14.16 -12.97 -27.36
N VAL A 390 -14.92 -12.68 -28.42
CA VAL A 390 -16.08 -11.82 -28.33
C VAL A 390 -16.95 -12.13 -27.11
N ASP A 391 -16.95 -13.38 -26.66
CA ASP A 391 -17.74 -13.76 -25.50
C ASP A 391 -17.24 -13.01 -24.26
N LEU A 392 -15.95 -13.12 -24.01
CA LEU A 392 -15.32 -12.46 -22.87
C LEU A 392 -15.52 -10.94 -22.94
N VAL A 393 -15.32 -10.36 -24.12
CA VAL A 393 -15.49 -8.93 -24.27
C VAL A 393 -16.95 -8.54 -24.04
N GLU A 394 -17.88 -9.36 -24.52
CA GLU A 394 -19.31 -9.08 -24.35
C GLU A 394 -19.73 -8.89 -22.90
N LYS A 395 -19.24 -9.76 -22.02
CA LYS A 395 -19.54 -9.68 -20.61
C LYS A 395 -18.87 -8.50 -19.90
N LEU A 396 -17.58 -8.30 -20.17
CA LEU A 396 -16.84 -7.23 -19.51
C LEU A 396 -17.08 -5.85 -20.06
N LEU A 397 -17.06 -5.73 -21.38
CA LEU A 397 -17.21 -4.46 -22.07
C LEU A 397 -18.30 -4.49 -23.15
N PRO A 398 -19.55 -4.80 -22.77
CA PRO A 398 -20.66 -4.88 -23.73
C PRO A 398 -20.82 -3.68 -24.66
N ARG A 399 -20.60 -2.48 -24.16
CA ARG A 399 -20.76 -1.30 -25.02
C ARG A 399 -19.62 -1.18 -26.03
N HIS A 400 -18.42 -1.60 -25.63
CA HIS A 400 -17.28 -1.56 -26.54
C HIS A 400 -17.41 -2.64 -27.63
N LEU A 401 -18.04 -3.76 -27.31
CA LEU A 401 -18.25 -4.80 -28.31
C LEU A 401 -19.20 -4.29 -29.39
N GLU A 402 -20.20 -3.51 -29.00
CA GLU A 402 -21.14 -2.96 -29.97
C GLU A 402 -20.40 -1.96 -30.85
N ILE A 403 -19.55 -1.16 -30.24
CA ILE A 403 -18.80 -0.16 -30.99
C ILE A 403 -17.82 -0.76 -32.01
N ILE A 404 -17.20 -1.88 -31.64
CA ILE A 404 -16.25 -2.58 -32.49
C ILE A 404 -17.00 -3.21 -33.68
N TYR A 405 -18.20 -3.69 -33.41
CA TYR A 405 -19.03 -4.29 -34.44
C TYR A 405 -19.39 -3.20 -35.46
N GLU A 406 -19.83 -2.06 -34.95
CA GLU A 406 -20.21 -0.98 -35.84
C GLU A 406 -19.04 -0.57 -36.72
N ILE A 407 -17.87 -0.44 -36.09
CA ILE A 407 -16.67 -0.08 -36.84
C ILE A 407 -16.40 -1.10 -37.93
N ASN A 408 -16.56 -2.38 -37.59
CA ASN A 408 -16.34 -3.45 -38.54
C ASN A 408 -17.35 -3.41 -39.71
N GLN A 409 -18.60 -3.09 -39.42
CA GLN A 409 -19.59 -3.04 -40.49
C GLN A 409 -19.25 -1.92 -41.48
N LYS A 410 -19.03 -0.73 -40.95
CA LYS A 410 -18.67 0.43 -41.77
C LYS A 410 -17.41 0.10 -42.58
N HIS A 411 -16.52 -0.66 -41.96
CA HIS A 411 -15.26 -1.08 -42.57
C HIS A 411 -15.50 -2.06 -43.73
N LEU A 412 -16.23 -3.13 -43.44
CA LEU A 412 -16.52 -4.13 -44.45
C LEU A 412 -17.40 -3.56 -45.56
N ASP A 413 -18.31 -2.66 -45.23
CA ASP A 413 -19.19 -2.05 -46.23
C ASP A 413 -18.32 -1.35 -47.28
N ARG A 414 -17.29 -0.67 -46.82
CA ARG A 414 -16.39 0.04 -47.73
C ARG A 414 -15.69 -0.95 -48.67
N ILE A 415 -15.20 -2.05 -48.09
CA ILE A 415 -14.51 -3.08 -48.86
C ILE A 415 -15.44 -3.79 -49.83
N VAL A 416 -16.68 -4.08 -49.40
CA VAL A 416 -17.64 -4.76 -50.27
C VAL A 416 -17.96 -3.89 -51.47
N ALA A 417 -18.00 -2.58 -51.25
CA ALA A 417 -18.30 -1.60 -52.28
C ALA A 417 -17.22 -1.51 -53.37
N LEU A 418 -15.95 -1.67 -52.96
CA LEU A 418 -14.85 -1.58 -53.92
C LEU A 418 -14.45 -2.91 -54.54
N PHE A 419 -14.63 -4.00 -53.79
CA PHE A 419 -14.27 -5.32 -54.31
C PHE A 419 -15.40 -6.31 -54.10
N PRO A 420 -16.52 -6.12 -54.81
CA PRO A 420 -17.72 -6.96 -54.75
C PRO A 420 -17.50 -8.48 -54.88
N LYS A 421 -16.93 -8.91 -55.99
CA LYS A 421 -16.71 -10.34 -56.21
C LYS A 421 -15.79 -10.98 -55.17
N ASP A 422 -14.87 -10.20 -54.61
CA ASP A 422 -13.92 -10.71 -53.63
C ASP A 422 -14.52 -10.91 -52.24
N VAL A 423 -15.06 -12.12 -52.02
CA VAL A 423 -15.69 -12.47 -50.75
C VAL A 423 -14.66 -12.73 -49.66
N ASP A 424 -13.67 -13.56 -49.96
CA ASP A 424 -12.65 -13.91 -48.99
C ASP A 424 -11.86 -12.71 -48.46
N ARG A 425 -11.85 -11.62 -49.23
CA ARG A 425 -11.14 -10.41 -48.82
C ARG A 425 -11.81 -9.82 -47.58
N LEU A 426 -13.14 -9.91 -47.53
CA LEU A 426 -13.90 -9.40 -46.39
C LEU A 426 -13.60 -10.25 -45.17
N ARG A 427 -13.45 -11.55 -45.39
CA ARG A 427 -13.13 -12.47 -44.31
C ARG A 427 -11.76 -12.16 -43.72
N ARG A 428 -10.82 -11.83 -44.61
CA ARG A 428 -9.45 -11.53 -44.19
C ARG A 428 -9.24 -10.15 -43.57
N MET A 429 -10.10 -9.20 -43.91
CA MET A 429 -9.98 -7.83 -43.41
C MET A 429 -10.88 -7.45 -42.23
N SER A 430 -11.73 -8.38 -41.82
CA SER A 430 -12.66 -8.16 -40.72
C SER A 430 -11.99 -8.08 -39.36
N LEU A 431 -12.55 -7.30 -38.45
CA LEU A 431 -12.00 -7.21 -37.11
C LEU A 431 -12.41 -8.47 -36.37
N ILE A 432 -13.36 -9.21 -36.95
CA ILE A 432 -13.86 -10.43 -36.32
C ILE A 432 -13.41 -11.71 -37.01
N GLU A 433 -12.95 -12.66 -36.19
CA GLU A 433 -12.51 -13.97 -36.68
C GLU A 433 -13.47 -15.02 -36.18
N GLU A 434 -14.10 -15.77 -37.09
CA GLU A 434 -15.05 -16.81 -36.70
C GLU A 434 -14.47 -18.23 -36.83
N GLU A 435 -13.20 -18.38 -36.45
CA GLU A 435 -12.48 -19.65 -36.51
C GLU A 435 -12.65 -20.41 -35.19
N GLY A 436 -13.59 -21.34 -35.15
CA GLY A 436 -13.86 -22.07 -33.92
C GLY A 436 -14.76 -21.15 -33.12
N SER A 437 -14.15 -20.35 -32.25
CA SER A 437 -14.88 -19.38 -31.44
C SER A 437 -14.64 -18.01 -32.08
N LYS A 438 -15.62 -17.12 -31.99
CA LYS A 438 -15.48 -15.80 -32.56
C LYS A 438 -14.63 -14.94 -31.63
N ARG A 439 -13.70 -14.20 -32.22
CA ARG A 439 -12.81 -13.34 -31.44
C ARG A 439 -12.44 -12.12 -32.24
N ILE A 440 -11.95 -11.10 -31.53
CA ILE A 440 -11.57 -9.84 -32.15
C ILE A 440 -10.09 -9.81 -32.47
N ASN A 441 -9.77 -9.44 -33.71
CA ASN A 441 -8.38 -9.34 -34.11
C ASN A 441 -7.96 -7.93 -33.74
N MET A 442 -7.36 -7.76 -32.56
CA MET A 442 -6.98 -6.43 -32.11
C MET A 442 -6.11 -5.64 -33.08
N ALA A 443 -5.21 -6.32 -33.79
CA ALA A 443 -4.34 -5.63 -34.75
C ALA A 443 -5.16 -4.93 -35.84
N HIS A 444 -6.22 -5.58 -36.31
CA HIS A 444 -7.06 -4.98 -37.36
C HIS A 444 -7.81 -3.78 -36.82
N LEU A 445 -8.20 -3.82 -35.55
CA LEU A 445 -8.89 -2.69 -34.95
C LEU A 445 -7.93 -1.49 -34.91
N CYS A 446 -6.66 -1.76 -34.58
CA CYS A 446 -5.66 -0.70 -34.52
C CYS A 446 -5.39 -0.07 -35.88
N ILE A 447 -5.36 -0.90 -36.92
CA ILE A 447 -5.14 -0.38 -38.26
C ILE A 447 -6.28 0.55 -38.70
N VAL A 448 -7.54 0.11 -38.59
CA VAL A 448 -8.64 0.97 -39.03
C VAL A 448 -8.90 2.19 -38.16
N GLY A 449 -8.50 2.15 -36.90
CA GLY A 449 -8.73 3.29 -36.04
C GLY A 449 -7.60 4.28 -36.02
N SER A 450 -6.50 3.97 -36.71
CA SER A 450 -5.32 4.84 -36.74
C SER A 450 -5.06 5.43 -38.12
N HIS A 451 -4.36 6.57 -38.16
CA HIS A 451 -4.06 7.23 -39.42
C HIS A 451 -2.66 6.82 -39.90
N ALA A 452 -1.92 6.19 -38.99
CA ALA A 452 -0.57 5.73 -39.26
C ALA A 452 -0.29 4.45 -38.49
N VAL A 453 0.39 3.53 -39.14
CA VAL A 453 0.77 2.24 -38.58
C VAL A 453 2.25 2.06 -38.88
N ASN A 454 3.07 1.73 -37.88
CA ASN A 454 4.49 1.55 -38.17
C ASN A 454 5.14 0.29 -37.60
N GLY A 455 6.19 -0.15 -38.29
CA GLY A 455 6.96 -1.29 -37.87
C GLY A 455 8.17 -0.69 -37.16
N VAL A 456 9.03 -1.52 -36.58
CA VAL A 456 10.16 -0.99 -35.83
C VAL A 456 11.55 -1.17 -36.44
N ALA A 457 11.58 -1.63 -37.68
CA ALA A 457 12.84 -1.83 -38.40
C ALA A 457 12.49 -2.03 -39.88
N LYS A 458 13.33 -1.55 -40.80
CA LYS A 458 13.04 -1.69 -42.23
C LYS A 458 12.47 -3.03 -42.65
N ILE A 459 13.21 -4.11 -42.38
CA ILE A 459 12.80 -5.45 -42.73
C ILE A 459 11.46 -5.87 -42.13
N HIS A 460 11.17 -5.39 -40.92
CA HIS A 460 9.94 -5.73 -40.22
C HIS A 460 8.75 -4.91 -40.74
N SER A 461 8.97 -3.62 -40.92
CA SER A 461 7.93 -2.76 -41.43
C SER A 461 7.52 -3.20 -42.84
N ASP A 462 8.49 -3.67 -43.61
CA ASP A 462 8.22 -4.14 -44.98
C ASP A 462 7.28 -5.34 -44.93
N ILE A 463 7.59 -6.29 -44.04
CA ILE A 463 6.79 -7.50 -43.87
C ILE A 463 5.39 -7.18 -43.38
N VAL A 464 5.31 -6.20 -42.47
CA VAL A 464 4.03 -5.80 -41.91
C VAL A 464 3.17 -5.18 -43.01
N LYS A 465 3.75 -4.24 -43.74
CA LYS A 465 3.05 -3.56 -44.82
C LYS A 465 2.62 -4.42 -46.01
N THR A 466 3.59 -5.10 -46.62
CA THR A 466 3.32 -5.91 -47.83
C THR A 466 2.92 -7.37 -47.68
N LYS A 467 3.27 -8.00 -46.57
CA LYS A 467 2.90 -9.40 -46.39
C LYS A 467 1.73 -9.59 -45.44
N VAL A 468 1.95 -9.28 -44.16
CA VAL A 468 0.92 -9.45 -43.15
C VAL A 468 -0.37 -8.65 -43.36
N PHE A 469 -0.26 -7.37 -43.67
CA PHE A 469 -1.45 -6.52 -43.87
C PHE A 469 -1.58 -5.99 -45.29
N LYS A 470 -1.15 -6.81 -46.25
CA LYS A 470 -1.22 -6.46 -47.66
C LYS A 470 -2.61 -5.91 -48.03
N ASP A 471 -3.66 -6.58 -47.56
CA ASP A 471 -5.02 -6.16 -47.84
C ASP A 471 -5.30 -4.73 -47.40
N PHE A 472 -4.68 -4.30 -46.31
CA PHE A 472 -4.89 -2.95 -45.82
C PHE A 472 -3.97 -1.94 -46.48
N SER A 473 -2.68 -2.27 -46.55
CA SER A 473 -1.72 -1.36 -47.16
C SER A 473 -2.06 -1.05 -48.61
N GLU A 474 -2.66 -2.01 -49.31
CA GLU A 474 -3.02 -1.78 -50.70
C GLU A 474 -4.04 -0.66 -50.81
N LEU A 475 -5.02 -0.66 -49.91
CA LEU A 475 -6.04 0.36 -49.89
C LEU A 475 -5.47 1.70 -49.45
N GLU A 476 -4.68 1.70 -48.37
CA GLU A 476 -4.09 2.93 -47.87
C GLU A 476 -2.58 2.82 -47.77
N PRO A 477 -1.88 2.86 -48.91
CA PRO A 477 -0.41 2.76 -48.97
C PRO A 477 0.32 3.79 -48.11
N ASP A 478 -0.23 5.00 -48.02
CA ASP A 478 0.41 6.06 -47.23
C ASP A 478 0.30 5.86 -45.71
N LYS A 479 -0.59 4.98 -45.28
CA LYS A 479 -0.78 4.71 -43.86
C LYS A 479 0.41 4.01 -43.21
N PHE A 480 0.94 2.97 -43.85
CA PHE A 480 2.05 2.24 -43.30
C PHE A 480 3.38 2.93 -43.44
N GLN A 481 4.17 2.90 -42.37
CA GLN A 481 5.50 3.51 -42.31
C GLN A 481 6.48 2.59 -41.55
N ASN A 482 7.71 3.07 -41.43
CA ASN A 482 8.75 2.39 -40.66
C ASN A 482 9.33 3.47 -39.76
N LYS A 483 9.80 3.05 -38.60
CA LYS A 483 10.42 3.95 -37.64
C LYS A 483 11.39 3.02 -36.93
N THR A 484 12.62 2.93 -37.44
CA THR A 484 13.60 2.04 -36.84
C THR A 484 13.84 2.43 -35.37
N ASN A 485 13.85 1.40 -34.52
CA ASN A 485 14.03 1.59 -33.09
C ASN A 485 15.35 2.27 -32.75
N GLY A 486 15.46 2.69 -31.49
CA GLY A 486 16.65 3.37 -31.02
C GLY A 486 16.78 3.19 -29.51
N ILE A 487 17.90 3.68 -28.98
CA ILE A 487 18.18 3.57 -27.56
C ILE A 487 18.70 4.94 -27.14
N THR A 488 18.53 5.33 -25.89
CA THR A 488 19.02 6.64 -25.48
C THR A 488 20.52 6.62 -25.11
N PRO A 489 21.30 7.54 -25.70
CA PRO A 489 22.74 7.66 -25.46
C PRO A 489 23.04 8.03 -24.02
N ARG A 490 22.03 8.47 -23.29
CA ARG A 490 22.29 8.87 -21.91
C ARG A 490 22.46 7.62 -21.07
N ARG A 491 21.35 6.95 -20.76
CA ARG A 491 21.46 5.73 -20.00
C ARG A 491 22.40 4.68 -20.62
N TRP A 492 22.36 4.54 -21.95
CA TRP A 492 23.16 3.51 -22.59
C TRP A 492 24.58 3.84 -23.07
N LEU A 493 25.15 4.93 -22.58
CA LEU A 493 26.52 5.28 -22.92
C LEU A 493 27.07 6.10 -21.76
N LEU A 494 26.56 7.32 -21.62
CA LEU A 494 26.97 8.23 -20.56
C LEU A 494 26.84 7.65 -19.17
N LEU A 495 25.70 7.03 -18.88
CA LEU A 495 25.50 6.48 -17.56
C LEU A 495 26.22 5.18 -17.34
N CYS A 496 25.92 4.19 -18.19
CA CYS A 496 26.48 2.86 -18.07
C CYS A 496 27.97 2.71 -18.39
N ASN A 497 28.50 3.57 -19.24
CA ASN A 497 29.91 3.47 -19.61
C ASN A 497 30.58 4.83 -19.55
N PRO A 498 30.79 5.36 -18.32
CA PRO A 498 31.44 6.67 -18.19
C PRO A 498 32.83 6.72 -18.87
N GLY A 499 33.59 5.65 -18.75
CA GLY A 499 34.89 5.56 -19.35
C GLY A 499 34.87 5.80 -20.85
N LEU A 500 33.96 5.12 -21.55
CA LEU A 500 33.86 5.30 -23.00
C LEU A 500 33.38 6.70 -23.37
N ALA A 501 32.33 7.19 -22.72
CA ALA A 501 31.82 8.52 -23.04
C ALA A 501 32.88 9.59 -22.90
N GLU A 502 33.71 9.46 -21.87
CA GLU A 502 34.80 10.41 -21.61
C GLU A 502 35.82 10.37 -22.75
N LEU A 503 36.26 9.17 -23.11
CA LEU A 503 37.25 8.97 -24.17
C LEU A 503 36.74 9.62 -25.45
N ILE A 504 35.49 9.35 -25.80
CA ILE A 504 34.89 9.94 -27.00
C ILE A 504 34.84 11.47 -26.89
N ALA A 505 34.35 11.98 -25.77
CA ALA A 505 34.27 13.43 -25.59
C ALA A 505 35.65 14.08 -25.66
N GLU A 506 36.66 13.39 -25.15
CA GLU A 506 38.03 13.89 -25.16
C GLU A 506 38.49 14.09 -26.60
N LYS A 507 38.06 13.20 -27.48
CA LYS A 507 38.47 13.28 -28.88
C LYS A 507 37.57 14.08 -29.83
N ILE A 508 36.26 14.05 -29.62
CA ILE A 508 35.39 14.77 -30.54
C ILE A 508 34.38 15.74 -29.92
N GLY A 509 34.54 16.04 -28.64
CA GLY A 509 33.61 16.95 -28.01
C GLY A 509 32.39 16.24 -27.46
N GLU A 510 31.52 17.00 -26.79
CA GLU A 510 30.34 16.44 -26.15
C GLU A 510 29.05 16.59 -26.94
N ASP A 511 29.12 17.24 -28.09
CA ASP A 511 27.94 17.41 -28.92
C ASP A 511 27.26 16.09 -29.31
N TYR A 512 28.02 15.00 -29.31
CA TYR A 512 27.45 13.71 -29.70
C TYR A 512 26.33 13.22 -28.76
N VAL A 513 26.34 13.67 -27.53
CA VAL A 513 25.31 13.25 -26.58
C VAL A 513 23.89 13.56 -27.09
N LYS A 514 23.71 14.78 -27.60
CA LYS A 514 22.42 15.23 -28.12
C LYS A 514 22.24 14.95 -29.63
N ASP A 515 23.34 14.63 -30.30
CA ASP A 515 23.31 14.29 -31.72
C ASP A 515 24.35 13.19 -31.96
N LEU A 516 23.93 11.95 -31.72
CA LEU A 516 24.82 10.80 -31.84
C LEU A 516 25.44 10.60 -33.22
N SER A 517 24.84 11.18 -34.25
CA SER A 517 25.39 11.06 -35.61
C SER A 517 26.81 11.64 -35.59
N GLN A 518 27.10 12.45 -34.56
CA GLN A 518 28.42 13.04 -34.35
C GLN A 518 29.52 12.00 -34.20
N LEU A 519 29.15 10.78 -33.80
CA LEU A 519 30.13 9.72 -33.61
C LEU A 519 30.96 9.39 -34.86
N THR A 520 30.48 9.75 -36.05
CA THR A 520 31.24 9.48 -37.27
C THR A 520 32.58 10.21 -37.28
N LYS A 521 32.72 11.22 -36.43
CA LYS A 521 33.98 11.96 -36.34
C LYS A 521 35.05 11.02 -35.81
N LEU A 522 34.63 9.94 -35.15
CA LEU A 522 35.58 8.98 -34.60
C LEU A 522 36.38 8.28 -35.70
N HIS A 523 35.98 8.47 -36.95
CA HIS A 523 36.69 7.85 -38.06
C HIS A 523 38.12 8.35 -38.22
N SER A 524 38.31 9.63 -37.99
CA SER A 524 39.63 10.26 -38.10
C SER A 524 40.71 9.55 -37.30
N PHE A 525 40.30 8.77 -36.30
CA PHE A 525 41.27 8.09 -35.46
C PHE A 525 41.48 6.61 -35.84
N LEU A 526 40.96 6.21 -36.99
CA LEU A 526 41.06 4.83 -37.44
C LEU A 526 42.49 4.26 -37.49
N GLY A 527 43.46 5.09 -37.83
CA GLY A 527 44.84 4.62 -37.88
C GLY A 527 45.62 5.05 -36.64
N ASP A 528 44.93 5.69 -35.69
CA ASP A 528 45.55 6.18 -34.45
C ASP A 528 45.70 5.04 -33.42
N ASP A 529 46.91 4.48 -33.34
CA ASP A 529 47.21 3.38 -32.45
C ASP A 529 47.01 3.72 -30.98
N VAL A 530 47.40 4.92 -30.58
CA VAL A 530 47.24 5.33 -29.18
C VAL A 530 45.77 5.41 -28.80
N PHE A 531 44.94 5.90 -29.71
CA PHE A 531 43.51 5.98 -29.46
C PHE A 531 42.91 4.57 -29.37
N LEU A 532 43.32 3.69 -30.28
CA LEU A 532 42.83 2.31 -30.31
C LEU A 532 43.20 1.56 -29.04
N ARG A 533 44.36 1.87 -28.48
CA ARG A 533 44.79 1.21 -27.25
C ARG A 533 44.05 1.84 -26.06
N GLU A 534 43.63 3.09 -26.20
CA GLU A 534 42.88 3.80 -25.16
C GLU A 534 41.47 3.21 -25.19
N LEU A 535 40.98 2.93 -26.39
CA LEU A 535 39.66 2.33 -26.55
C LEU A 535 39.70 0.95 -25.91
N ALA A 536 40.74 0.18 -26.20
CA ALA A 536 40.87 -1.15 -25.65
C ALA A 536 41.04 -1.14 -24.14
N LYS A 537 41.62 -0.07 -23.59
CA LYS A 537 41.80 0.00 -22.14
C LYS A 537 40.46 0.25 -21.43
N VAL A 538 39.59 1.05 -22.04
CA VAL A 538 38.28 1.34 -21.44
C VAL A 538 37.52 0.02 -21.33
N LYS A 539 37.48 -0.73 -22.42
CA LYS A 539 36.82 -2.03 -22.45
C LYS A 539 37.46 -2.98 -21.44
N GLN A 540 38.77 -2.87 -21.28
CA GLN A 540 39.51 -3.70 -20.35
C GLN A 540 39.08 -3.41 -18.90
N GLU A 541 38.95 -2.13 -18.57
CA GLU A 541 38.51 -1.76 -17.23
C GLU A 541 37.05 -2.16 -16.99
N ASN A 542 36.21 -2.12 -18.03
CA ASN A 542 34.82 -2.52 -17.85
C ASN A 542 34.78 -4.00 -17.47
N LYS A 543 35.59 -4.78 -18.18
CA LYS A 543 35.69 -6.21 -17.96
C LYS A 543 36.17 -6.52 -16.55
N LEU A 544 37.19 -5.82 -16.09
CA LEU A 544 37.72 -6.04 -14.75
C LEU A 544 36.64 -5.71 -13.72
N LYS A 545 36.01 -4.54 -13.86
CA LYS A 545 34.97 -4.16 -12.92
C LYS A 545 33.89 -5.25 -12.91
N PHE A 546 33.41 -5.65 -14.08
CA PHE A 546 32.38 -6.69 -14.13
C PHE A 546 32.87 -8.07 -13.66
N SER A 547 34.18 -8.33 -13.82
CA SER A 547 34.73 -9.61 -13.38
C SER A 547 34.60 -9.68 -11.86
N GLN A 548 34.86 -8.56 -11.22
CA GLN A 548 34.75 -8.49 -9.77
C GLN A 548 33.32 -8.90 -9.43
N PHE A 549 32.37 -8.43 -10.23
CA PHE A 549 30.96 -8.75 -10.03
C PHE A 549 30.69 -10.25 -10.11
N LEU A 550 31.12 -10.86 -11.20
CA LEU A 550 30.91 -12.29 -11.45
C LEU A 550 31.57 -13.25 -10.45
N GLU A 551 32.70 -12.85 -9.88
CA GLU A 551 33.39 -13.72 -8.94
C GLU A 551 32.77 -13.66 -7.55
N THR A 552 32.25 -12.50 -7.14
CA THR A 552 31.62 -12.42 -5.82
C THR A 552 30.21 -12.99 -5.93
N GLU A 553 29.56 -12.74 -7.06
CA GLU A 553 28.21 -13.23 -7.29
C GLU A 553 28.18 -14.72 -7.60
N TYR A 554 29.19 -15.20 -8.32
CA TYR A 554 29.24 -16.62 -8.67
C TYR A 554 30.53 -17.30 -8.26
N LYS A 555 30.48 -18.60 -8.11
CA LYS A 555 31.65 -19.40 -7.72
C LYS A 555 32.83 -19.08 -8.61
N VAL A 556 32.81 -19.70 -9.79
CA VAL A 556 33.81 -19.56 -10.84
C VAL A 556 34.83 -18.42 -10.78
N LYS A 557 36.01 -18.70 -11.32
CA LYS A 557 37.11 -17.75 -11.41
C LYS A 557 37.12 -17.32 -12.88
N ILE A 558 37.17 -16.02 -13.13
CA ILE A 558 37.14 -15.52 -14.50
C ILE A 558 38.49 -15.08 -15.07
N ASN A 559 38.72 -15.38 -16.35
CA ASN A 559 39.94 -14.98 -17.04
C ASN A 559 39.62 -13.58 -17.57
N PRO A 560 40.07 -12.55 -16.86
CA PRO A 560 39.83 -11.15 -17.24
C PRO A 560 40.31 -10.78 -18.64
N SER A 561 41.21 -11.58 -19.20
CA SER A 561 41.74 -11.32 -20.53
C SER A 561 41.05 -12.20 -21.59
N SER A 562 40.12 -13.04 -21.16
CA SER A 562 39.40 -13.87 -22.10
C SER A 562 38.46 -12.95 -22.87
N MET A 563 37.88 -13.48 -23.94
CA MET A 563 36.93 -12.72 -24.75
C MET A 563 35.57 -12.89 -24.08
N PHE A 564 34.88 -11.80 -23.78
CA PHE A 564 33.55 -11.89 -23.15
C PHE A 564 32.48 -12.05 -24.23
N ASP A 565 31.99 -13.27 -24.36
CA ASP A 565 30.97 -13.66 -25.33
C ASP A 565 29.61 -13.57 -24.63
N VAL A 566 28.81 -12.58 -24.99
CA VAL A 566 27.52 -12.42 -24.29
C VAL A 566 26.18 -12.44 -25.06
N GLN A 567 25.23 -13.14 -24.47
CA GLN A 567 23.89 -13.22 -25.01
C GLN A 567 22.91 -13.00 -23.86
N VAL A 568 22.42 -11.76 -23.76
CA VAL A 568 21.47 -11.41 -22.71
C VAL A 568 20.24 -10.79 -23.34
N LYS A 569 19.10 -11.45 -23.11
CA LYS A 569 17.79 -11.06 -23.63
C LYS A 569 16.85 -12.11 -23.05
N ARG A 570 15.54 -11.94 -23.24
CA ARG A 570 14.59 -12.92 -22.72
C ARG A 570 14.81 -14.29 -23.39
N ILE A 571 14.68 -15.37 -22.62
CA ILE A 571 14.85 -16.72 -23.15
C ILE A 571 13.68 -17.00 -24.10
N HIS A 572 14.01 -17.33 -25.35
CA HIS A 572 13.03 -17.60 -26.41
C HIS A 572 13.61 -18.64 -27.40
N GLU A 573 12.78 -19.52 -27.93
CA GLU A 573 13.29 -20.48 -28.89
C GLU A 573 13.72 -19.68 -30.13
N TYR A 574 12.97 -18.62 -30.45
CA TYR A 574 13.27 -17.79 -31.62
C TYR A 574 14.53 -16.94 -31.49
N LYS A 575 14.93 -16.63 -30.27
CA LYS A 575 16.15 -15.83 -30.05
C LYS A 575 17.35 -16.78 -30.02
N ARG A 576 17.05 -18.07 -29.85
CA ARG A 576 18.04 -19.15 -29.86
C ARG A 576 19.27 -19.15 -28.97
N GLN A 577 19.11 -19.01 -27.65
CA GLN A 577 20.31 -19.14 -26.84
C GLN A 577 20.67 -20.63 -26.88
N LEU A 578 19.74 -21.44 -27.40
CA LEU A 578 19.94 -22.88 -27.54
C LEU A 578 21.03 -23.11 -28.58
N LEU A 579 20.94 -22.40 -29.69
CA LEU A 579 21.95 -22.52 -30.75
C LEU A 579 23.28 -22.14 -30.14
N ASN A 580 23.26 -21.11 -29.28
CA ASN A 580 24.46 -20.66 -28.61
C ASN A 580 24.99 -21.80 -27.74
N CYS A 581 24.08 -22.46 -27.04
CA CYS A 581 24.44 -23.56 -26.15
C CYS A 581 25.05 -24.72 -26.94
N LEU A 582 24.63 -24.89 -28.17
CA LEU A 582 25.18 -25.96 -29.01
C LEU A 582 26.65 -25.63 -29.30
N HIS A 583 26.95 -24.35 -29.48
CA HIS A 583 28.31 -23.90 -29.76
C HIS A 583 29.23 -24.02 -28.57
N VAL A 584 28.71 -23.73 -27.38
CA VAL A 584 29.52 -23.82 -26.17
C VAL A 584 29.99 -25.24 -25.98
N ILE A 585 29.09 -26.19 -26.21
CA ILE A 585 29.38 -27.61 -26.07
C ILE A 585 30.40 -28.00 -27.11
N THR A 586 30.27 -27.44 -28.30
CA THR A 586 31.19 -27.71 -29.39
C THR A 586 32.59 -27.28 -28.94
N MET A 587 32.74 -26.04 -28.48
CA MET A 587 34.04 -25.57 -28.02
C MET A 587 34.59 -26.48 -26.91
N TYR A 588 33.69 -26.93 -26.04
CA TYR A 588 34.05 -27.82 -24.94
C TYR A 588 34.72 -29.09 -25.46
N ASN A 589 33.98 -29.88 -26.25
CA ASN A 589 34.51 -31.11 -26.80
C ASN A 589 35.86 -30.85 -27.47
N ARG A 590 35.94 -29.82 -28.30
CA ARG A 590 37.18 -29.50 -29.00
C ARG A 590 38.40 -29.39 -28.08
N ILE A 591 38.19 -28.80 -26.90
CA ILE A 591 39.29 -28.66 -25.96
C ILE A 591 39.64 -30.02 -25.38
N LYS A 592 38.61 -30.80 -25.09
CA LYS A 592 38.79 -32.13 -24.54
C LYS A 592 39.52 -33.00 -25.54
N LYS A 593 39.29 -32.70 -26.81
CA LYS A 593 39.90 -33.43 -27.91
C LYS A 593 41.38 -33.08 -27.92
N ASP A 594 41.71 -31.85 -28.30
CA ASP A 594 43.10 -31.42 -28.33
C ASP A 594 43.34 -30.36 -27.26
N PRO A 595 43.67 -30.80 -26.03
CA PRO A 595 43.95 -29.98 -24.85
C PRO A 595 44.92 -28.81 -25.05
N LYS A 596 46.09 -29.11 -25.59
CA LYS A 596 47.12 -28.10 -25.79
C LYS A 596 46.96 -27.22 -27.04
N LYS A 597 45.84 -27.36 -27.75
CA LYS A 597 45.61 -26.57 -28.94
C LYS A 597 45.49 -25.08 -28.60
N LEU A 598 46.04 -24.21 -29.45
CA LEU A 598 45.99 -22.77 -29.23
C LEU A 598 44.55 -22.28 -29.35
N PHE A 599 43.94 -22.02 -28.20
CA PHE A 599 42.54 -21.58 -28.13
C PHE A 599 42.39 -20.23 -27.46
N VAL A 600 41.83 -19.27 -28.18
CA VAL A 600 41.58 -17.96 -27.63
C VAL A 600 40.60 -18.22 -26.49
N PRO A 601 40.96 -17.84 -25.27
CA PRO A 601 40.07 -18.06 -24.12
C PRO A 601 38.78 -17.23 -24.17
N ARG A 602 37.71 -17.80 -23.65
CA ARG A 602 36.41 -17.11 -23.62
C ARG A 602 35.68 -17.25 -22.30
N THR A 603 34.92 -16.22 -21.96
CA THR A 603 34.06 -16.26 -20.79
C THR A 603 32.73 -16.10 -21.47
N VAL A 604 31.95 -17.18 -21.56
CA VAL A 604 30.65 -17.10 -22.23
C VAL A 604 29.54 -16.80 -21.25
N ILE A 605 28.78 -15.75 -21.53
CA ILE A 605 27.69 -15.36 -20.64
C ILE A 605 26.36 -15.34 -21.34
N ILE A 606 25.39 -16.04 -20.77
CA ILE A 606 24.04 -16.10 -21.31
C ILE A 606 23.09 -15.78 -20.14
N GLY A 607 22.26 -14.76 -20.32
CA GLY A 607 21.35 -14.40 -19.25
C GLY A 607 20.01 -13.92 -19.76
N GLY A 608 18.97 -14.18 -19.00
CA GLY A 608 17.63 -13.76 -19.39
C GLY A 608 16.57 -14.48 -18.60
N LYS A 609 15.38 -13.91 -18.55
CA LYS A 609 14.27 -14.54 -17.84
C LYS A 609 13.32 -15.27 -18.81
N ALA A 610 12.75 -16.38 -18.38
CA ALA A 610 11.81 -17.09 -19.22
C ALA A 610 10.42 -16.80 -18.67
N ALA A 611 9.40 -16.70 -19.51
CA ALA A 611 8.06 -16.46 -18.96
C ALA A 611 7.78 -17.69 -18.10
N PRO A 612 7.00 -17.55 -17.03
CA PRO A 612 6.69 -18.68 -16.14
C PRO A 612 6.08 -19.92 -16.81
N GLY A 613 5.19 -19.72 -17.75
CA GLY A 613 4.58 -20.87 -18.40
C GLY A 613 5.34 -21.44 -19.58
N TYR A 614 6.40 -20.76 -20.02
CA TYR A 614 7.19 -21.22 -21.17
C TYR A 614 8.09 -22.41 -20.83
N HIS A 615 7.56 -23.62 -20.93
CA HIS A 615 8.31 -24.83 -20.63
C HIS A 615 9.62 -25.03 -21.40
N MET A 616 9.63 -24.75 -22.69
CA MET A 616 10.86 -24.97 -23.46
C MET A 616 11.97 -23.98 -23.05
N ALA A 617 11.56 -22.75 -22.74
CA ALA A 617 12.49 -21.72 -22.32
C ALA A 617 13.11 -22.16 -20.99
N LYS A 618 12.28 -22.69 -20.11
CA LYS A 618 12.78 -23.17 -18.82
C LYS A 618 13.71 -24.38 -19.00
N MET A 619 13.39 -25.26 -19.94
CA MET A 619 14.24 -26.41 -20.21
C MET A 619 15.60 -25.93 -20.74
N ILE A 620 15.56 -24.95 -21.63
CA ILE A 620 16.80 -24.40 -22.19
C ILE A 620 17.68 -23.77 -21.11
N ILE A 621 17.07 -23.13 -20.11
CA ILE A 621 17.85 -22.54 -19.03
C ILE A 621 18.57 -23.66 -18.29
N LYS A 622 17.82 -24.68 -17.90
CA LYS A 622 18.39 -25.83 -17.18
C LYS A 622 19.53 -26.48 -18.01
N LEU A 623 19.32 -26.58 -19.32
CA LEU A 623 20.30 -27.14 -20.21
C LEU A 623 21.57 -26.31 -20.13
N ILE A 624 21.43 -24.98 -20.09
CA ILE A 624 22.58 -24.11 -20.02
C ILE A 624 23.31 -24.17 -18.69
N THR A 625 22.58 -24.23 -17.58
CA THR A 625 23.28 -24.28 -16.28
C THR A 625 23.99 -25.63 -16.11
N SER A 626 23.41 -26.67 -16.70
CA SER A 626 23.98 -28.02 -16.67
C SER A 626 25.33 -28.01 -17.41
N VAL A 627 25.32 -27.49 -18.63
CA VAL A 627 26.52 -27.42 -19.45
C VAL A 627 27.61 -26.65 -18.73
N ALA A 628 27.26 -25.48 -18.21
CA ALA A 628 28.21 -24.66 -17.49
C ALA A 628 28.86 -25.45 -16.36
N ASP A 629 28.05 -26.15 -15.57
CA ASP A 629 28.55 -26.95 -14.47
C ASP A 629 29.64 -27.92 -14.90
N VAL A 630 29.43 -28.53 -16.07
CA VAL A 630 30.41 -29.48 -16.59
C VAL A 630 31.65 -28.76 -17.08
N VAL A 631 31.45 -27.73 -17.89
CA VAL A 631 32.58 -26.97 -18.43
C VAL A 631 33.44 -26.30 -17.37
N ASN A 632 32.80 -25.55 -16.47
CA ASN A 632 33.52 -24.82 -15.43
C ASN A 632 34.28 -25.69 -14.45
N ASN A 633 33.88 -26.94 -14.31
CA ASN A 633 34.54 -27.83 -13.37
C ASN A 633 35.35 -28.94 -14.01
N ASP A 634 35.67 -28.76 -15.29
CA ASP A 634 36.48 -29.75 -15.99
C ASP A 634 37.92 -29.26 -16.00
N PRO A 635 38.82 -29.98 -15.32
CA PRO A 635 40.25 -29.69 -15.20
C PRO A 635 41.03 -29.55 -16.50
N MET A 636 40.61 -30.24 -17.56
CA MET A 636 41.33 -30.13 -18.82
C MET A 636 41.05 -28.80 -19.52
N VAL A 637 39.89 -28.19 -19.28
CA VAL A 637 39.58 -26.91 -19.90
C VAL A 637 40.03 -25.77 -18.99
N GLY A 638 39.77 -25.90 -17.69
CA GLY A 638 40.17 -24.88 -16.74
C GLY A 638 39.87 -23.45 -17.16
N SER A 639 40.87 -22.59 -17.08
CA SER A 639 40.70 -21.18 -17.41
C SER A 639 40.52 -20.90 -18.90
N LYS A 640 40.43 -21.95 -19.72
CA LYS A 640 40.24 -21.79 -21.16
C LYS A 640 38.82 -21.33 -21.50
N LEU A 641 37.83 -21.97 -20.90
CA LEU A 641 36.43 -21.67 -21.16
C LEU A 641 35.59 -21.71 -19.90
N LYS A 642 34.88 -20.61 -19.64
CA LYS A 642 33.99 -20.51 -18.49
C LYS A 642 32.60 -20.08 -18.97
N VAL A 643 31.58 -20.72 -18.44
CA VAL A 643 30.21 -20.42 -18.82
C VAL A 643 29.44 -19.90 -17.61
N ILE A 644 28.70 -18.80 -17.82
CA ILE A 644 27.92 -18.19 -16.74
C ILE A 644 26.48 -17.94 -17.16
N PHE A 645 25.55 -18.30 -16.30
CA PHE A 645 24.16 -17.98 -16.59
C PHE A 645 23.88 -16.80 -15.66
N LEU A 646 23.90 -15.61 -16.25
CA LEU A 646 23.70 -14.37 -15.53
C LEU A 646 22.26 -14.28 -15.10
N GLU A 647 21.99 -14.55 -13.83
CA GLU A 647 20.63 -14.51 -13.32
C GLU A 647 20.06 -13.13 -13.05
N ASN A 648 18.74 -13.08 -13.12
CA ASN A 648 17.98 -11.86 -12.91
C ASN A 648 18.42 -10.77 -13.87
N TYR A 649 18.43 -11.08 -15.17
CA TYR A 649 18.83 -10.09 -16.14
C TYR A 649 17.73 -9.04 -16.11
N ARG A 650 18.15 -7.78 -16.00
CA ARG A 650 17.25 -6.64 -15.88
C ARG A 650 18.00 -5.37 -16.30
N VAL A 651 17.29 -4.24 -16.38
CA VAL A 651 17.90 -3.00 -16.83
C VAL A 651 19.16 -2.56 -16.10
N SER A 652 19.12 -2.55 -14.77
CA SER A 652 20.31 -2.11 -14.04
C SER A 652 21.47 -3.09 -14.27
N LEU A 653 21.17 -4.36 -14.50
CA LEU A 653 22.23 -5.35 -14.73
C LEU A 653 22.75 -5.31 -16.18
N ALA A 654 21.90 -4.82 -17.09
CA ALA A 654 22.28 -4.69 -18.48
C ALA A 654 23.35 -3.60 -18.54
N GLU A 655 23.16 -2.56 -17.75
CA GLU A 655 24.10 -1.43 -17.69
C GLU A 655 25.49 -1.87 -17.23
N LYS A 656 25.59 -3.02 -16.57
CA LYS A 656 26.90 -3.52 -16.12
C LYS A 656 27.59 -4.42 -17.15
N VAL A 657 26.89 -5.46 -17.59
CA VAL A 657 27.46 -6.44 -18.50
C VAL A 657 27.69 -5.92 -19.93
N ILE A 658 26.78 -5.11 -20.42
CA ILE A 658 26.91 -4.60 -21.77
C ILE A 658 28.23 -3.87 -22.03
N PRO A 659 28.65 -2.98 -21.13
CA PRO A 659 29.91 -2.24 -21.35
C PRO A 659 31.16 -3.11 -21.25
N ALA A 660 31.00 -4.27 -20.62
CA ALA A 660 32.09 -5.22 -20.44
C ALA A 660 32.15 -6.26 -21.55
N THR A 661 31.25 -6.17 -22.52
CA THR A 661 31.19 -7.17 -23.58
C THR A 661 32.07 -6.97 -24.82
N ASP A 662 32.68 -8.05 -25.29
CA ASP A 662 33.50 -8.03 -26.50
C ASP A 662 32.68 -8.52 -27.69
N LEU A 663 31.92 -9.59 -27.47
CA LEU A 663 31.11 -10.17 -28.54
C LEU A 663 29.64 -10.28 -28.14
N SER A 664 28.79 -9.61 -28.92
CA SER A 664 27.35 -9.54 -28.72
C SER A 664 26.55 -10.52 -29.60
N GLU A 665 25.89 -11.48 -28.96
CA GLU A 665 25.10 -12.50 -29.66
C GLU A 665 23.70 -12.04 -30.05
N GLN A 666 23.47 -11.84 -31.35
CA GLN A 666 22.17 -11.42 -31.85
C GLN A 666 21.83 -12.45 -32.92
N ILE A 667 21.49 -13.66 -32.47
CA ILE A 667 21.29 -14.77 -33.38
C ILE A 667 19.91 -15.37 -33.64
N SER A 668 18.87 -14.57 -33.52
CA SER A 668 17.50 -15.02 -33.77
C SER A 668 17.37 -15.49 -35.22
N THR A 669 16.39 -16.35 -35.49
CA THR A 669 16.16 -16.82 -36.85
C THR A 669 15.75 -15.63 -37.70
N ALA A 670 16.26 -15.52 -38.92
CA ALA A 670 15.90 -14.39 -39.77
C ALA A 670 14.37 -14.27 -39.90
N GLY A 671 13.85 -13.07 -39.67
CA GLY A 671 12.43 -12.83 -39.79
C GLY A 671 11.66 -12.86 -38.48
N THR A 672 12.32 -13.29 -37.41
CA THR A 672 11.68 -13.40 -36.10
C THR A 672 11.81 -12.19 -35.17
N GLU A 673 13.00 -11.59 -35.11
CA GLU A 673 13.24 -10.42 -34.27
C GLU A 673 12.82 -9.15 -35.03
N ALA A 674 11.64 -8.62 -34.72
CA ALA A 674 11.14 -7.42 -35.41
C ALA A 674 12.19 -6.32 -35.51
N SER A 675 12.95 -6.12 -34.44
CA SER A 675 13.98 -5.08 -34.47
C SER A 675 15.15 -5.40 -33.57
N GLY A 676 14.91 -5.34 -32.27
CA GLY A 676 15.97 -5.59 -31.30
C GLY A 676 16.50 -4.22 -30.92
N THR A 677 17.01 -4.11 -29.70
CA THR A 677 17.56 -2.86 -29.21
C THR A 677 18.79 -3.21 -28.41
N GLY A 678 18.85 -4.46 -27.94
CA GLY A 678 20.03 -4.89 -27.20
C GLY A 678 21.19 -4.86 -28.19
N ASN A 679 20.91 -5.25 -29.43
CA ASN A 679 21.96 -5.22 -30.47
C ASN A 679 22.60 -3.84 -30.56
N MET A 680 21.77 -2.80 -30.46
CA MET A 680 22.25 -1.43 -30.53
C MET A 680 23.07 -1.03 -29.31
N LYS A 681 22.63 -1.42 -28.11
CA LYS A 681 23.37 -1.07 -26.91
C LYS A 681 24.80 -1.61 -26.99
N PHE A 682 24.94 -2.87 -27.42
CA PHE A 682 26.26 -3.49 -27.52
C PHE A 682 27.15 -2.79 -28.54
N MET A 683 26.55 -2.38 -29.66
CA MET A 683 27.27 -1.69 -30.72
C MET A 683 27.79 -0.34 -30.24
N LEU A 684 26.96 0.38 -29.49
CA LEU A 684 27.33 1.68 -28.99
C LEU A 684 28.41 1.57 -27.92
N ASN A 685 28.48 0.43 -27.25
CA ASN A 685 29.45 0.24 -26.17
C ASN A 685 30.75 -0.52 -26.47
N GLY A 686 31.07 -0.68 -27.74
CA GLY A 686 32.31 -1.32 -28.10
C GLY A 686 32.42 -2.82 -28.18
N ALA A 687 31.33 -3.47 -28.58
CA ALA A 687 31.34 -4.91 -28.72
C ALA A 687 31.13 -5.23 -30.20
N LEU A 688 31.68 -6.34 -30.66
CA LEU A 688 31.47 -6.72 -32.06
C LEU A 688 30.25 -7.65 -32.05
N THR A 689 29.47 -7.62 -33.11
CA THR A 689 28.25 -8.40 -33.20
C THR A 689 28.32 -9.65 -34.09
N ILE A 690 27.84 -10.77 -33.55
CA ILE A 690 27.76 -11.98 -34.34
C ILE A 690 26.26 -12.19 -34.40
N GLY A 691 25.71 -12.20 -35.61
CA GLY A 691 24.29 -12.39 -35.75
C GLY A 691 23.77 -12.62 -37.16
N THR A 692 22.45 -12.75 -37.24
CA THR A 692 21.81 -12.98 -38.51
C THR A 692 21.36 -11.66 -39.09
N MET A 693 20.90 -11.72 -40.34
CA MET A 693 20.38 -10.56 -41.04
C MET A 693 18.91 -10.47 -40.63
N ASP A 694 18.66 -9.99 -39.41
CA ASP A 694 17.29 -9.90 -38.89
C ASP A 694 17.06 -8.56 -38.21
N GLY A 695 15.80 -8.26 -37.90
CA GLY A 695 15.46 -7.02 -37.26
C GLY A 695 16.36 -5.87 -37.67
N ALA A 696 16.78 -5.09 -36.69
CA ALA A 696 17.68 -3.95 -36.94
C ALA A 696 19.12 -4.38 -37.26
N ASN A 697 19.46 -5.65 -37.04
CA ASN A 697 20.80 -6.14 -37.34
C ASN A 697 21.20 -5.72 -38.75
N VAL A 698 20.25 -5.86 -39.68
CA VAL A 698 20.47 -5.51 -41.08
C VAL A 698 20.92 -4.07 -41.25
N GLU A 699 20.27 -3.16 -40.53
CA GLU A 699 20.61 -1.75 -40.64
C GLU A 699 21.94 -1.44 -39.97
N MET A 700 22.34 -2.29 -39.03
CA MET A 700 23.61 -2.07 -38.34
C MET A 700 24.73 -2.35 -39.34
N ALA A 701 24.55 -3.39 -40.15
CA ALA A 701 25.53 -3.74 -41.18
C ALA A 701 25.53 -2.64 -42.24
N GLU A 702 24.34 -2.13 -42.58
CA GLU A 702 24.24 -1.06 -43.56
C GLU A 702 25.09 0.13 -43.13
N GLU A 703 24.89 0.56 -41.88
CA GLU A 703 25.60 1.71 -41.32
C GLU A 703 27.11 1.48 -41.09
N ALA A 704 27.46 0.29 -40.64
CA ALA A 704 28.85 0.04 -40.32
C ALA A 704 29.63 -0.71 -41.39
N GLY A 705 28.90 -1.27 -42.36
CA GLY A 705 29.53 -2.04 -43.41
C GLY A 705 29.46 -3.47 -42.96
N GLU A 706 28.74 -4.28 -43.73
CA GLU A 706 28.53 -5.68 -43.44
C GLU A 706 29.81 -6.39 -43.01
N GLU A 707 30.93 -5.96 -43.59
CA GLU A 707 32.21 -6.56 -43.29
C GLU A 707 32.65 -6.35 -41.86
N ASN A 708 32.06 -5.36 -41.20
CA ASN A 708 32.44 -5.04 -39.83
C ASN A 708 31.52 -5.62 -38.78
N LEU A 709 30.85 -6.69 -39.15
CA LEU A 709 29.97 -7.43 -38.26
C LEU A 709 30.10 -8.88 -38.71
N PHE A 710 29.89 -9.82 -37.80
CA PHE A 710 29.96 -11.24 -38.14
C PHE A 710 28.59 -11.80 -38.43
N ILE A 711 28.09 -11.50 -39.64
CA ILE A 711 26.79 -11.95 -40.12
C ILE A 711 26.94 -13.40 -40.57
N PHE A 712 25.86 -14.16 -40.49
CA PHE A 712 25.92 -15.57 -40.88
C PHE A 712 24.51 -16.16 -40.98
N GLY A 713 24.46 -17.44 -41.37
CA GLY A 713 23.19 -18.15 -41.44
C GLY A 713 22.21 -17.71 -42.50
N MET A 714 21.05 -18.37 -42.51
CA MET A 714 20.00 -18.09 -43.47
C MET A 714 19.48 -16.67 -43.37
N ARG A 715 18.97 -16.17 -44.50
CA ARG A 715 18.40 -14.84 -44.55
C ARG A 715 16.92 -15.03 -44.76
N ILE A 716 16.15 -13.96 -44.68
CA ILE A 716 14.70 -14.04 -44.85
C ILE A 716 14.28 -14.99 -45.97
N ASP A 717 14.89 -14.83 -47.15
CA ASP A 717 14.57 -15.67 -48.30
C ASP A 717 14.96 -17.13 -48.12
N ASP A 718 16.11 -17.37 -47.49
CA ASP A 718 16.61 -18.71 -47.25
C ASP A 718 15.71 -19.53 -46.31
N VAL A 719 15.09 -18.87 -45.34
CA VAL A 719 14.21 -19.56 -44.41
C VAL A 719 12.90 -19.90 -45.13
N ALA A 720 12.51 -19.03 -46.06
CA ALA A 720 11.30 -19.24 -46.84
C ALA A 720 11.49 -20.47 -47.72
N ALA A 721 12.56 -20.46 -48.52
CA ALA A 721 12.88 -21.56 -49.43
C ALA A 721 12.90 -22.88 -48.67
N LEU A 722 13.53 -22.87 -47.50
CA LEU A 722 13.61 -24.07 -46.69
C LEU A 722 12.21 -24.49 -46.22
N ASP A 723 11.35 -23.52 -45.93
CA ASP A 723 10.01 -23.84 -45.47
C ASP A 723 9.22 -24.54 -46.56
N LYS A 724 9.23 -23.96 -47.76
CA LYS A 724 8.50 -24.54 -48.87
C LYS A 724 9.02 -25.95 -49.09
N LYS A 725 10.33 -26.06 -49.24
CA LYS A 725 11.00 -27.34 -49.47
C LYS A 725 10.85 -28.33 -48.32
N GLY A 726 10.59 -27.83 -47.12
CA GLY A 726 10.44 -28.70 -45.97
C GLY A 726 11.75 -28.87 -45.21
N TYR A 727 11.69 -28.68 -43.91
CA TYR A 727 12.87 -28.78 -43.06
C TYR A 727 12.90 -30.10 -42.29
N GLU A 728 14.05 -30.78 -42.33
CA GLU A 728 14.21 -32.05 -41.61
C GLU A 728 15.53 -32.02 -40.85
N ALA A 729 15.47 -31.51 -39.62
CA ALA A 729 16.64 -31.39 -38.76
C ALA A 729 17.55 -32.63 -38.73
N LYS A 730 16.94 -33.80 -38.84
CA LYS A 730 17.66 -35.08 -38.82
C LYS A 730 18.83 -35.13 -39.80
N GLU A 731 18.68 -34.46 -40.94
CA GLU A 731 19.73 -34.47 -41.95
C GLU A 731 21.03 -33.76 -41.57
N TYR A 732 20.92 -32.65 -40.83
CA TYR A 732 22.10 -31.89 -40.42
C TYR A 732 22.84 -32.64 -39.32
N TYR A 733 22.07 -33.30 -38.45
CA TYR A 733 22.62 -34.09 -37.36
C TYR A 733 23.43 -35.22 -37.99
N GLU A 734 22.95 -35.65 -39.16
CA GLU A 734 23.58 -36.71 -39.94
C GLU A 734 24.90 -36.19 -40.50
N ALA A 735 24.83 -35.11 -41.27
CA ALA A 735 25.98 -34.50 -41.92
C ALA A 735 27.05 -33.90 -41.02
N LEU A 736 26.62 -33.24 -39.94
CA LEU A 736 27.55 -32.57 -39.04
C LEU A 736 28.08 -33.39 -37.86
N PRO A 737 29.32 -33.88 -37.97
CA PRO A 737 29.95 -34.69 -36.91
C PRO A 737 30.09 -33.99 -35.56
N GLU A 738 30.40 -32.70 -35.58
CA GLU A 738 30.52 -31.94 -34.33
C GLU A 738 29.14 -31.79 -33.70
N LEU A 739 28.12 -31.59 -34.54
CA LEU A 739 26.75 -31.45 -34.08
C LEU A 739 26.23 -32.75 -33.50
N LYS A 740 26.41 -33.85 -34.24
CA LYS A 740 25.96 -35.17 -33.78
C LYS A 740 26.49 -35.47 -32.39
N LEU A 741 27.75 -35.12 -32.15
CA LEU A 741 28.35 -35.35 -30.85
C LEU A 741 27.66 -34.52 -29.77
N VAL A 742 27.46 -33.23 -30.06
CA VAL A 742 26.80 -32.34 -29.11
C VAL A 742 25.44 -32.94 -28.75
N ILE A 743 24.67 -33.26 -29.77
CA ILE A 743 23.35 -33.82 -29.58
C ILE A 743 23.34 -35.13 -28.81
N ASP A 744 24.25 -36.05 -29.16
CA ASP A 744 24.28 -37.33 -28.45
C ASP A 744 24.61 -37.16 -26.97
N GLN A 745 25.48 -36.18 -26.67
CA GLN A 745 25.86 -35.92 -25.29
C GLN A 745 24.66 -35.39 -24.50
N ILE A 746 23.88 -34.50 -25.12
CA ILE A 746 22.71 -33.93 -24.47
C ILE A 746 21.68 -35.02 -24.20
N ASP A 747 21.30 -35.72 -25.25
CA ASP A 747 20.29 -36.78 -25.17
C ASP A 747 20.70 -38.02 -24.37
N ASN A 748 21.99 -38.22 -24.14
CA ASN A 748 22.46 -39.41 -23.39
C ASN A 748 22.75 -39.20 -21.92
N GLY A 749 22.65 -37.96 -21.46
CA GLY A 749 22.89 -37.69 -20.05
C GLY A 749 24.30 -37.24 -19.69
N PHE A 750 25.11 -36.92 -20.70
CA PHE A 750 26.46 -36.48 -20.41
C PHE A 750 26.40 -35.20 -19.57
N PHE A 751 25.31 -34.44 -19.76
CA PHE A 751 25.10 -33.19 -19.04
C PHE A 751 23.96 -33.29 -18.03
N SER A 752 23.58 -34.52 -17.68
CA SER A 752 22.54 -34.79 -16.69
C SER A 752 22.60 -36.28 -16.30
N PRO A 753 23.78 -36.74 -15.85
CA PRO A 753 23.95 -38.14 -15.47
C PRO A 753 22.86 -38.73 -14.60
N LYS A 754 22.44 -37.98 -13.58
CA LYS A 754 21.40 -38.45 -12.66
C LYS A 754 20.01 -38.43 -13.29
N GLN A 755 19.89 -37.82 -14.46
CA GLN A 755 18.62 -37.74 -15.18
C GLN A 755 18.90 -37.83 -16.67
N PRO A 756 19.41 -38.98 -17.13
CA PRO A 756 19.77 -39.31 -18.51
C PRO A 756 18.84 -38.83 -19.63
N ASP A 757 17.55 -38.72 -19.35
CA ASP A 757 16.61 -38.29 -20.37
C ASP A 757 15.96 -36.94 -20.06
N LEU A 758 16.56 -36.22 -19.12
CA LEU A 758 16.08 -34.92 -18.67
C LEU A 758 15.81 -33.95 -19.82
N PHE A 759 16.67 -33.96 -20.83
CA PHE A 759 16.52 -33.06 -21.97
C PHE A 759 15.83 -33.69 -23.18
N LYS A 760 15.07 -34.75 -22.93
CA LYS A 760 14.37 -35.46 -23.99
C LYS A 760 13.46 -34.51 -24.75
N ASP A 761 12.80 -33.62 -24.03
CA ASP A 761 11.90 -32.66 -24.64
C ASP A 761 12.61 -31.72 -25.60
N ILE A 762 13.85 -31.34 -25.26
CA ILE A 762 14.63 -30.45 -26.11
C ILE A 762 15.02 -31.17 -27.39
N ILE A 763 15.40 -32.43 -27.26
CA ILE A 763 15.79 -33.27 -28.39
C ILE A 763 14.67 -33.47 -29.40
N ASN A 764 13.48 -33.72 -28.89
CA ASN A 764 12.31 -33.93 -29.74
C ASN A 764 11.95 -32.68 -30.55
N MET A 765 11.89 -31.53 -29.88
CA MET A 765 11.54 -30.31 -30.56
C MET A 765 12.53 -29.99 -31.68
N LEU A 766 13.82 -30.14 -31.38
CA LEU A 766 14.88 -29.87 -32.36
C LEU A 766 14.82 -30.79 -33.59
N PHE A 767 14.42 -32.04 -33.38
CA PHE A 767 14.32 -33.00 -34.48
C PHE A 767 13.00 -32.98 -35.20
N TYR A 768 11.90 -32.81 -34.47
CA TYR A 768 10.59 -32.84 -35.10
C TYR A 768 9.69 -31.61 -35.03
N HIS A 769 10.08 -30.57 -34.30
CA HIS A 769 9.23 -29.38 -34.18
C HIS A 769 10.00 -28.08 -34.03
N ASP A 770 11.17 -27.96 -34.65
CA ASP A 770 11.95 -26.73 -34.53
C ASP A 770 11.56 -25.68 -35.54
N ARG A 771 10.56 -24.88 -35.19
CA ARG A 771 10.09 -23.83 -36.07
C ARG A 771 11.18 -22.78 -36.32
N PHE A 772 12.24 -22.79 -35.51
CA PHE A 772 13.29 -21.79 -35.65
C PHE A 772 14.61 -22.28 -36.21
N LYS A 773 14.57 -23.48 -36.74
CA LYS A 773 15.68 -24.14 -37.43
C LYS A 773 17.08 -24.04 -36.84
N VAL A 774 17.24 -24.47 -35.59
CA VAL A 774 18.55 -24.42 -34.93
C VAL A 774 19.65 -25.17 -35.70
N PHE A 775 19.37 -26.43 -36.06
CA PHE A 775 20.35 -27.25 -36.78
C PHE A 775 20.74 -26.64 -38.14
N ALA A 776 19.80 -25.95 -38.79
CA ALA A 776 20.06 -25.36 -40.09
C ALA A 776 21.09 -24.21 -40.12
N ASP A 777 21.26 -23.50 -39.01
CA ASP A 777 22.23 -22.40 -38.97
C ASP A 777 23.46 -22.78 -38.13
N TYR A 778 23.42 -23.97 -37.53
CA TYR A 778 24.54 -24.46 -36.71
C TYR A 778 25.92 -24.43 -37.39
N GLU A 779 26.00 -24.94 -38.62
CA GLU A 779 27.28 -24.96 -39.31
C GLU A 779 27.79 -23.56 -39.63
N ALA A 780 26.96 -22.75 -40.27
CA ALA A 780 27.36 -21.38 -40.60
C ALA A 780 27.73 -20.62 -39.30
N TYR A 781 27.00 -20.89 -38.24
CA TYR A 781 27.25 -20.23 -36.95
C TYR A 781 28.63 -20.55 -36.39
N VAL A 782 28.93 -21.84 -36.25
CA VAL A 782 30.22 -22.29 -35.73
C VAL A 782 31.36 -21.76 -36.60
N LYS A 783 31.16 -21.74 -37.91
CA LYS A 783 32.19 -21.24 -38.83
C LYS A 783 32.40 -19.75 -38.57
N CYS A 784 31.29 -19.04 -38.39
CA CYS A 784 31.35 -17.62 -38.14
C CYS A 784 32.10 -17.36 -36.83
N GLN A 785 31.77 -18.15 -35.81
CA GLN A 785 32.40 -18.04 -34.50
C GLN A 785 33.91 -18.25 -34.57
N ASP A 786 34.34 -19.19 -35.41
CA ASP A 786 35.77 -19.45 -35.55
C ASP A 786 36.50 -18.21 -36.05
N LYS A 787 35.91 -17.52 -37.01
CA LYS A 787 36.49 -16.31 -37.55
C LYS A 787 36.59 -15.20 -36.50
N VAL A 788 35.58 -15.12 -35.62
CA VAL A 788 35.58 -14.11 -34.56
C VAL A 788 36.85 -14.26 -33.72
N SER A 789 37.11 -15.48 -33.26
CA SER A 789 38.29 -15.73 -32.43
C SER A 789 39.58 -15.41 -33.18
N GLN A 790 39.59 -15.66 -34.47
CA GLN A 790 40.77 -15.37 -35.28
C GLN A 790 41.03 -13.87 -35.24
N LEU A 791 39.98 -13.08 -35.38
CA LEU A 791 40.13 -11.63 -35.34
C LEU A 791 40.49 -11.15 -33.95
N TYR A 792 40.09 -11.90 -32.92
CA TYR A 792 40.36 -11.51 -31.54
C TYR A 792 41.84 -11.65 -31.21
N MET A 793 42.54 -12.53 -31.94
CA MET A 793 43.97 -12.75 -31.74
C MET A 793 44.75 -11.55 -32.28
N ASN A 794 44.05 -10.68 -33.03
CA ASN A 794 44.66 -9.49 -33.62
C ASN A 794 44.04 -8.23 -32.99
N PRO A 795 44.46 -7.88 -31.77
CA PRO A 795 43.97 -6.71 -31.02
C PRO A 795 43.81 -5.43 -31.83
N LYS A 796 44.75 -5.18 -32.72
CA LYS A 796 44.74 -3.97 -33.52
C LYS A 796 43.59 -3.98 -34.56
N ALA A 797 43.33 -5.14 -35.14
CA ALA A 797 42.27 -5.23 -36.12
C ALA A 797 40.89 -5.36 -35.45
N TRP A 798 40.86 -6.05 -34.30
CA TRP A 798 39.62 -6.20 -33.56
C TRP A 798 39.13 -4.81 -33.16
N ASN A 799 40.01 -4.07 -32.51
CA ASN A 799 39.71 -2.75 -32.06
C ASN A 799 39.46 -1.78 -33.18
N THR A 800 40.04 -2.05 -34.35
CA THR A 800 39.82 -1.17 -35.49
C THR A 800 38.36 -1.35 -35.94
N MET A 801 37.88 -2.60 -35.90
CA MET A 801 36.50 -2.89 -36.31
C MET A 801 35.51 -2.32 -35.27
N VAL A 802 35.84 -2.48 -33.99
CA VAL A 802 35.00 -1.93 -32.93
C VAL A 802 34.81 -0.44 -33.19
N LEU A 803 35.92 0.23 -33.51
CA LEU A 803 35.87 1.67 -33.78
C LEU A 803 34.89 1.98 -34.91
N LYS A 804 34.93 1.16 -35.95
CA LYS A 804 34.04 1.35 -37.09
C LYS A 804 32.59 1.11 -36.67
N ASN A 805 32.37 0.29 -35.66
CA ASN A 805 31.01 0.06 -35.18
C ASN A 805 30.53 1.26 -34.39
N ILE A 806 31.30 1.67 -33.38
CA ILE A 806 30.96 2.82 -32.56
C ILE A 806 30.77 4.08 -33.39
N ALA A 807 31.68 4.31 -34.33
CA ALA A 807 31.61 5.51 -35.17
C ALA A 807 30.38 5.47 -36.07
N ALA A 808 29.82 4.28 -36.24
CA ALA A 808 28.65 4.10 -37.08
C ALA A 808 27.34 3.86 -36.30
N SER A 809 27.36 4.05 -34.99
CA SER A 809 26.15 3.82 -34.18
C SER A 809 25.15 4.99 -34.09
N GLY A 810 25.57 6.16 -34.54
CA GLY A 810 24.74 7.35 -34.48
C GLY A 810 23.29 7.19 -34.89
N LYS A 811 23.03 6.38 -35.93
CA LYS A 811 21.66 6.19 -36.39
C LYS A 811 20.72 5.60 -35.33
N PHE A 812 21.29 4.80 -34.44
CA PHE A 812 20.50 4.12 -33.43
C PHE A 812 20.16 4.82 -32.14
N SER A 813 20.23 6.15 -32.17
CA SER A 813 19.87 6.94 -31.01
C SER A 813 18.34 7.06 -31.06
N SER A 814 17.69 7.03 -29.91
CA SER A 814 16.23 7.16 -29.89
C SER A 814 15.85 8.63 -30.15
N ASP A 815 16.84 9.50 -30.17
CA ASP A 815 16.59 10.91 -30.45
C ASP A 815 16.22 11.01 -31.92
N ARG A 816 16.87 10.21 -32.75
CA ARG A 816 16.59 10.21 -34.17
C ARG A 816 15.26 9.48 -34.41
N THR A 817 15.02 8.41 -33.68
CA THR A 817 13.78 7.69 -33.83
C THR A 817 12.59 8.62 -33.50
N ILE A 818 12.68 9.31 -32.36
CA ILE A 818 11.62 10.24 -31.94
C ILE A 818 11.42 11.40 -32.92
N LYS A 819 12.50 11.87 -33.54
CA LYS A 819 12.40 12.97 -34.49
C LYS A 819 11.55 12.56 -35.69
N GLU A 820 11.73 11.32 -36.14
CA GLU A 820 10.96 10.78 -37.26
C GLU A 820 9.49 10.58 -36.85
N TYR A 821 9.27 10.09 -35.63
CA TYR A 821 7.89 9.91 -35.15
C TYR A 821 7.21 11.28 -35.09
N ALA A 822 7.91 12.27 -34.54
CA ALA A 822 7.38 13.62 -34.40
C ALA A 822 7.02 14.31 -35.70
N GLN A 823 7.87 14.21 -36.73
CA GLN A 823 7.52 14.93 -37.95
C GLN A 823 6.71 14.17 -38.97
N ASN A 824 6.67 12.84 -38.86
CA ASN A 824 5.92 12.05 -39.82
C ASN A 824 4.68 11.36 -39.30
N ILE A 825 4.43 11.45 -38.00
CA ILE A 825 3.25 10.82 -37.42
C ILE A 825 2.48 11.68 -36.44
N TRP A 826 3.18 12.29 -35.48
CA TRP A 826 2.51 13.12 -34.47
C TRP A 826 2.37 14.56 -34.92
N ASN A 827 3.20 14.98 -35.86
CA ASN A 827 3.14 16.34 -36.34
C ASN A 827 3.36 17.31 -35.16
N VAL A 828 4.46 17.12 -34.44
CA VAL A 828 4.78 17.99 -33.30
C VAL A 828 6.21 18.48 -33.39
N GLU A 829 6.50 19.54 -32.65
CA GLU A 829 7.83 20.15 -32.67
C GLU A 829 8.26 20.55 -31.26
N PRO A 830 9.58 20.63 -31.00
CA PRO A 830 10.10 21.02 -29.69
C PRO A 830 9.49 22.30 -29.17
N GLU B 23 9.65 36.21 14.43
CA GLU B 23 10.85 35.39 14.33
C GLU B 23 10.49 33.92 14.07
N ASN B 24 9.61 33.40 14.90
CA ASN B 24 9.19 32.03 14.75
C ASN B 24 8.13 31.97 13.65
N VAL B 25 7.12 32.85 13.73
CA VAL B 25 6.10 32.89 12.70
C VAL B 25 6.76 32.97 11.31
N ALA B 26 7.79 33.79 11.17
CA ALA B 26 8.44 33.94 9.87
C ALA B 26 9.08 32.65 9.34
N GLU B 27 9.74 31.92 10.23
CA GLU B 27 10.37 30.68 9.82
C GLU B 27 9.36 29.58 9.58
N LEU B 28 8.25 29.61 10.32
CA LEU B 28 7.19 28.64 10.13
C LEU B 28 6.57 28.83 8.74
N LYS B 29 6.34 30.08 8.32
CA LYS B 29 5.75 30.34 7.00
C LYS B 29 6.74 29.90 5.91
N LYS B 30 8.00 30.10 6.20
CA LYS B 30 9.07 29.73 5.28
C LYS B 30 9.07 28.19 5.11
N SER B 31 9.08 27.46 6.22
CA SER B 31 9.06 26.00 6.15
C SER B 31 7.86 25.48 5.39
N PHE B 32 6.69 26.07 5.65
CA PHE B 32 5.45 25.68 4.99
C PHE B 32 5.59 25.80 3.47
N ASN B 33 6.09 26.95 3.01
CA ASN B 33 6.25 27.19 1.58
C ASN B 33 7.26 26.22 0.96
N ARG B 34 8.28 25.91 1.74
CA ARG B 34 9.33 24.99 1.34
C ARG B 34 8.72 23.60 1.12
N HIS B 35 7.93 23.14 2.08
CA HIS B 35 7.27 21.86 1.96
C HIS B 35 6.25 21.83 0.84
N LEU B 36 5.47 22.90 0.71
CA LEU B 36 4.46 22.96 -0.34
C LEU B 36 5.15 22.74 -1.69
N HIS B 37 6.27 23.44 -1.87
CA HIS B 37 7.05 23.35 -3.10
C HIS B 37 7.77 21.98 -3.27
N PHE B 38 8.77 21.72 -2.44
CA PHE B 38 9.56 20.48 -2.51
C PHE B 38 8.86 19.18 -2.15
N THR B 39 8.00 19.22 -1.13
CA THR B 39 7.32 18.01 -0.69
C THR B 39 6.00 17.71 -1.42
N LEU B 40 5.21 18.76 -1.67
CA LEU B 40 3.93 18.56 -2.36
C LEU B 40 4.01 18.89 -3.85
N VAL B 41 5.14 19.47 -4.26
CA VAL B 41 5.36 19.81 -5.67
C VAL B 41 4.29 20.79 -6.17
N LYS B 42 3.97 21.80 -5.36
CA LYS B 42 2.92 22.77 -5.74
C LYS B 42 3.29 24.22 -5.49
N ASP B 43 2.47 25.11 -6.03
CA ASP B 43 2.61 26.54 -5.83
C ASP B 43 1.22 26.99 -5.40
N ARG B 44 1.08 28.24 -4.96
CA ARG B 44 -0.20 28.74 -4.49
C ARG B 44 -1.36 28.74 -5.46
N ASN B 45 -1.10 28.66 -6.76
CA ASN B 45 -2.19 28.65 -7.72
C ASN B 45 -2.72 27.26 -8.05
N VAL B 46 -1.94 26.23 -7.77
CA VAL B 46 -2.36 24.86 -8.06
C VAL B 46 -2.49 23.98 -6.81
N ALA B 47 -2.09 24.51 -5.66
CA ALA B 47 -2.19 23.71 -4.43
C ALA B 47 -3.64 23.46 -4.04
N THR B 48 -3.93 22.25 -3.56
CA THR B 48 -5.29 21.91 -3.12
C THR B 48 -5.34 22.13 -1.61
N THR B 49 -6.52 21.97 -1.01
CA THR B 49 -6.63 22.17 0.43
C THR B 49 -5.86 21.07 1.12
N ARG B 50 -5.87 19.88 0.50
CA ARG B 50 -5.16 18.72 1.03
C ARG B 50 -3.64 18.96 1.01
N ASP B 51 -3.17 19.69 -0.01
CA ASP B 51 -1.74 20.00 -0.14
C ASP B 51 -1.35 20.96 1.01
N TYR B 52 -2.22 21.93 1.30
CA TYR B 52 -1.93 22.88 2.35
C TYR B 52 -1.91 22.16 3.70
N TYR B 53 -2.81 21.20 3.89
CA TYR B 53 -2.83 20.45 5.15
C TYR B 53 -1.51 19.69 5.29
N PHE B 54 -1.12 18.98 4.23
CA PHE B 54 0.12 18.20 4.27
C PHE B 54 1.34 19.09 4.48
N ALA B 55 1.33 20.26 3.85
CA ALA B 55 2.42 21.20 3.98
C ALA B 55 2.58 21.59 5.44
N LEU B 56 1.46 21.89 6.09
CA LEU B 56 1.50 22.27 7.51
C LEU B 56 1.90 21.07 8.41
N ALA B 57 1.37 19.90 8.11
CA ALA B 57 1.68 18.70 8.88
C ALA B 57 3.18 18.44 8.84
N HIS B 58 3.79 18.55 7.65
CA HIS B 58 5.24 18.34 7.51
C HIS B 58 6.00 19.41 8.28
N THR B 59 5.53 20.66 8.21
CA THR B 59 6.15 21.78 8.93
C THR B 59 6.14 21.52 10.44
N VAL B 60 5.04 20.97 10.96
CA VAL B 60 4.94 20.66 12.39
C VAL B 60 5.74 19.39 12.70
N ARG B 61 5.64 18.39 11.83
CA ARG B 61 6.36 17.13 12.04
C ARG B 61 7.87 17.32 12.25
N ASP B 62 8.49 18.18 11.44
CA ASP B 62 9.92 18.47 11.56
C ASP B 62 10.31 18.86 13.00
N HIS B 63 9.40 19.49 13.74
CA HIS B 63 9.71 19.93 15.11
C HIS B 63 9.76 18.77 16.12
N LEU B 64 9.30 17.61 15.69
CA LEU B 64 9.33 16.40 16.53
C LEU B 64 10.63 15.61 16.42
N VAL B 65 11.28 15.69 15.25
CA VAL B 65 12.49 14.88 15.02
C VAL B 65 13.61 14.94 16.06
N GLY B 66 14.10 16.15 16.36
CA GLY B 66 15.20 16.29 17.30
C GLY B 66 14.94 15.58 18.63
N ARG B 67 13.81 15.91 19.23
CA ARG B 67 13.40 15.34 20.51
C ARG B 67 13.09 13.85 20.46
N TRP B 68 12.55 13.39 19.34
CA TRP B 68 12.22 11.98 19.22
C TRP B 68 13.51 11.17 19.20
N ILE B 69 14.52 11.64 18.49
CA ILE B 69 15.79 10.93 18.42
C ILE B 69 16.48 10.96 19.77
N ARG B 70 16.42 12.11 20.44
CA ARG B 70 17.07 12.30 21.74
C ARG B 70 16.38 11.51 22.84
N THR B 71 15.05 11.47 22.80
CA THR B 71 14.28 10.71 23.77
C THR B 71 14.62 9.23 23.67
N GLN B 72 14.53 8.65 22.47
CA GLN B 72 14.83 7.23 22.30
C GLN B 72 16.29 6.94 22.63
N GLN B 73 17.16 7.89 22.32
CA GLN B 73 18.59 7.70 22.60
C GLN B 73 18.80 7.74 24.10
N HIS B 74 18.02 8.57 24.79
CA HIS B 74 18.11 8.68 26.24
C HIS B 74 17.77 7.36 26.92
N TYR B 75 16.70 6.71 26.45
CA TYR B 75 16.28 5.45 27.04
C TYR B 75 17.38 4.39 26.87
N TYR B 76 18.09 4.45 25.75
CA TYR B 76 19.17 3.49 25.51
C TYR B 76 20.32 3.73 26.48
N ASP B 77 20.76 4.98 26.57
CA ASP B 77 21.87 5.31 27.44
C ASP B 77 21.66 5.07 28.92
N LYS B 78 20.58 5.62 29.47
CA LYS B 78 20.31 5.48 30.88
C LYS B 78 19.53 4.25 31.29
N CYS B 79 19.14 3.46 30.30
CA CYS B 79 18.37 2.22 30.50
C CYS B 79 17.35 2.12 31.64
N PRO B 80 16.32 3.00 31.65
CA PRO B 80 15.33 2.89 32.70
C PRO B 80 14.38 1.73 32.36
N LYS B 81 13.69 1.18 33.35
CA LYS B 81 12.74 0.08 33.08
C LYS B 81 11.72 0.58 32.05
N ARG B 82 11.47 -0.20 31.01
CA ARG B 82 10.54 0.21 29.96
C ARG B 82 9.14 -0.39 30.07
N VAL B 83 8.14 0.39 29.66
CA VAL B 83 6.75 -0.08 29.69
C VAL B 83 6.24 -0.34 28.29
N TYR B 84 5.60 -1.49 28.08
CA TYR B 84 5.07 -1.79 26.76
C TYR B 84 3.58 -2.05 26.83
N TYR B 85 2.80 -1.11 26.30
CA TYR B 85 1.35 -1.22 26.30
C TYR B 85 0.96 -1.97 25.03
N LEU B 86 0.65 -3.25 25.19
CA LEU B 86 0.28 -4.13 24.09
C LEU B 86 -1.22 -4.18 23.95
N SER B 87 -1.72 -3.61 22.86
CA SER B 87 -3.16 -3.53 22.62
C SER B 87 -3.51 -3.74 21.15
N LEU B 88 -4.65 -4.38 20.89
CA LEU B 88 -5.08 -4.58 19.51
C LEU B 88 -5.74 -3.31 19.02
N GLU B 89 -5.86 -2.31 19.89
CA GLU B 89 -6.51 -1.06 19.50
C GLU B 89 -5.87 0.22 20.01
N PHE B 90 -5.77 1.21 19.12
CA PHE B 90 -5.28 2.52 19.50
C PHE B 90 -6.16 3.50 18.74
N TYR B 91 -7.13 4.06 19.44
CA TYR B 91 -8.09 5.03 18.91
C TYR B 91 -7.42 6.41 19.06
N MET B 92 -6.57 6.79 18.12
CA MET B 92 -5.84 8.04 18.22
C MET B 92 -6.49 9.36 17.74
N GLY B 93 -7.48 9.30 16.85
CA GLY B 93 -8.10 10.53 16.37
C GLY B 93 -7.08 11.24 15.47
N ARG B 94 -7.19 12.56 15.34
CA ARG B 94 -6.27 13.38 14.53
C ARG B 94 -5.04 13.79 15.31
N THR B 95 -3.94 14.00 14.58
CA THR B 95 -2.65 14.33 15.20
C THR B 95 -2.11 15.76 15.11
N LEU B 96 -2.45 16.50 14.06
CA LEU B 96 -1.94 17.86 13.87
C LEU B 96 -2.09 18.76 15.10
N GLN B 97 -3.33 19.09 15.43
CA GLN B 97 -3.59 19.95 16.58
C GLN B 97 -2.94 19.47 17.87
N ASN B 98 -3.09 18.19 18.18
CA ASN B 98 -2.53 17.61 19.38
C ASN B 98 -1.02 17.89 19.46
N THR B 99 -0.32 17.65 18.35
CA THR B 99 1.12 17.83 18.27
C THR B 99 1.49 19.30 18.42
N MET B 100 0.76 20.18 17.74
CA MET B 100 1.01 21.61 17.84
C MET B 100 0.84 22.06 19.29
N ILE B 101 -0.17 21.52 19.98
CA ILE B 101 -0.39 21.93 21.35
C ILE B 101 0.68 21.40 22.32
N ASN B 102 0.93 20.11 22.31
CA ASN B 102 1.91 19.55 23.24
C ASN B 102 3.31 20.11 23.03
N LEU B 103 3.55 20.65 21.84
CA LEU B 103 4.85 21.20 21.50
C LEU B 103 4.88 22.72 21.69
N GLY B 104 3.74 23.31 22.04
CA GLY B 104 3.68 24.75 22.23
C GLY B 104 3.87 25.53 20.94
N LEU B 105 3.34 25.01 19.84
CA LEU B 105 3.45 25.67 18.53
C LEU B 105 2.13 26.14 17.95
N GLN B 106 1.02 25.82 18.61
CA GLN B 106 -0.26 26.18 18.06
C GLN B 106 -0.46 27.65 17.72
N ASN B 107 -0.19 28.53 18.67
CA ASN B 107 -0.39 29.94 18.40
C ASN B 107 0.48 30.43 17.25
N ALA B 108 1.75 30.03 17.21
CA ALA B 108 2.62 30.45 16.12
C ALA B 108 2.13 29.91 14.77
N CYS B 109 1.78 28.63 14.71
CA CYS B 109 1.27 28.07 13.47
C CYS B 109 -0.03 28.76 13.04
N ASP B 110 -0.95 28.95 13.97
CA ASP B 110 -2.23 29.61 13.68
C ASP B 110 -1.96 30.94 12.99
N GLU B 111 -0.98 31.67 13.51
CA GLU B 111 -0.60 32.98 12.96
C GLU B 111 0.08 32.86 11.59
N ALA B 112 0.94 31.87 11.45
CA ALA B 112 1.64 31.63 10.19
C ALA B 112 0.66 31.35 9.05
N ILE B 113 -0.25 30.40 9.28
CA ILE B 113 -1.28 30.02 8.32
C ILE B 113 -2.21 31.21 8.01
N TYR B 114 -2.58 31.98 9.03
CA TYR B 114 -3.45 33.12 8.79
C TYR B 114 -2.75 34.17 7.90
N GLN B 115 -1.48 34.42 8.18
CA GLN B 115 -0.71 35.38 7.41
C GLN B 115 -0.59 34.97 5.93
N LEU B 116 -0.52 33.66 5.70
CA LEU B 116 -0.42 33.12 4.34
C LEU B 116 -1.77 33.17 3.64
N GLY B 117 -2.80 33.67 4.34
CA GLY B 117 -4.13 33.77 3.75
C GLY B 117 -4.97 32.51 3.78
N LEU B 118 -4.65 31.58 4.67
CA LEU B 118 -5.41 30.34 4.78
C LEU B 118 -6.11 30.25 6.12
N ASP B 119 -7.01 29.28 6.23
CA ASP B 119 -7.79 29.04 7.46
C ASP B 119 -7.29 27.72 8.05
N ILE B 120 -6.62 27.78 9.20
CA ILE B 120 -6.08 26.58 9.81
C ILE B 120 -7.15 25.56 10.17
N GLU B 121 -8.35 26.04 10.50
CA GLU B 121 -9.45 25.13 10.82
C GLU B 121 -9.79 24.25 9.62
N GLU B 122 -9.85 24.86 8.43
CA GLU B 122 -10.15 24.10 7.23
C GLU B 122 -9.09 23.06 6.93
N LEU B 123 -7.83 23.44 7.11
CA LEU B 123 -6.73 22.51 6.87
C LEU B 123 -6.83 21.34 7.86
N GLU B 124 -7.12 21.67 9.12
CA GLU B 124 -7.25 20.64 10.17
C GLU B 124 -8.32 19.59 9.88
N GLU B 125 -9.44 20.05 9.29
CA GLU B 125 -10.54 19.16 8.92
C GLU B 125 -10.17 18.16 7.84
N ILE B 126 -9.11 18.46 7.09
CA ILE B 126 -8.66 17.55 6.05
C ILE B 126 -8.17 16.21 6.63
N GLU B 127 -7.48 16.27 7.77
CA GLU B 127 -6.92 15.06 8.36
C GLU B 127 -7.93 13.98 8.78
N GLU B 128 -7.62 12.74 8.40
CA GLU B 128 -8.47 11.60 8.72
C GLU B 128 -8.17 11.22 10.15
N ASP B 129 -9.19 10.71 10.86
CA ASP B 129 -8.94 10.23 12.21
C ASP B 129 -8.14 8.96 12.01
N ALA B 130 -7.32 8.60 12.99
CA ALA B 130 -6.62 7.33 12.91
C ALA B 130 -7.61 6.58 13.79
N GLY B 131 -8.57 5.90 13.17
CA GLY B 131 -9.58 5.20 13.95
C GLY B 131 -9.30 3.74 14.16
N LEU B 132 -8.14 3.45 14.74
CA LEU B 132 -7.72 2.07 14.97
C LEU B 132 -8.27 1.49 16.28
N GLY B 133 -9.51 1.85 16.59
CA GLY B 133 -10.13 1.36 17.81
C GLY B 133 -11.64 1.43 17.65
N ASN B 134 -12.35 0.79 18.57
CA ASN B 134 -13.80 0.76 18.53
C ASN B 134 -14.49 1.75 19.46
N GLY B 135 -13.90 1.95 20.64
CA GLY B 135 -14.47 2.84 21.62
C GLY B 135 -13.57 3.08 22.81
N GLY B 136 -14.16 3.06 24.00
CA GLY B 136 -13.43 3.31 25.23
C GLY B 136 -12.12 2.57 25.42
N LEU B 137 -12.10 1.30 25.02
CA LEU B 137 -10.89 0.49 25.17
C LEU B 137 -9.73 1.05 24.34
N GLY B 138 -10.00 1.35 23.07
CA GLY B 138 -8.96 1.86 22.19
C GLY B 138 -8.62 3.31 22.49
N ARG B 139 -9.56 4.04 23.06
CA ARG B 139 -9.29 5.43 23.34
C ARG B 139 -8.50 5.53 24.63
N LEU B 140 -8.70 4.58 25.54
CA LEU B 140 -7.98 4.57 26.82
C LEU B 140 -6.48 4.40 26.49
N ALA B 141 -6.20 3.50 25.55
CA ALA B 141 -4.81 3.24 25.12
C ALA B 141 -4.20 4.54 24.60
N ALA B 142 -4.95 5.24 23.75
CA ALA B 142 -4.53 6.52 23.16
C ALA B 142 -4.29 7.56 24.24
N CYS B 143 -5.24 7.71 25.15
CA CYS B 143 -5.09 8.65 26.26
C CYS B 143 -3.89 8.31 27.15
N PHE B 144 -3.63 7.01 27.33
CA PHE B 144 -2.49 6.54 28.13
C PHE B 144 -1.12 6.87 27.50
N LEU B 145 -1.05 6.79 26.17
CA LEU B 145 0.20 7.11 25.47
C LEU B 145 0.53 8.58 25.68
N ASP B 146 -0.50 9.43 25.60
CA ASP B 146 -0.29 10.86 25.81
C ASP B 146 0.19 11.17 27.25
N SER B 147 -0.40 10.51 28.25
CA SER B 147 -0.03 10.72 29.64
C SER B 147 1.38 10.16 29.94
N MET B 148 1.66 8.96 29.46
CA MET B 148 2.97 8.34 29.70
C MET B 148 4.10 9.22 29.13
N ALA B 149 3.82 9.93 28.04
CA ALA B 149 4.84 10.79 27.44
C ALA B 149 4.95 12.10 28.24
N THR B 150 3.80 12.58 28.74
CA THR B 150 3.79 13.82 29.50
C THR B 150 4.47 13.63 30.85
N LEU B 151 4.41 12.41 31.36
CA LEU B 151 5.04 12.05 32.63
C LEU B 151 6.51 11.65 32.41
N GLY B 152 6.92 11.60 31.15
CA GLY B 152 8.29 11.23 30.86
C GLY B 152 8.71 9.80 31.15
N LEU B 153 7.79 8.85 30.98
CA LEU B 153 8.12 7.45 31.23
C LEU B 153 8.66 6.82 29.96
N ALA B 154 9.52 5.82 30.11
CA ALA B 154 10.07 5.12 28.96
C ALA B 154 9.02 4.09 28.55
N ALA B 155 7.99 4.55 27.83
CA ALA B 155 6.91 3.68 27.43
C ALA B 155 6.68 3.63 25.92
N TYR B 156 6.20 2.48 25.46
CA TYR B 156 5.93 2.25 24.04
C TYR B 156 4.56 1.63 23.87
N GLY B 157 3.87 2.01 22.80
CA GLY B 157 2.58 1.43 22.50
C GLY B 157 2.82 0.45 21.35
N TYR B 158 2.30 -0.77 21.45
CA TYR B 158 2.47 -1.79 20.41
C TYR B 158 1.13 -2.34 19.91
N GLY B 159 0.86 -2.15 18.63
CA GLY B 159 -0.40 -2.63 18.09
C GLY B 159 -0.29 -3.03 16.63
N ILE B 160 -1.44 -3.03 15.95
CA ILE B 160 -1.50 -3.39 14.55
C ILE B 160 -1.85 -2.17 13.69
N ARG B 161 -1.13 -1.99 12.60
CA ARG B 161 -1.43 -0.87 11.71
C ARG B 161 -2.49 -1.36 10.75
N TYR B 162 -3.76 -1.24 11.15
CA TYR B 162 -4.86 -1.69 10.27
C TYR B 162 -4.94 -0.80 9.03
N GLU B 163 -5.09 -1.42 7.86
CA GLU B 163 -5.22 -0.65 6.64
C GLU B 163 -6.55 0.10 6.71
N TYR B 164 -7.52 -0.53 7.37
CA TYR B 164 -8.86 0.02 7.56
C TYR B 164 -9.23 0.01 9.03
N GLY B 165 -9.61 1.17 9.55
CA GLY B 165 -9.99 1.29 10.96
C GLY B 165 -11.48 1.04 11.08
N ILE B 166 -12.07 1.54 12.16
CA ILE B 166 -13.50 1.39 12.41
C ILE B 166 -14.23 2.02 11.21
N PHE B 167 -15.19 1.31 10.62
CA PHE B 167 -15.92 1.81 9.45
C PHE B 167 -16.55 3.20 9.58
N ASN B 168 -16.68 3.91 8.47
CA ASN B 168 -17.32 5.20 8.48
C ASN B 168 -18.81 4.86 8.43
N GLN B 169 -19.57 5.51 9.28
CA GLN B 169 -21.00 5.22 9.34
C GLN B 169 -21.84 6.22 8.54
N LYS B 170 -22.78 5.68 7.77
CA LYS B 170 -23.70 6.48 6.98
C LYS B 170 -25.13 6.09 7.39
N ILE B 171 -26.06 7.02 7.25
CA ILE B 171 -27.46 6.72 7.55
C ILE B 171 -28.24 6.75 6.25
N ARG B 172 -28.77 5.60 5.85
CA ARG B 172 -29.53 5.48 4.61
C ARG B 172 -30.95 5.04 4.94
N ASP B 173 -31.92 5.86 4.56
CA ASP B 173 -33.31 5.55 4.84
C ASP B 173 -33.43 5.29 6.35
N GLY B 174 -32.74 6.11 7.14
CA GLY B 174 -32.77 5.97 8.58
C GLY B 174 -31.94 4.84 9.18
N TRP B 175 -31.31 4.01 8.34
CA TRP B 175 -30.49 2.89 8.81
C TRP B 175 -28.98 3.12 8.66
N GLN B 176 -28.20 2.51 9.54
CA GLN B 176 -26.76 2.61 9.46
C GLN B 176 -26.26 1.79 8.28
N VAL B 177 -25.28 2.33 7.58
CA VAL B 177 -24.67 1.64 6.46
C VAL B 177 -23.20 1.78 6.77
N GLU B 178 -22.41 0.74 6.43
CA GLU B 178 -20.98 0.78 6.67
C GLU B 178 -20.21 1.06 5.41
N GLU B 179 -19.25 1.96 5.51
CA GLU B 179 -18.38 2.31 4.39
C GLU B 179 -16.95 2.08 4.89
N ALA B 180 -16.12 1.52 4.04
CA ALA B 180 -14.73 1.25 4.39
C ALA B 180 -14.00 2.53 4.78
N ASP B 181 -13.21 2.45 5.85
CA ASP B 181 -12.43 3.60 6.34
C ASP B 181 -11.01 3.49 5.82
N ASP B 182 -10.84 3.89 4.56
CA ASP B 182 -9.54 3.83 3.87
C ASP B 182 -8.69 5.04 4.27
N TRP B 183 -8.35 5.13 5.54
CA TRP B 183 -7.59 6.27 6.05
C TRP B 183 -6.17 6.52 5.54
N LEU B 184 -5.57 5.52 4.89
CA LEU B 184 -4.21 5.65 4.36
C LEU B 184 -4.16 6.04 2.88
N ARG B 185 -5.31 6.04 2.23
CA ARG B 185 -5.36 6.36 0.80
C ARG B 185 -4.49 7.51 0.35
N TYR B 186 -4.55 8.62 1.08
CA TYR B 186 -3.78 9.78 0.67
C TYR B 186 -2.44 9.90 1.40
N GLY B 187 -2.13 8.94 2.24
CA GLY B 187 -0.87 8.96 2.97
C GLY B 187 -0.97 9.51 4.38
N ASN B 188 -0.17 8.94 5.29
CA ASN B 188 -0.16 9.34 6.68
C ASN B 188 1.20 9.97 6.97
N PRO B 189 1.26 11.30 7.13
CA PRO B 189 2.61 11.84 7.41
C PRO B 189 3.12 11.55 8.79
N TRP B 190 2.24 11.07 9.67
CA TRP B 190 2.64 10.81 11.05
C TRP B 190 3.22 9.46 11.35
N GLU B 191 3.29 8.56 10.37
CA GLU B 191 3.89 7.25 10.63
C GLU B 191 5.26 7.18 9.92
N LYS B 192 6.17 6.39 10.50
CA LYS B 192 7.48 6.22 9.90
C LYS B 192 7.84 4.75 9.76
N SER B 193 7.83 4.26 8.54
CA SER B 193 8.19 2.86 8.30
C SER B 193 9.59 2.63 8.91
N ARG B 194 9.78 1.49 9.58
CA ARG B 194 11.08 1.13 10.18
C ARG B 194 11.46 -0.20 9.53
N PRO B 195 11.83 -0.15 8.23
CA PRO B 195 12.20 -1.37 7.51
C PRO B 195 13.28 -2.24 8.14
N GLU B 196 14.24 -1.63 8.82
CA GLU B 196 15.30 -2.43 9.42
C GLU B 196 14.87 -3.36 10.55
N PHE B 197 13.66 -3.15 11.08
CA PHE B 197 13.15 -3.98 12.18
C PHE B 197 12.04 -4.93 11.79
N MET B 198 11.97 -5.29 10.52
CA MET B 198 10.94 -6.23 10.05
C MET B 198 11.23 -7.59 10.69
N LEU B 199 10.18 -8.37 10.98
CA LEU B 199 10.35 -9.69 11.61
C LEU B 199 9.43 -10.75 10.99
N PRO B 200 9.78 -12.04 11.11
CA PRO B 200 8.92 -13.06 10.55
C PRO B 200 8.01 -13.62 11.65
N VAL B 201 6.74 -13.84 11.34
CA VAL B 201 5.78 -14.41 12.30
C VAL B 201 5.39 -15.77 11.71
N HIS B 202 5.24 -16.76 12.58
CA HIS B 202 4.94 -18.13 12.15
C HIS B 202 3.52 -18.58 12.43
N PHE B 203 2.98 -19.40 11.53
CA PHE B 203 1.62 -19.90 11.67
C PHE B 203 1.53 -21.35 11.20
N TYR B 204 0.53 -22.07 11.72
CA TYR B 204 0.31 -23.48 11.38
C TYR B 204 1.51 -24.37 11.66
N GLY B 205 1.83 -25.24 10.71
CA GLY B 205 2.96 -26.12 10.88
C GLY B 205 2.64 -27.23 11.87
N LYS B 206 3.67 -27.80 12.47
CA LYS B 206 3.47 -28.87 13.45
C LYS B 206 4.61 -28.90 14.45
N VAL B 207 4.33 -29.41 15.64
CA VAL B 207 5.32 -29.51 16.71
C VAL B 207 6.17 -30.76 16.56
N GLU B 208 7.47 -30.61 16.76
CA GLU B 208 8.42 -31.71 16.66
C GLU B 208 9.27 -31.77 17.92
N HIS B 209 9.10 -32.82 18.70
CA HIS B 209 9.87 -32.95 19.94
C HIS B 209 11.17 -33.73 19.71
N THR B 210 12.28 -33.01 19.71
CA THR B 210 13.59 -33.61 19.46
C THR B 210 14.45 -33.70 20.72
N ASN B 211 15.72 -34.06 20.52
CA ASN B 211 16.65 -34.18 21.64
C ASN B 211 17.45 -32.89 21.83
N THR B 212 17.20 -31.91 20.97
CA THR B 212 17.90 -30.62 21.08
C THR B 212 16.92 -29.61 21.63
N GLY B 213 15.68 -30.08 21.81
CA GLY B 213 14.60 -29.26 22.31
C GLY B 213 13.38 -29.49 21.43
N THR B 214 12.31 -28.75 21.64
CA THR B 214 11.12 -28.92 20.79
C THR B 214 11.22 -27.94 19.62
N LYS B 215 10.84 -28.42 18.45
CA LYS B 215 10.90 -27.59 17.25
C LYS B 215 9.52 -27.39 16.66
N TRP B 216 9.23 -26.16 16.25
CA TRP B 216 7.97 -25.83 15.61
C TRP B 216 8.38 -25.68 14.16
N ILE B 217 8.01 -26.67 13.35
CA ILE B 217 8.41 -26.70 11.95
C ILE B 217 7.27 -26.70 10.91
N ASP B 218 7.65 -26.64 9.64
CA ASP B 218 6.73 -26.61 8.50
C ASP B 218 5.68 -25.50 8.61
N THR B 219 6.07 -24.39 9.21
CA THR B 219 5.13 -23.28 9.39
C THR B 219 5.13 -22.34 8.20
N GLN B 220 4.06 -21.57 8.07
CA GLN B 220 3.97 -20.61 7.02
C GLN B 220 4.40 -19.30 7.67
N VAL B 221 5.14 -18.49 6.94
CA VAL B 221 5.62 -17.24 7.49
C VAL B 221 4.95 -16.01 6.89
N VAL B 222 4.70 -15.03 7.76
CA VAL B 222 4.13 -13.74 7.37
C VAL B 222 5.06 -12.71 8.02
N LEU B 223 5.56 -11.76 7.23
CA LEU B 223 6.48 -10.76 7.76
C LEU B 223 5.72 -9.66 8.49
N ALA B 224 6.39 -9.00 9.43
CA ALA B 224 5.76 -7.92 10.16
C ALA B 224 6.68 -6.71 10.08
N LEU B 225 6.22 -5.69 9.38
CA LEU B 225 6.96 -4.45 9.19
C LEU B 225 6.38 -3.45 10.16
N PRO B 226 7.19 -2.92 11.08
CA PRO B 226 6.69 -1.95 12.06
C PRO B 226 6.70 -0.50 11.54
N TYR B 227 5.70 0.27 11.95
CA TYR B 227 5.61 1.69 11.58
C TYR B 227 5.54 2.48 12.89
N ASP B 228 6.51 3.36 13.08
CA ASP B 228 6.58 4.16 14.30
C ASP B 228 5.89 5.51 14.15
N THR B 229 5.11 5.85 15.16
CA THR B 229 4.40 7.12 15.23
C THR B 229 4.86 7.77 16.54
N PRO B 230 5.29 9.04 16.48
CA PRO B 230 5.74 9.74 17.69
C PRO B 230 4.57 10.11 18.60
N VAL B 231 4.82 10.09 19.91
CA VAL B 231 3.82 10.44 20.93
C VAL B 231 4.47 11.57 21.77
N PRO B 232 4.19 12.84 21.41
CA PRO B 232 4.77 13.98 22.13
C PRO B 232 4.20 14.23 23.51
N GLY B 233 5.09 14.34 24.49
CA GLY B 233 4.64 14.63 25.84
C GLY B 233 4.21 16.08 25.84
N TYR B 234 3.40 16.46 26.82
CA TYR B 234 2.93 17.84 26.91
C TYR B 234 4.02 18.74 27.49
N MET B 235 4.60 19.59 26.64
CA MET B 235 5.64 20.53 27.04
C MET B 235 6.78 19.97 27.90
N ASN B 236 7.48 18.96 27.41
CA ASN B 236 8.59 18.40 28.20
C ASN B 236 9.73 17.77 27.38
N ASN B 237 9.79 18.07 26.09
CA ASN B 237 10.86 17.50 25.23
C ASN B 237 10.84 15.96 25.11
N THR B 238 9.82 15.30 25.63
CA THR B 238 9.78 13.85 25.50
C THR B 238 8.93 13.46 24.31
N VAL B 239 9.43 12.53 23.50
CA VAL B 239 8.70 12.04 22.36
C VAL B 239 8.86 10.53 22.37
N ASN B 240 7.78 9.83 22.74
CA ASN B 240 7.81 8.39 22.81
C ASN B 240 7.34 7.80 21.51
N THR B 241 7.24 6.47 21.48
CA THR B 241 6.85 5.82 20.25
C THR B 241 5.67 4.89 20.33
N MET B 242 4.83 4.94 19.28
CA MET B 242 3.73 3.99 19.13
C MET B 242 4.11 3.16 17.89
N ARG B 243 4.44 1.88 18.09
CA ARG B 243 4.83 1.01 16.98
C ARG B 243 3.68 0.08 16.57
N LEU B 244 3.24 0.22 15.33
CA LEU B 244 2.15 -0.56 14.75
C LEU B 244 2.70 -1.49 13.68
N TRP B 245 2.25 -2.75 13.69
CA TRP B 245 2.77 -3.72 12.73
C TRP B 245 1.84 -3.96 11.55
N SER B 246 2.44 -4.09 10.37
CA SER B 246 1.70 -4.35 9.13
C SER B 246 2.19 -5.66 8.55
N ALA B 247 1.25 -6.51 8.17
CA ALA B 247 1.52 -7.82 7.62
C ALA B 247 1.98 -7.76 6.16
N ARG B 248 3.04 -8.48 5.84
CA ARG B 248 3.56 -8.52 4.47
C ARG B 248 3.94 -9.97 4.12
N ALA B 249 3.68 -10.37 2.88
CA ALA B 249 4.02 -11.73 2.46
C ALA B 249 5.55 -11.85 2.32
N PRO B 250 6.10 -13.05 2.58
CA PRO B 250 7.54 -13.29 2.47
C PRO B 250 7.96 -13.32 0.98
N ASN B 251 9.23 -12.99 0.71
CA ASN B 251 9.76 -12.96 -0.66
C ASN B 251 9.07 -11.86 -1.49
N ASP B 262 0.36 -21.77 -10.78
CA ASP B 262 0.11 -20.57 -11.59
C ASP B 262 0.76 -19.33 -10.97
N TYR B 263 1.63 -18.68 -11.75
CA TYR B 263 2.33 -17.48 -11.30
C TYR B 263 1.50 -16.27 -10.88
N ILE B 264 0.60 -15.82 -11.77
CA ILE B 264 -0.24 -14.66 -11.48
C ILE B 264 -1.04 -14.89 -10.20
N GLN B 265 -1.72 -16.04 -10.12
CA GLN B 265 -2.50 -16.36 -8.92
C GLN B 265 -1.65 -16.42 -7.67
N ALA B 266 -0.42 -16.91 -7.80
CA ALA B 266 0.48 -17.02 -6.67
C ALA B 266 0.80 -15.63 -6.15
N VAL B 267 0.97 -14.67 -7.05
CA VAL B 267 1.28 -13.30 -6.60
C VAL B 267 0.02 -12.68 -5.97
N LEU B 268 -1.13 -12.88 -6.59
CA LEU B 268 -2.37 -12.35 -6.04
C LEU B 268 -2.60 -12.94 -4.66
N ASP B 269 -2.34 -14.25 -4.52
CA ASP B 269 -2.55 -14.91 -3.23
C ASP B 269 -1.74 -14.32 -2.09
N ARG B 270 -0.79 -13.44 -2.41
CA ARG B 270 -0.01 -12.78 -1.36
C ARG B 270 -0.98 -11.93 -0.51
N ASN B 271 -2.13 -11.58 -1.09
CA ASN B 271 -3.16 -10.81 -0.38
C ASN B 271 -3.59 -11.57 0.89
N LEU B 272 -3.59 -12.90 0.83
CA LEU B 272 -3.99 -13.73 1.97
C LEU B 272 -3.18 -13.46 3.24
N ALA B 273 -1.86 -13.33 3.13
CA ALA B 273 -1.05 -13.06 4.33
C ALA B 273 -1.23 -11.61 4.79
N GLU B 274 -1.27 -10.70 3.83
CA GLU B 274 -1.43 -9.30 4.15
C GLU B 274 -2.81 -8.98 4.72
N ASN B 275 -3.77 -9.89 4.52
CA ASN B 275 -5.11 -9.70 5.08
C ASN B 275 -5.13 -9.71 6.60
N ILE B 276 -4.07 -10.23 7.22
CA ILE B 276 -4.00 -10.26 8.69
C ILE B 276 -4.09 -8.86 9.33
N SER B 277 -3.49 -7.86 8.70
CA SER B 277 -3.57 -6.51 9.26
C SER B 277 -4.46 -5.64 8.37
N ARG B 278 -5.38 -6.27 7.66
CA ARG B 278 -6.22 -5.50 6.76
C ARG B 278 -7.32 -4.66 7.41
N VAL B 279 -8.02 -5.21 8.40
CA VAL B 279 -9.13 -4.49 9.01
C VAL B 279 -9.39 -4.79 10.45
N LEU B 280 -9.73 -3.72 11.17
CA LEU B 280 -10.07 -3.78 12.58
C LEU B 280 -11.44 -4.44 12.75
N TYR B 281 -11.54 -5.39 13.67
CA TYR B 281 -12.83 -6.00 13.94
C TYR B 281 -13.61 -4.90 14.67
N PRO B 282 -14.72 -4.43 14.07
CA PRO B 282 -15.60 -3.35 14.56
C PRO B 282 -16.61 -3.71 15.65
N ASN B 283 -16.23 -4.57 16.58
CA ASN B 283 -17.14 -4.96 17.67
C ASN B 283 -16.68 -4.43 19.02
N ASP B 284 -17.62 -3.89 19.79
CA ASP B 284 -17.31 -3.34 21.09
C ASP B 284 -17.91 -4.27 22.14
N ASN B 285 -17.05 -4.85 22.98
CA ASN B 285 -17.54 -5.75 24.02
C ASN B 285 -18.19 -6.98 23.41
N PHE B 286 -17.59 -7.54 22.37
CA PHE B 286 -18.16 -8.70 21.72
C PHE B 286 -17.06 -9.58 21.15
N PHE B 287 -17.00 -10.82 21.63
CA PHE B 287 -16.03 -11.78 21.14
C PHE B 287 -16.54 -12.47 19.88
N GLU B 288 -15.77 -12.40 18.82
CA GLU B 288 -16.13 -13.03 17.55
C GLU B 288 -14.96 -13.96 17.25
N GLY B 289 -15.16 -15.25 17.51
CA GLY B 289 -14.10 -16.20 17.31
C GLY B 289 -13.73 -16.56 15.89
N LYS B 290 -13.37 -15.56 15.07
CA LYS B 290 -12.98 -15.84 13.69
C LYS B 290 -11.50 -16.17 13.61
N GLU B 291 -11.13 -17.10 12.73
CA GLU B 291 -9.73 -17.48 12.60
C GLU B 291 -8.81 -16.30 12.30
N LEU B 292 -9.25 -15.39 11.43
CA LEU B 292 -8.45 -14.22 11.07
C LEU B 292 -8.11 -13.36 12.29
N ARG B 293 -9.09 -13.21 13.19
CA ARG B 293 -8.90 -12.47 14.43
C ARG B 293 -7.82 -13.15 15.29
N LEU B 294 -7.84 -14.49 15.33
CA LEU B 294 -6.86 -15.22 16.10
C LEU B 294 -5.48 -14.88 15.51
N LYS B 295 -5.39 -14.89 14.19
CA LYS B 295 -4.12 -14.56 13.51
C LYS B 295 -3.65 -13.15 13.88
N GLN B 296 -4.57 -12.19 13.95
CA GLN B 296 -4.17 -10.82 14.30
C GLN B 296 -3.57 -10.81 15.71
N GLU B 297 -4.26 -11.45 16.64
CA GLU B 297 -3.80 -11.51 18.02
C GLU B 297 -2.41 -12.12 18.13
N TYR B 298 -2.19 -13.27 17.50
CA TYR B 298 -0.86 -13.88 17.55
C TYR B 298 0.16 -12.99 16.81
N PHE B 299 -0.25 -12.46 15.66
CA PHE B 299 0.60 -11.58 14.86
C PHE B 299 1.24 -10.48 15.67
N VAL B 300 0.41 -9.66 16.30
CA VAL B 300 0.89 -8.55 17.07
C VAL B 300 1.68 -9.00 18.30
N VAL B 301 1.30 -10.13 18.88
CA VAL B 301 2.01 -10.66 20.05
C VAL B 301 3.42 -11.16 19.70
N ALA B 302 3.51 -11.96 18.64
CA ALA B 302 4.80 -12.54 18.23
C ALA B 302 5.77 -11.46 17.76
N ALA B 303 5.30 -10.54 16.91
CA ALA B 303 6.17 -9.46 16.44
C ALA B 303 6.69 -8.64 17.62
N THR B 304 5.77 -8.27 18.51
CA THR B 304 6.07 -7.45 19.66
C THR B 304 7.09 -8.04 20.63
N LEU B 305 6.88 -9.29 21.03
CA LEU B 305 7.77 -9.97 21.96
C LEU B 305 9.17 -10.13 21.38
N GLN B 306 9.25 -10.52 20.11
CA GLN B 306 10.55 -10.67 19.46
C GLN B 306 11.29 -9.31 19.46
N ASP B 307 10.56 -8.25 19.15
CA ASP B 307 11.14 -6.90 19.10
C ASP B 307 11.64 -6.46 20.48
N ILE B 308 10.85 -6.76 21.51
CA ILE B 308 11.23 -6.41 22.89
C ILE B 308 12.46 -7.24 23.33
N ILE B 309 12.48 -8.53 22.99
CA ILE B 309 13.62 -9.40 23.36
C ILE B 309 14.89 -8.89 22.70
N ARG B 310 14.79 -8.57 21.42
CA ARG B 310 15.94 -8.07 20.68
C ARG B 310 16.45 -6.77 21.29
N ARG B 311 15.53 -5.88 21.66
CA ARG B 311 15.92 -4.60 22.27
C ARG B 311 16.58 -4.83 23.62
N PHE B 312 16.10 -5.85 24.34
CA PHE B 312 16.67 -6.19 25.65
C PHE B 312 18.13 -6.65 25.47
N LYS B 313 18.34 -7.57 24.53
CA LYS B 313 19.67 -8.11 24.29
C LYS B 313 20.67 -7.10 23.72
N ALA B 314 20.19 -5.93 23.32
CA ALA B 314 21.08 -4.91 22.77
C ALA B 314 21.27 -3.77 23.75
N SER B 315 20.54 -3.82 24.85
CA SER B 315 20.58 -2.78 25.87
C SER B 315 21.91 -2.64 26.62
N LYS B 316 22.81 -3.60 26.44
CA LYS B 316 24.09 -3.56 27.14
C LYS B 316 23.87 -3.86 28.64
N PHE B 317 22.62 -4.13 28.99
CA PHE B 317 22.21 -4.43 30.37
C PHE B 317 23.31 -5.05 31.24
N VAL B 326 20.77 -15.07 30.78
CA VAL B 326 21.06 -13.72 30.30
C VAL B 326 19.82 -12.85 30.35
N PHE B 327 18.74 -13.38 30.92
CA PHE B 327 17.46 -12.72 31.03
C PHE B 327 17.04 -12.50 32.48
N ASP B 328 18.00 -12.66 33.38
CA ASP B 328 17.73 -12.50 34.80
C ASP B 328 17.12 -11.15 35.15
N ALA B 329 17.57 -10.09 34.47
CA ALA B 329 17.06 -8.75 34.74
C ALA B 329 16.03 -8.32 33.70
N PHE B 330 15.52 -9.28 32.95
CA PHE B 330 14.53 -8.97 31.93
C PHE B 330 13.35 -8.17 32.50
N PRO B 331 12.69 -8.69 33.55
CA PRO B 331 11.55 -8.00 34.16
C PRO B 331 11.91 -6.75 34.97
N ASP B 332 13.20 -6.48 35.13
CA ASP B 332 13.61 -5.28 35.84
C ASP B 332 13.80 -4.21 34.78
N GLN B 333 13.76 -4.65 33.52
CA GLN B 333 13.94 -3.78 32.37
C GLN B 333 12.69 -3.74 31.49
N VAL B 334 11.84 -4.76 31.62
CA VAL B 334 10.64 -4.85 30.82
C VAL B 334 9.34 -5.09 31.59
N ALA B 335 8.32 -4.31 31.23
CA ALA B 335 7.00 -4.46 31.80
C ALA B 335 6.07 -4.48 30.60
N ILE B 336 5.22 -5.50 30.52
CA ILE B 336 4.28 -5.60 29.42
C ILE B 336 2.86 -5.70 29.94
N GLN B 337 2.06 -4.70 29.60
CA GLN B 337 0.67 -4.64 30.03
C GLN B 337 -0.24 -5.25 28.96
N LEU B 338 -1.00 -6.24 29.36
CA LEU B 338 -1.95 -6.91 28.47
C LEU B 338 -3.27 -6.13 28.53
N ASN B 339 -3.58 -5.38 27.46
CA ASN B 339 -4.83 -4.59 27.41
C ASN B 339 -5.96 -5.55 27.03
N ASP B 340 -6.69 -6.02 28.05
CA ASP B 340 -7.77 -7.00 27.91
C ASP B 340 -7.08 -8.31 27.53
N THR B 341 -7.83 -9.36 27.25
CA THR B 341 -7.23 -10.67 26.92
C THR B 341 -6.78 -10.84 25.47
N HIS B 342 -7.10 -9.87 24.65
CA HIS B 342 -6.77 -9.90 23.23
C HIS B 342 -5.33 -10.35 22.91
N PRO B 343 -4.33 -9.92 23.70
CA PRO B 343 -2.95 -10.31 23.42
C PRO B 343 -2.47 -11.38 24.43
N ALA B 344 -3.43 -12.10 24.99
CA ALA B 344 -3.17 -13.15 25.97
C ALA B 344 -2.09 -14.13 25.47
N LEU B 345 -2.06 -14.38 24.16
CA LEU B 345 -1.09 -15.28 23.57
C LEU B 345 0.36 -14.90 23.87
N ALA B 346 0.55 -13.67 24.33
CA ALA B 346 1.86 -13.16 24.66
C ALA B 346 2.56 -13.95 25.77
N ILE B 347 1.76 -14.57 26.65
CA ILE B 347 2.28 -15.35 27.75
C ILE B 347 2.93 -16.64 27.29
N PRO B 348 2.20 -17.47 26.51
CA PRO B 348 2.89 -18.69 26.08
C PRO B 348 3.93 -18.39 24.98
N GLU B 349 3.86 -17.21 24.37
CA GLU B 349 4.83 -16.89 23.31
C GLU B 349 6.16 -16.55 23.98
N LEU B 350 6.10 -15.77 25.06
CA LEU B 350 7.31 -15.41 25.80
C LEU B 350 7.97 -16.69 26.33
N MET B 351 7.14 -17.60 26.85
CA MET B 351 7.62 -18.88 27.35
C MET B 351 8.24 -19.68 26.21
N ARG B 352 7.56 -19.72 25.08
CA ARG B 352 8.05 -20.43 23.91
C ARG B 352 9.44 -19.91 23.56
N ILE B 353 9.59 -18.58 23.56
CA ILE B 353 10.88 -17.99 23.23
C ILE B 353 11.92 -18.33 24.28
N PHE B 354 11.55 -18.18 25.54
CA PHE B 354 12.48 -18.45 26.64
C PHE B 354 12.95 -19.90 26.65
N VAL B 355 12.00 -20.81 26.48
CA VAL B 355 12.30 -22.23 26.50
C VAL B 355 12.83 -22.86 25.23
N ASP B 356 12.07 -22.74 24.14
CA ASP B 356 12.47 -23.33 22.87
C ASP B 356 13.60 -22.63 22.17
N ILE B 357 13.66 -21.33 22.30
CA ILE B 357 14.71 -20.58 21.64
C ILE B 357 15.90 -20.26 22.54
N GLU B 358 15.65 -19.59 23.65
CA GLU B 358 16.72 -19.21 24.57
C GLU B 358 17.21 -20.34 25.49
N LYS B 359 16.52 -21.48 25.43
CA LYS B 359 16.89 -22.66 26.22
C LYS B 359 16.83 -22.55 27.74
N LEU B 360 16.05 -21.61 28.26
CA LEU B 360 15.97 -21.45 29.71
C LEU B 360 15.13 -22.58 30.28
N PRO B 361 15.41 -22.99 31.54
CA PRO B 361 14.57 -24.08 32.09
C PRO B 361 13.17 -23.54 32.38
N TRP B 362 12.16 -24.38 32.22
CA TRP B 362 10.78 -23.99 32.44
C TRP B 362 10.53 -23.14 33.69
N SER B 363 10.97 -23.63 34.84
CA SER B 363 10.76 -22.91 36.09
C SER B 363 11.24 -21.45 36.07
N LYS B 364 12.45 -21.23 35.59
CA LYS B 364 13.03 -19.89 35.52
C LYS B 364 12.27 -18.99 34.53
N ALA B 365 11.92 -19.55 33.37
CA ALA B 365 11.20 -18.84 32.33
C ALA B 365 9.81 -18.43 32.84
N TRP B 366 9.15 -19.35 33.53
CA TRP B 366 7.81 -19.09 34.04
C TRP B 366 7.84 -17.94 35.04
N GLU B 367 8.86 -17.93 35.89
CA GLU B 367 9.02 -16.87 36.88
C GLU B 367 9.20 -15.49 36.21
N LEU B 368 10.10 -15.42 35.24
CA LEU B 368 10.38 -14.16 34.53
C LEU B 368 9.10 -13.69 33.82
N THR B 369 8.39 -14.63 33.23
CA THR B 369 7.16 -14.35 32.51
C THR B 369 6.16 -13.63 33.42
N GLN B 370 5.88 -14.20 34.60
CA GLN B 370 4.93 -13.59 35.52
C GLN B 370 5.39 -12.22 36.00
N LYS B 371 6.70 -12.06 36.21
CA LYS B 371 7.22 -10.77 36.63
C LYS B 371 7.12 -9.77 35.49
N THR B 372 7.05 -10.25 34.25
CA THR B 372 6.97 -9.35 33.09
C THR B 372 5.58 -8.83 32.79
N PHE B 373 4.61 -9.74 32.78
CA PHE B 373 3.24 -9.37 32.45
C PHE B 373 2.31 -8.93 33.57
N ALA B 374 1.38 -8.05 33.18
CA ALA B 374 0.34 -7.52 34.04
C ALA B 374 -0.88 -7.51 33.10
N TYR B 375 -2.04 -7.87 33.63
CA TYR B 375 -3.26 -7.95 32.86
C TYR B 375 -4.40 -7.01 33.30
N THR B 376 -5.00 -6.32 32.34
CA THR B 376 -6.11 -5.40 32.66
C THR B 376 -7.43 -5.96 32.15
N ASN B 377 -8.37 -6.11 33.09
CA ASN B 377 -9.70 -6.63 32.78
C ASN B 377 -10.63 -5.45 32.48
N HIS B 378 -11.29 -5.49 31.33
CA HIS B 378 -12.19 -4.41 30.90
C HIS B 378 -13.68 -4.68 30.87
N THR B 379 -14.13 -5.86 31.28
CA THR B 379 -15.57 -6.17 31.22
C THR B 379 -16.00 -7.48 31.87
N VAL B 380 -17.24 -7.52 32.38
CA VAL B 380 -17.79 -8.73 32.98
C VAL B 380 -18.94 -9.25 32.13
N LEU B 381 -19.17 -8.62 30.97
CA LEU B 381 -20.25 -9.04 30.07
C LEU B 381 -19.82 -10.36 29.42
N PRO B 382 -20.70 -11.38 29.49
CA PRO B 382 -20.47 -12.71 28.93
C PRO B 382 -20.11 -12.79 27.45
N GLU B 383 -20.72 -11.94 26.61
CA GLU B 383 -20.43 -12.00 25.16
C GLU B 383 -19.10 -11.43 24.74
N ALA B 384 -18.41 -10.76 25.66
CA ALA B 384 -17.10 -10.19 25.35
C ALA B 384 -15.97 -11.16 25.68
N LEU B 385 -16.28 -12.19 26.47
CA LEU B 385 -15.27 -13.18 26.90
C LEU B 385 -14.65 -14.04 25.80
N GLU B 386 -13.32 -14.02 25.74
CA GLU B 386 -12.59 -14.81 24.76
C GLU B 386 -12.36 -16.24 25.23
N ARG B 387 -12.93 -17.17 24.49
CA ARG B 387 -12.80 -18.60 24.75
C ARG B 387 -12.54 -19.23 23.38
N TRP B 388 -11.26 -19.43 23.06
CA TRP B 388 -10.88 -20.02 21.80
C TRP B 388 -10.88 -21.55 21.81
N PRO B 389 -11.58 -22.16 20.84
CA PRO B 389 -11.63 -23.62 20.78
C PRO B 389 -10.25 -24.26 20.54
N VAL B 390 -9.85 -25.12 21.47
CA VAL B 390 -8.57 -25.81 21.40
C VAL B 390 -8.30 -26.40 20.04
N ASP B 391 -9.35 -26.75 19.32
CA ASP B 391 -9.20 -27.30 17.99
C ASP B 391 -8.53 -26.28 17.08
N LEU B 392 -9.13 -25.10 16.99
CA LEU B 392 -8.62 -24.02 16.17
C LEU B 392 -7.19 -23.63 16.57
N VAL B 393 -6.94 -23.54 17.87
CA VAL B 393 -5.60 -23.19 18.32
C VAL B 393 -4.61 -24.28 17.95
N GLU B 394 -5.03 -25.54 18.07
CA GLU B 394 -4.16 -26.68 17.74
C GLU B 394 -3.61 -26.61 16.31
N LYS B 395 -4.48 -26.29 15.36
CA LYS B 395 -4.06 -26.19 13.97
C LYS B 395 -3.17 -24.97 13.67
N LEU B 396 -3.58 -23.81 14.17
CA LEU B 396 -2.82 -22.58 13.94
C LEU B 396 -1.56 -22.41 14.76
N LEU B 397 -1.67 -22.68 16.06
CA LEU B 397 -0.56 -22.53 17.00
C LEU B 397 -0.31 -23.78 17.85
N PRO B 398 -0.03 -24.93 17.20
CA PRO B 398 0.22 -26.19 17.92
C PRO B 398 1.23 -26.12 19.07
N ARG B 399 2.31 -25.35 18.93
CA ARG B 399 3.29 -25.29 20.01
C ARG B 399 2.76 -24.50 21.20
N HIS B 400 1.97 -23.47 20.92
CA HIS B 400 1.38 -22.65 21.97
C HIS B 400 0.31 -23.43 22.74
N LEU B 401 -0.39 -24.31 22.05
CA LEU B 401 -1.39 -25.13 22.73
C LEU B 401 -0.69 -26.08 23.72
N GLU B 402 0.49 -26.58 23.36
CA GLU B 402 1.22 -27.47 24.28
C GLU B 402 1.67 -26.65 25.49
N ILE B 403 2.13 -25.43 25.24
CA ILE B 403 2.61 -24.57 26.32
C ILE B 403 1.49 -24.18 27.29
N ILE B 404 0.30 -23.94 26.76
CA ILE B 404 -0.85 -23.55 27.58
C ILE B 404 -1.27 -24.75 28.45
N TYR B 405 -1.21 -25.94 27.85
CA TYR B 405 -1.54 -27.16 28.57
C TYR B 405 -0.59 -27.35 29.74
N GLU B 406 0.71 -27.19 29.47
CA GLU B 406 1.71 -27.36 30.51
C GLU B 406 1.46 -26.38 31.65
N ILE B 407 1.19 -25.13 31.29
CA ILE B 407 0.91 -24.10 32.28
C ILE B 407 -0.29 -24.53 33.12
N ASN B 408 -1.30 -25.06 32.45
CA ASN B 408 -2.51 -25.49 33.14
C ASN B 408 -2.25 -26.65 34.10
N GLN B 409 -1.40 -27.59 33.71
CA GLN B 409 -1.11 -28.72 34.58
C GLN B 409 -0.40 -28.24 35.83
N LYS B 410 0.67 -27.45 35.65
CA LYS B 410 1.43 -26.89 36.76
C LYS B 410 0.50 -26.09 37.68
N HIS B 411 -0.45 -25.41 37.06
CA HIS B 411 -1.45 -24.60 37.75
C HIS B 411 -2.40 -25.47 38.58
N LEU B 412 -3.01 -26.46 37.93
CA LEU B 412 -3.94 -27.34 38.62
C LEU B 412 -3.24 -28.20 39.68
N ASP B 413 -2.00 -28.59 39.40
CA ASP B 413 -1.25 -29.39 40.36
C ASP B 413 -1.13 -28.64 41.68
N ARG B 414 -0.90 -27.33 41.58
CA ARG B 414 -0.78 -26.49 42.78
C ARG B 414 -2.09 -26.46 43.55
N ILE B 415 -3.18 -26.30 42.81
CA ILE B 415 -4.51 -26.25 43.41
C ILE B 415 -4.92 -27.58 44.02
N VAL B 416 -4.59 -28.69 43.35
CA VAL B 416 -4.93 -30.02 43.86
C VAL B 416 -4.19 -30.27 45.16
N ALA B 417 -2.97 -29.77 45.26
CA ALA B 417 -2.13 -29.94 46.44
C ALA B 417 -2.65 -29.20 47.66
N LEU B 418 -3.26 -28.04 47.45
CA LEU B 418 -3.79 -27.25 48.55
C LEU B 418 -5.24 -27.55 48.89
N PHE B 419 -6.03 -27.92 47.90
CA PHE B 419 -7.44 -28.22 48.13
C PHE B 419 -7.84 -29.54 47.50
N PRO B 420 -7.32 -30.66 48.05
CA PRO B 420 -7.56 -32.03 47.60
C PRO B 420 -9.03 -32.44 47.40
N LYS B 421 -9.83 -32.35 48.45
CA LYS B 421 -11.23 -32.73 48.35
C LYS B 421 -12.03 -31.90 47.35
N ASP B 422 -11.63 -30.64 47.16
CA ASP B 422 -12.33 -29.74 46.24
C ASP B 422 -12.06 -30.00 44.78
N VAL B 423 -12.88 -30.88 44.19
CA VAL B 423 -12.75 -31.26 42.81
C VAL B 423 -13.24 -30.18 41.85
N ASP B 424 -14.44 -29.67 42.10
CA ASP B 424 -15.02 -28.65 41.25
C ASP B 424 -14.18 -27.38 41.16
N ARG B 425 -13.33 -27.14 42.15
CA ARG B 425 -12.48 -25.96 42.17
C ARG B 425 -11.49 -26.03 41.01
N LEU B 426 -11.01 -27.24 40.72
CA LEU B 426 -10.06 -27.44 39.64
C LEU B 426 -10.77 -27.18 38.32
N ARG B 427 -12.03 -27.57 38.26
CA ARG B 427 -12.81 -27.37 37.05
C ARG B 427 -13.02 -25.89 36.79
N ARG B 428 -13.25 -25.14 37.86
CA ARG B 428 -13.50 -23.70 37.75
C ARG B 428 -12.25 -22.86 37.54
N MET B 429 -11.08 -23.37 37.94
CA MET B 429 -9.83 -22.62 37.82
C MET B 429 -8.92 -22.99 36.65
N SER B 430 -9.33 -23.97 35.86
CA SER B 430 -8.57 -24.46 34.71
C SER B 430 -8.59 -23.48 33.55
N LEU B 431 -7.53 -23.48 32.76
CA LEU B 431 -7.47 -22.61 31.60
C LEU B 431 -8.32 -23.27 30.52
N ILE B 432 -8.68 -24.53 30.75
CA ILE B 432 -9.46 -25.28 29.76
C ILE B 432 -10.91 -25.53 30.18
N GLU B 433 -11.83 -25.28 29.24
CA GLU B 433 -13.26 -25.48 29.47
C GLU B 433 -13.73 -26.62 28.57
N GLU B 434 -14.27 -27.68 29.16
CA GLU B 434 -14.75 -28.82 28.40
C GLU B 434 -16.28 -28.86 28.29
N GLU B 435 -16.88 -27.69 28.10
CA GLU B 435 -18.34 -27.54 27.98
C GLU B 435 -18.75 -27.64 26.50
N GLY B 436 -19.17 -28.83 26.08
CA GLY B 436 -19.54 -29.04 24.69
C GLY B 436 -18.22 -29.29 23.99
N SER B 437 -17.62 -28.23 23.46
CA SER B 437 -16.32 -28.32 22.80
C SER B 437 -15.30 -27.75 23.78
N LYS B 438 -14.07 -28.28 23.73
CA LYS B 438 -13.03 -27.79 24.61
C LYS B 438 -12.48 -26.48 24.07
N ARG B 439 -12.29 -25.52 24.97
CA ARG B 439 -11.77 -24.23 24.58
C ARG B 439 -10.94 -23.62 25.70
N ILE B 440 -10.11 -22.65 25.34
CA ILE B 440 -9.23 -21.99 26.29
C ILE B 440 -9.87 -20.73 26.86
N ASN B 441 -9.88 -20.60 28.18
CA ASN B 441 -10.44 -19.41 28.82
C ASN B 441 -9.29 -18.42 28.88
N MET B 442 -9.20 -17.54 27.88
CA MET B 442 -8.09 -16.58 27.83
C MET B 442 -7.91 -15.74 29.10
N ALA B 443 -9.01 -15.39 29.76
CA ALA B 443 -8.89 -14.59 30.96
C ALA B 443 -8.08 -15.32 32.04
N HIS B 444 -8.28 -16.63 32.18
CA HIS B 444 -7.56 -17.41 33.19
C HIS B 444 -6.07 -17.51 32.84
N LEU B 445 -5.76 -17.58 31.55
CA LEU B 445 -4.36 -17.63 31.13
C LEU B 445 -3.68 -16.32 31.55
N CYS B 446 -4.40 -15.21 31.39
CA CYS B 446 -3.86 -13.89 31.74
C CYS B 446 -3.62 -13.76 33.24
N ILE B 447 -4.54 -14.28 34.03
CA ILE B 447 -4.36 -14.23 35.46
C ILE B 447 -3.11 -15.01 35.91
N VAL B 448 -2.98 -16.27 35.51
CA VAL B 448 -1.81 -17.05 35.96
C VAL B 448 -0.49 -16.62 35.36
N GLY B 449 -0.52 -15.95 34.23
CA GLY B 449 0.73 -15.52 33.61
C GLY B 449 1.16 -14.14 34.04
N SER B 450 0.32 -13.46 34.81
CA SER B 450 0.63 -12.09 35.26
C SER B 450 0.86 -11.98 36.77
N HIS B 451 1.58 -10.94 37.19
CA HIS B 451 1.84 -10.74 38.60
C HIS B 451 0.84 -9.74 39.17
N ALA B 452 0.08 -9.11 38.27
CA ALA B 452 -0.93 -8.13 38.66
C ALA B 452 -2.07 -8.11 37.65
N VAL B 453 -3.29 -8.07 38.18
CA VAL B 453 -4.50 -8.05 37.38
C VAL B 453 -5.32 -6.86 37.88
N ASN B 454 -5.79 -6.00 36.99
CA ASN B 454 -6.57 -4.86 37.45
C ASN B 454 -7.87 -4.63 36.71
N GLY B 455 -8.82 -4.00 37.42
CA GLY B 455 -10.08 -3.64 36.83
C GLY B 455 -9.94 -2.16 36.49
N VAL B 456 -10.98 -1.54 35.94
CA VAL B 456 -10.87 -0.15 35.55
C VAL B 456 -11.72 0.86 36.32
N ALA B 457 -12.34 0.42 37.39
CA ALA B 457 -13.14 1.30 38.24
C ALA B 457 -13.41 0.53 39.53
N LYS B 458 -13.45 1.22 40.66
CA LYS B 458 -13.68 0.57 41.95
C LYS B 458 -14.70 -0.56 41.92
N ILE B 459 -15.92 -0.21 41.52
CA ILE B 459 -17.02 -1.17 41.49
C ILE B 459 -16.72 -2.38 40.61
N HIS B 460 -16.05 -2.13 39.49
CA HIS B 460 -15.71 -3.20 38.55
C HIS B 460 -14.58 -4.08 39.05
N SER B 461 -13.53 -3.45 39.59
CA SER B 461 -12.40 -4.20 40.11
C SER B 461 -12.83 -5.08 41.28
N ASP B 462 -13.78 -4.59 42.07
CA ASP B 462 -14.29 -5.36 43.21
C ASP B 462 -14.98 -6.62 42.72
N ILE B 463 -15.82 -6.47 41.68
CA ILE B 463 -16.54 -7.59 41.09
C ILE B 463 -15.59 -8.60 40.45
N VAL B 464 -14.55 -8.08 39.83
CA VAL B 464 -13.57 -8.93 39.18
C VAL B 464 -12.84 -9.74 40.23
N LYS B 465 -12.35 -9.07 41.25
CA LYS B 465 -11.61 -9.71 42.33
C LYS B 465 -12.39 -10.70 43.21
N THR B 466 -13.50 -10.24 43.79
CA THR B 466 -14.28 -11.09 44.71
C THR B 466 -15.42 -11.95 44.15
N LYS B 467 -15.93 -11.61 42.97
CA LYS B 467 -17.00 -12.42 42.41
C LYS B 467 -16.53 -13.28 41.27
N VAL B 468 -16.17 -12.65 40.16
CA VAL B 468 -15.74 -13.38 38.98
C VAL B 468 -14.52 -14.31 39.15
N PHE B 469 -13.47 -13.81 39.79
CA PHE B 469 -12.27 -14.60 39.98
C PHE B 469 -11.94 -14.86 41.45
N LYS B 470 -12.99 -15.03 42.24
CA LYS B 470 -12.87 -15.32 43.66
C LYS B 470 -11.87 -16.45 43.92
N ASP B 471 -11.97 -17.51 43.13
CA ASP B 471 -11.06 -18.66 43.28
C ASP B 471 -9.59 -18.25 43.17
N PHE B 472 -9.30 -17.27 42.30
CA PHE B 472 -7.92 -16.84 42.12
C PHE B 472 -7.50 -15.80 43.15
N SER B 473 -8.33 -14.79 43.35
CA SER B 473 -8.01 -13.74 44.31
C SER B 473 -7.82 -14.28 45.73
N GLU B 474 -8.54 -15.35 46.07
CA GLU B 474 -8.39 -15.92 47.40
C GLU B 474 -6.97 -16.44 47.58
N LEU B 475 -6.45 -17.11 46.56
CA LEU B 475 -5.09 -17.65 46.63
C LEU B 475 -4.05 -16.53 46.64
N GLU B 476 -4.21 -15.57 45.74
CA GLU B 476 -3.27 -14.44 45.65
C GLU B 476 -4.00 -13.11 45.76
N PRO B 477 -4.43 -12.74 46.98
CA PRO B 477 -5.16 -11.49 47.25
C PRO B 477 -4.39 -10.23 46.80
N ASP B 478 -3.07 -10.26 46.93
CA ASP B 478 -2.28 -9.10 46.54
C ASP B 478 -2.18 -8.88 45.03
N LYS B 479 -2.52 -9.92 44.25
CA LYS B 479 -2.46 -9.84 42.79
C LYS B 479 -3.48 -8.85 42.18
N PHE B 480 -4.72 -8.94 42.62
CA PHE B 480 -5.77 -8.07 42.10
C PHE B 480 -5.74 -6.66 42.63
N GLN B 481 -5.93 -5.72 41.70
CA GLN B 481 -5.90 -4.28 42.01
C GLN B 481 -6.99 -3.56 41.22
N ASN B 482 -7.08 -2.25 41.46
CA ASN B 482 -7.99 -1.38 40.73
C ASN B 482 -7.15 -0.22 40.22
N LYS B 483 -7.54 0.32 39.08
CA LYS B 483 -6.86 1.46 38.48
C LYS B 483 -7.97 2.18 37.74
N THR B 484 -8.63 3.10 38.42
CA THR B 484 -9.74 3.82 37.80
C THR B 484 -9.28 4.53 36.53
N ASN B 485 -10.02 4.32 35.45
CA ASN B 485 -9.71 4.94 34.16
C ASN B 485 -9.62 6.45 34.23
N GLY B 486 -9.11 7.02 33.16
CA GLY B 486 -8.97 8.46 33.06
C GLY B 486 -8.91 8.88 31.59
N ILE B 487 -8.91 10.20 31.37
CA ILE B 487 -8.87 10.78 30.05
C ILE B 487 -7.77 11.85 30.07
N THR B 488 -7.18 12.17 28.92
CA THR B 488 -6.12 13.18 28.93
C THR B 488 -6.69 14.60 28.81
N PRO B 489 -6.29 15.49 29.73
CA PRO B 489 -6.73 16.89 29.77
C PRO B 489 -6.31 17.66 28.54
N ARG B 490 -5.35 17.13 27.79
CA ARG B 490 -4.91 17.82 26.59
C ARG B 490 -5.97 17.70 25.50
N ARG B 491 -6.09 16.53 24.90
CA ARG B 491 -7.11 16.35 23.88
C ARG B 491 -8.55 16.67 24.35
N TRP B 492 -8.87 16.25 25.58
CA TRP B 492 -10.23 16.44 26.09
C TRP B 492 -10.58 17.70 26.86
N LEU B 493 -9.74 18.73 26.73
CA LEU B 493 -10.04 20.02 27.39
C LEU B 493 -9.37 21.11 26.59
N LEU B 494 -8.04 21.14 26.66
CA LEU B 494 -7.24 22.12 25.94
C LEU B 494 -7.50 22.15 24.43
N LEU B 495 -7.51 20.97 23.80
CA LEU B 495 -7.73 20.93 22.37
C LEU B 495 -9.17 21.11 22.00
N CYS B 496 -10.03 20.23 22.48
CA CYS B 496 -11.45 20.28 22.13
C CYS B 496 -12.26 21.46 22.67
N ASN B 497 -11.83 22.07 23.77
CA ASN B 497 -12.59 23.18 24.33
C ASN B 497 -11.64 24.32 24.72
N PRO B 498 -11.09 25.02 23.72
CA PRO B 498 -10.16 26.12 24.03
C PRO B 498 -10.79 27.21 24.89
N GLY B 499 -12.08 27.49 24.65
CA GLY B 499 -12.77 28.49 25.44
C GLY B 499 -12.76 28.16 26.93
N LEU B 500 -13.10 26.93 27.28
CA LEU B 500 -13.12 26.53 28.70
C LEU B 500 -11.73 26.57 29.32
N ALA B 501 -10.76 25.97 28.64
CA ALA B 501 -9.39 25.93 29.16
C ALA B 501 -8.86 27.32 29.44
N GLU B 502 -9.17 28.26 28.56
CA GLU B 502 -8.72 29.64 28.74
C GLU B 502 -9.36 30.28 29.98
N LEU B 503 -10.67 30.12 30.11
CA LEU B 503 -11.41 30.67 31.24
C LEU B 503 -10.82 30.15 32.54
N ILE B 504 -10.58 28.84 32.61
CA ILE B 504 -10.00 28.22 33.78
C ILE B 504 -8.60 28.77 34.05
N ALA B 505 -7.76 28.84 33.01
CA ALA B 505 -6.40 29.33 33.17
C ALA B 505 -6.39 30.77 33.63
N GLU B 506 -7.37 31.55 33.15
CA GLU B 506 -7.50 32.95 33.51
C GLU B 506 -7.72 33.09 35.00
N LYS B 507 -8.48 32.16 35.56
CA LYS B 507 -8.79 32.18 36.97
C LYS B 507 -7.86 31.45 37.93
N ILE B 508 -7.29 30.32 37.52
CA ILE B 508 -6.42 29.57 38.43
C ILE B 508 -5.04 29.18 37.90
N GLY B 509 -4.63 29.76 36.78
CA GLY B 509 -3.33 29.41 36.24
C GLY B 509 -3.37 28.21 35.34
N GLU B 510 -2.23 27.89 34.73
CA GLU B 510 -2.14 26.78 33.80
C GLU B 510 -1.60 25.47 34.37
N ASP B 511 -1.22 25.49 35.63
CA ASP B 511 -0.69 24.30 36.27
C ASP B 511 -1.65 23.10 36.20
N TYR B 512 -2.94 23.37 36.10
CA TYR B 512 -3.93 22.29 36.06
C TYR B 512 -3.78 21.34 34.87
N VAL B 513 -3.20 21.82 33.78
CA VAL B 513 -3.00 20.98 32.60
C VAL B 513 -2.17 19.71 32.94
N LYS B 514 -1.10 19.89 33.69
CA LYS B 514 -0.24 18.77 34.08
C LYS B 514 -0.63 18.13 35.42
N ASP B 515 -1.50 18.81 36.17
CA ASP B 515 -2.01 18.32 37.44
C ASP B 515 -3.46 18.79 37.60
N LEU B 516 -4.36 18.05 36.96
CA LEU B 516 -5.78 18.36 36.96
C LEU B 516 -6.42 18.49 38.35
N SER B 517 -5.80 17.92 39.38
CA SER B 517 -6.36 18.03 40.72
C SER B 517 -6.46 19.51 41.06
N GLN B 518 -5.68 20.31 40.36
CA GLN B 518 -5.66 21.76 40.52
C GLN B 518 -7.03 22.40 40.30
N LEU B 519 -7.90 21.72 39.57
CA LEU B 519 -9.23 22.26 39.29
C LEU B 519 -10.07 22.59 40.53
N THR B 520 -9.74 21.99 41.67
CA THR B 520 -10.50 22.24 42.89
C THR B 520 -10.39 23.71 43.29
N LYS B 521 -9.41 24.42 42.75
CA LYS B 521 -9.24 25.84 43.05
C LYS B 521 -10.44 26.59 42.49
N LEU B 522 -11.14 25.96 41.54
CA LEU B 522 -12.30 26.60 40.94
C LEU B 522 -13.43 26.78 41.95
N HIS B 523 -13.27 26.21 43.14
CA HIS B 523 -14.30 26.32 44.17
C HIS B 523 -14.49 27.75 44.68
N SER B 524 -13.37 28.46 44.79
CA SER B 524 -13.37 29.83 45.27
C SER B 524 -14.32 30.73 44.51
N PHE B 525 -14.73 30.32 43.31
CA PHE B 525 -15.62 31.12 42.50
C PHE B 525 -17.06 30.66 42.56
N LEU B 526 -17.37 29.76 43.48
CA LEU B 526 -18.73 29.23 43.60
C LEU B 526 -19.84 30.28 43.74
N GLY B 527 -19.54 31.38 44.41
CA GLY B 527 -20.54 32.42 44.57
C GLY B 527 -20.32 33.58 43.60
N ASP B 528 -19.30 33.46 42.76
CA ASP B 528 -18.94 34.49 41.78
C ASP B 528 -19.86 34.44 40.56
N ASP B 529 -20.86 35.33 40.55
CA ASP B 529 -21.83 35.41 39.47
C ASP B 529 -21.22 35.77 38.10
N VAL B 530 -20.20 36.62 38.09
CA VAL B 530 -19.58 37.00 36.83
C VAL B 530 -18.85 35.80 36.21
N PHE B 531 -18.23 34.99 37.07
CA PHE B 531 -17.51 33.80 36.61
C PHE B 531 -18.51 32.79 36.09
N LEU B 532 -19.59 32.58 36.84
CA LEU B 532 -20.63 31.63 36.46
C LEU B 532 -21.27 31.98 35.12
N ARG B 533 -21.39 33.28 34.84
CA ARG B 533 -21.97 33.73 33.58
C ARG B 533 -20.93 33.61 32.48
N GLU B 534 -19.64 33.66 32.85
CA GLU B 534 -18.55 33.51 31.89
C GLU B 534 -18.50 32.02 31.54
N LEU B 535 -18.71 31.18 32.55
CA LEU B 535 -18.73 29.74 32.35
C LEU B 535 -19.88 29.42 31.42
N ALA B 536 -21.05 30.00 31.70
CA ALA B 536 -22.22 29.77 30.86
C ALA B 536 -22.06 30.32 29.43
N LYS B 537 -21.24 31.33 29.24
CA LYS B 537 -21.03 31.89 27.91
C LYS B 537 -20.14 30.97 27.06
N VAL B 538 -19.16 30.34 27.70
CA VAL B 538 -18.27 29.43 26.97
C VAL B 538 -19.12 28.30 26.41
N LYS B 539 -19.96 27.71 27.27
CA LYS B 539 -20.83 26.61 26.89
C LYS B 539 -21.79 27.09 25.80
N GLN B 540 -22.22 28.34 25.91
CA GLN B 540 -23.14 28.92 24.92
C GLN B 540 -22.47 29.00 23.55
N GLU B 541 -21.22 29.43 23.51
CA GLU B 541 -20.48 29.51 22.25
C GLU B 541 -20.18 28.11 21.67
N ASN B 542 -19.97 27.12 22.53
CA ASN B 542 -19.73 25.77 22.02
C ASN B 542 -20.99 25.30 21.31
N LYS B 543 -22.14 25.52 21.95
CA LYS B 543 -23.43 25.13 21.41
C LYS B 543 -23.68 25.81 20.06
N LEU B 544 -23.39 27.11 19.97
CA LEU B 544 -23.61 27.83 18.71
C LEU B 544 -22.72 27.25 17.62
N LYS B 545 -21.44 27.09 17.93
CA LYS B 545 -20.52 26.53 16.95
C LYS B 545 -21.02 25.16 16.49
N PHE B 546 -21.40 24.30 17.44
CA PHE B 546 -21.89 22.97 17.08
C PHE B 546 -23.26 23.03 16.39
N SER B 547 -24.06 24.05 16.68
CA SER B 547 -25.37 24.17 16.04
C SER B 547 -25.15 24.40 14.57
N GLN B 548 -24.15 25.22 14.25
CA GLN B 548 -23.82 25.50 12.87
C GLN B 548 -23.55 24.15 12.21
N PHE B 549 -22.85 23.28 12.92
CA PHE B 549 -22.52 21.95 12.43
C PHE B 549 -23.78 21.14 12.10
N LEU B 550 -24.67 21.00 13.08
CA LEU B 550 -25.91 20.23 12.93
C LEU B 550 -26.87 20.71 11.86
N GLU B 551 -26.90 22.02 11.59
CA GLU B 551 -27.83 22.51 10.60
C GLU B 551 -27.32 22.33 9.18
N THR B 552 -26.01 22.41 8.98
CA THR B 552 -25.47 22.22 7.63
C THR B 552 -25.39 20.71 7.37
N GLU B 553 -25.07 19.95 8.41
CA GLU B 553 -24.98 18.50 8.30
C GLU B 553 -26.34 17.84 8.23
N TYR B 554 -27.31 18.39 8.96
CA TYR B 554 -28.66 17.82 8.98
C TYR B 554 -29.74 18.84 8.63
N LYS B 555 -30.88 18.33 8.15
CA LYS B 555 -32.01 19.17 7.78
C LYS B 555 -32.36 20.12 8.92
N VAL B 556 -33.11 19.59 9.88
CA VAL B 556 -33.56 20.28 11.09
C VAL B 556 -32.93 21.62 11.48
N LYS B 557 -33.77 22.44 12.11
CA LYS B 557 -33.37 23.76 12.61
C LYS B 557 -33.22 23.56 14.13
N ILE B 558 -32.10 23.99 14.68
CA ILE B 558 -31.86 23.82 16.11
C ILE B 558 -32.13 25.06 16.98
N ASN B 559 -32.66 24.84 18.17
CA ASN B 559 -32.91 25.91 19.11
C ASN B 559 -31.62 26.02 19.91
N PRO B 560 -30.74 26.99 19.56
CA PRO B 560 -29.46 27.20 20.22
C PRO B 560 -29.55 27.44 21.73
N SER B 561 -30.73 27.80 22.21
CA SER B 561 -30.93 28.04 23.63
C SER B 561 -31.59 26.84 24.32
N SER B 562 -31.89 25.79 23.55
CA SER B 562 -32.48 24.60 24.13
C SER B 562 -31.37 23.91 24.93
N MET B 563 -31.76 22.94 25.74
CA MET B 563 -30.81 22.18 26.54
C MET B 563 -30.30 21.05 25.63
N PHE B 564 -28.99 20.92 25.50
CA PHE B 564 -28.42 19.85 24.68
C PHE B 564 -28.30 18.56 25.51
N ASP B 565 -29.20 17.63 25.24
CA ASP B 565 -29.29 16.32 25.91
C ASP B 565 -28.53 15.33 25.01
N VAL B 566 -27.38 14.86 25.47
CA VAL B 566 -26.59 13.95 24.62
C VAL B 566 -26.15 12.58 25.14
N GLN B 567 -26.34 11.60 24.27
CA GLN B 567 -25.91 10.23 24.56
C GLN B 567 -25.13 9.73 23.35
N VAL B 568 -23.79 9.79 23.43
CA VAL B 568 -22.91 9.32 22.36
C VAL B 568 -21.94 8.28 22.90
N LYS B 569 -22.02 7.08 22.33
CA LYS B 569 -21.21 5.93 22.71
C LYS B 569 -21.68 4.84 21.75
N ARG B 570 -21.02 3.68 21.77
CA ARG B 570 -21.42 2.60 20.88
C ARG B 570 -22.82 2.11 21.22
N ILE B 571 -23.62 1.81 20.20
CA ILE B 571 -24.99 1.31 20.42
C ILE B 571 -24.90 -0.07 21.06
N HIS B 572 -25.51 -0.21 22.24
CA HIS B 572 -25.52 -1.45 23.03
C HIS B 572 -26.83 -1.56 23.80
N GLU B 573 -27.36 -2.77 23.97
CA GLU B 573 -28.58 -2.90 24.76
C GLU B 573 -28.23 -2.54 26.21
N TYR B 574 -27.01 -2.89 26.62
CA TYR B 574 -26.59 -2.61 28.00
C TYR B 574 -26.34 -1.14 28.29
N LYS B 575 -26.05 -0.34 27.26
CA LYS B 575 -25.79 1.09 27.45
C LYS B 575 -27.13 1.84 27.39
N ARG B 576 -28.14 1.15 26.87
CA ARG B 576 -29.52 1.63 26.79
C ARG B 576 -29.92 2.95 26.12
N GLN B 577 -29.53 3.17 24.86
CA GLN B 577 -30.01 4.40 24.26
C GLN B 577 -31.49 4.13 24.01
N LEU B 578 -31.90 2.88 24.16
CA LEU B 578 -33.29 2.48 23.98
C LEU B 578 -34.12 3.11 25.09
N LEU B 579 -33.64 3.01 26.31
CA LEU B 579 -34.31 3.61 27.46
C LEU B 579 -34.44 5.10 27.19
N ASN B 580 -33.39 5.67 26.61
CA ASN B 580 -33.37 7.10 26.28
C ASN B 580 -34.47 7.36 25.25
N CYS B 581 -34.57 6.47 24.27
CA CYS B 581 -35.58 6.60 23.21
C CYS B 581 -36.98 6.53 23.81
N LEU B 582 -37.14 5.76 24.87
CA LEU B 582 -38.44 5.65 25.53
C LEU B 582 -38.82 6.99 26.13
N HIS B 583 -37.82 7.71 26.66
CA HIS B 583 -38.02 9.03 27.26
C HIS B 583 -38.35 10.11 26.23
N VAL B 584 -37.68 10.06 25.08
CA VAL B 584 -37.92 11.05 24.03
C VAL B 584 -39.36 10.99 23.58
N ILE B 585 -39.86 9.77 23.44
CA ILE B 585 -41.23 9.54 23.00
C ILE B 585 -42.20 10.04 24.06
N THR B 586 -41.81 9.85 25.32
CA THR B 586 -42.59 10.30 26.46
C THR B 586 -42.72 11.82 26.39
N MET B 587 -41.60 12.53 26.24
CA MET B 587 -41.64 13.98 26.14
C MET B 587 -42.50 14.41 24.96
N TYR B 588 -42.43 13.64 23.87
CA TYR B 588 -43.21 13.91 22.66
C TYR B 588 -44.70 13.90 22.95
N ASN B 589 -45.20 12.76 23.40
CA ASN B 589 -46.62 12.64 23.73
C ASN B 589 -47.04 13.79 24.64
N ARG B 590 -46.29 14.02 25.72
CA ARG B 590 -46.62 15.09 26.65
C ARG B 590 -46.88 16.45 25.99
N ILE B 591 -46.09 16.80 24.99
CA ILE B 591 -46.26 18.06 24.29
C ILE B 591 -47.55 18.00 23.48
N LYS B 592 -47.78 16.87 22.83
CA LYS B 592 -48.96 16.67 22.01
C LYS B 592 -50.19 16.74 22.90
N LYS B 593 -50.03 16.33 24.14
CA LYS B 593 -51.10 16.34 25.12
C LYS B 593 -51.40 17.80 25.45
N ASP B 594 -50.49 18.45 26.17
CA ASP B 594 -50.68 19.84 26.52
C ASP B 594 -49.67 20.72 25.79
N PRO B 595 -50.03 21.15 24.58
CA PRO B 595 -49.21 22.00 23.69
C PRO B 595 -48.61 23.25 24.32
N LYS B 596 -49.45 24.06 24.96
CA LYS B 596 -49.00 25.31 25.56
C LYS B 596 -48.34 25.18 26.93
N LYS B 597 -48.12 23.95 27.39
CA LYS B 597 -47.48 23.75 28.69
C LYS B 597 -46.05 24.28 28.69
N LEU B 598 -45.63 24.88 29.81
CA LEU B 598 -44.27 25.42 29.93
C LEU B 598 -43.24 24.29 29.94
N PHE B 599 -42.59 24.12 28.80
CA PHE B 599 -41.61 23.05 28.61
C PHE B 599 -40.24 23.58 28.27
N VAL B 600 -39.25 23.25 29.10
CA VAL B 600 -37.88 23.66 28.83
C VAL B 600 -37.54 22.96 27.51
N PRO B 601 -37.16 23.72 26.49
CA PRO B 601 -36.82 23.13 25.20
C PRO B 601 -35.56 22.27 25.24
N ARG B 602 -35.55 21.21 24.43
CA ARG B 602 -34.39 20.33 24.34
C ARG B 602 -34.00 19.95 22.91
N THR B 603 -32.71 19.72 22.70
CA THR B 603 -32.21 19.24 21.42
C THR B 603 -31.59 17.95 21.91
N VAL B 604 -32.25 16.84 21.61
CA VAL B 604 -31.75 15.54 22.06
C VAL B 604 -30.86 14.91 20.98
N ILE B 605 -29.65 14.55 21.37
CA ILE B 605 -28.72 13.94 20.43
C ILE B 605 -28.26 12.57 20.91
N ILE B 606 -28.42 11.58 20.04
CA ILE B 606 -27.99 10.23 20.32
C ILE B 606 -27.13 9.79 19.12
N GLY B 607 -25.90 9.37 19.39
CA GLY B 607 -25.02 8.97 18.30
C GLY B 607 -24.10 7.83 18.70
N GLY B 608 -23.80 6.96 17.74
CA GLY B 608 -22.93 5.82 17.99
C GLY B 608 -23.02 4.82 16.87
N LYS B 609 -22.02 3.97 16.78
CA LYS B 609 -21.99 2.93 15.75
C LYS B 609 -22.40 1.59 16.35
N ALA B 610 -23.07 0.76 15.56
CA ALA B 610 -23.44 -0.56 16.05
C ALA B 610 -22.51 -1.53 15.35
N ALA B 611 -22.13 -2.62 16.00
CA ALA B 611 -21.27 -3.58 15.32
C ALA B 611 -22.16 -4.08 14.16
N PRO B 612 -21.54 -4.48 13.04
CA PRO B 612 -22.29 -4.97 11.87
C PRO B 612 -23.24 -6.14 12.10
N GLY B 613 -22.85 -7.10 12.92
CA GLY B 613 -23.70 -8.23 13.17
C GLY B 613 -24.73 -8.06 14.31
N TYR B 614 -24.64 -6.96 15.06
CA TYR B 614 -25.55 -6.71 16.18
C TYR B 614 -26.94 -6.25 15.72
N HIS B 615 -27.81 -7.21 15.45
CA HIS B 615 -29.16 -6.93 14.99
C HIS B 615 -29.99 -6.01 15.88
N MET B 616 -29.98 -6.24 17.19
CA MET B 616 -30.78 -5.40 18.08
C MET B 616 -30.29 -3.96 18.07
N ALA B 617 -28.96 -3.78 18.06
CA ALA B 617 -28.37 -2.45 18.04
C ALA B 617 -28.82 -1.72 16.77
N LYS B 618 -28.84 -2.45 15.66
CA LYS B 618 -29.26 -1.88 14.40
C LYS B 618 -30.75 -1.54 14.41
N MET B 619 -31.54 -2.36 15.10
CA MET B 619 -32.99 -2.10 15.19
C MET B 619 -33.20 -0.84 16.04
N ILE B 620 -32.44 -0.72 17.11
CA ILE B 620 -32.55 0.44 17.97
C ILE B 620 -32.17 1.74 17.25
N ILE B 621 -31.21 1.67 16.33
CA ILE B 621 -30.83 2.87 15.58
C ILE B 621 -32.02 3.30 14.72
N LYS B 622 -32.58 2.34 13.97
CA LYS B 622 -33.73 2.60 13.11
C LYS B 622 -34.88 3.16 13.95
N LEU B 623 -35.08 2.60 15.14
CA LEU B 623 -36.15 3.06 16.01
C LEU B 623 -35.92 4.52 16.36
N ILE B 624 -34.65 4.88 16.58
CA ILE B 624 -34.34 6.27 16.93
C ILE B 624 -34.49 7.23 15.75
N THR B 625 -34.06 6.83 14.55
CA THR B 625 -34.21 7.75 13.42
C THR B 625 -35.69 7.93 13.05
N SER B 626 -36.48 6.87 13.26
CA SER B 626 -37.93 6.89 13.02
C SER B 626 -38.60 7.91 13.95
N VAL B 627 -38.34 7.77 15.25
CA VAL B 627 -38.88 8.67 16.25
C VAL B 627 -38.54 10.11 15.91
N ALA B 628 -37.26 10.37 15.66
CA ALA B 628 -36.82 11.71 15.32
C ALA B 628 -37.63 12.26 14.15
N ASP B 629 -37.81 11.46 13.11
CA ASP B 629 -38.55 11.91 11.94
C ASP B 629 -39.94 12.41 12.30
N VAL B 630 -40.58 11.71 13.24
CA VAL B 630 -41.91 12.11 13.67
C VAL B 630 -41.86 13.37 14.52
N VAL B 631 -40.97 13.38 15.51
CA VAL B 631 -40.85 14.53 16.39
C VAL B 631 -40.44 15.81 15.66
N ASN B 632 -39.35 15.75 14.91
CA ASN B 632 -38.84 16.92 14.19
C ASN B 632 -39.79 17.52 13.16
N ASN B 633 -40.72 16.72 12.67
CA ASN B 633 -41.65 17.22 11.66
C ASN B 633 -43.08 17.37 12.15
N ASP B 634 -43.25 17.42 13.46
CA ASP B 634 -44.58 17.58 14.03
C ASP B 634 -44.73 19.06 14.40
N PRO B 635 -45.66 19.76 13.73
CA PRO B 635 -45.97 21.19 13.91
C PRO B 635 -46.34 21.63 15.32
N MET B 636 -46.96 20.74 16.09
CA MET B 636 -47.35 21.09 17.45
C MET B 636 -46.15 21.16 18.39
N VAL B 637 -45.09 20.42 18.10
CA VAL B 637 -43.90 20.45 18.95
C VAL B 637 -42.92 21.51 18.43
N GLY B 638 -42.73 21.54 17.11
CA GLY B 638 -41.84 22.51 16.51
C GLY B 638 -40.50 22.67 17.21
N SER B 639 -40.13 23.92 17.51
CA SER B 639 -38.85 24.21 18.15
C SER B 639 -38.75 23.77 19.60
N LYS B 640 -39.78 23.10 20.11
CA LYS B 640 -39.77 22.64 21.49
C LYS B 640 -38.83 21.46 21.71
N LEU B 641 -38.91 20.47 20.81
CA LEU B 641 -38.09 19.28 20.91
C LEU B 641 -37.58 18.82 19.55
N LYS B 642 -36.27 18.65 19.43
CA LYS B 642 -35.65 18.19 18.20
C LYS B 642 -34.75 16.99 18.53
N VAL B 643 -34.82 15.96 17.70
CA VAL B 643 -34.03 14.76 17.92
C VAL B 643 -33.04 14.56 16.78
N ILE B 644 -31.80 14.26 17.12
CA ILE B 644 -30.77 14.07 16.11
C ILE B 644 -30.00 12.78 16.34
N PHE B 645 -29.80 12.02 15.27
CA PHE B 645 -28.97 10.83 15.39
C PHE B 645 -27.67 11.28 14.75
N LEU B 646 -26.68 11.56 15.58
CA LEU B 646 -25.38 12.03 15.14
C LEU B 646 -24.64 10.87 14.51
N GLU B 647 -24.63 10.82 13.18
CA GLU B 647 -23.96 9.72 12.50
C GLU B 647 -22.43 9.80 12.48
N ASN B 648 -21.81 8.63 12.35
CA ASN B 648 -20.37 8.48 12.30
C ASN B 648 -19.73 9.06 13.55
N TYR B 649 -20.22 8.65 14.71
CA TYR B 649 -19.63 9.13 15.96
C TYR B 649 -18.22 8.53 15.98
N ARG B 650 -17.24 9.38 16.26
CA ARG B 650 -15.84 9.00 16.28
C ARG B 650 -15.06 10.04 17.12
N VAL B 651 -13.77 9.80 17.33
CA VAL B 651 -12.98 10.72 18.16
C VAL B 651 -13.03 12.19 17.76
N SER B 652 -12.78 12.51 16.50
CA SER B 652 -12.79 13.91 16.08
C SER B 652 -14.16 14.55 16.26
N LEU B 653 -15.22 13.76 16.11
CA LEU B 653 -16.57 14.26 16.27
C LEU B 653 -16.97 14.37 17.76
N ALA B 654 -16.30 13.58 18.60
CA ALA B 654 -16.56 13.60 20.03
C ALA B 654 -16.06 14.95 20.56
N GLU B 655 -14.93 15.36 20.01
CA GLU B 655 -14.30 16.63 20.37
C GLU B 655 -15.19 17.82 20.09
N LYS B 656 -16.18 17.67 19.21
CA LYS B 656 -17.09 18.76 18.86
C LYS B 656 -18.34 18.80 19.74
N VAL B 657 -19.08 17.69 19.77
CA VAL B 657 -20.33 17.60 20.50
C VAL B 657 -20.17 17.63 22.02
N ILE B 658 -19.13 17.01 22.55
CA ILE B 658 -18.96 16.97 23.99
C ILE B 658 -18.87 18.36 24.63
N PRO B 659 -18.08 19.28 24.04
CA PRO B 659 -17.99 20.60 24.67
C PRO B 659 -19.28 21.41 24.56
N ALA B 660 -20.16 20.99 23.65
CA ALA B 660 -21.43 21.68 23.43
C ALA B 660 -22.56 21.09 24.26
N THR B 661 -22.25 20.06 25.05
CA THR B 661 -23.28 19.38 25.83
C THR B 661 -23.64 19.92 27.20
N ASP B 662 -24.94 19.92 27.49
CA ASP B 662 -25.45 20.40 28.79
C ASP B 662 -25.73 19.19 29.68
N LEU B 663 -26.33 18.16 29.10
CA LEU B 663 -26.69 16.97 29.85
C LEU B 663 -26.12 15.69 29.20
N SER B 664 -25.27 15.00 29.97
CA SER B 664 -24.57 13.78 29.56
C SER B 664 -25.27 12.50 30.02
N GLU B 665 -25.74 11.70 29.07
CA GLU B 665 -26.45 10.46 29.37
C GLU B 665 -25.52 9.28 29.62
N GLN B 666 -25.46 8.82 30.86
CA GLN B 666 -24.62 7.69 31.21
C GLN B 666 -25.56 6.72 31.92
N ILE B 667 -26.45 6.10 31.14
CA ILE B 667 -27.49 5.25 31.71
C ILE B 667 -27.47 3.72 31.61
N SER B 668 -26.30 3.14 31.47
CA SER B 668 -26.19 1.68 31.40
C SER B 668 -26.78 1.04 32.67
N THR B 669 -27.18 -0.23 32.58
CA THR B 669 -27.71 -0.94 33.72
C THR B 669 -26.58 -1.05 34.74
N ALA B 670 -26.89 -0.93 36.02
CA ALA B 670 -25.86 -1.02 37.06
C ALA B 670 -25.16 -2.36 36.96
N GLY B 671 -23.84 -2.31 36.93
CA GLY B 671 -23.04 -3.52 36.85
C GLY B 671 -22.54 -3.86 35.46
N THR B 672 -23.03 -3.16 34.45
CA THR B 672 -22.64 -3.46 33.07
C THR B 672 -21.46 -2.68 32.51
N GLU B 673 -21.40 -1.39 32.80
CA GLU B 673 -20.33 -0.52 32.31
C GLU B 673 -19.16 -0.61 33.27
N ALA B 674 -18.14 -1.38 32.89
CA ALA B 674 -16.97 -1.57 33.74
C ALA B 674 -16.42 -0.25 34.28
N SER B 675 -16.40 0.78 33.45
CA SER B 675 -15.90 2.05 33.89
C SER B 675 -16.54 3.21 33.14
N GLY B 676 -16.20 3.32 31.87
CA GLY B 676 -16.72 4.42 31.07
C GLY B 676 -15.66 5.51 31.11
N THR B 677 -15.58 6.30 30.05
CA THR B 677 -14.62 7.38 29.98
C THR B 677 -15.34 8.58 29.34
N GLY B 678 -16.40 8.27 28.61
CA GLY B 678 -17.17 9.34 27.98
C GLY B 678 -17.77 10.15 29.12
N ASN B 679 -18.17 9.47 30.19
CA ASN B 679 -18.74 10.17 31.35
C ASN B 679 -17.77 11.21 31.88
N MET B 680 -16.48 10.88 31.89
CA MET B 680 -15.45 11.80 32.37
C MET B 680 -15.25 13.01 31.43
N LYS B 681 -15.25 12.76 30.12
CA LYS B 681 -15.06 13.85 29.17
C LYS B 681 -16.16 14.89 29.37
N PHE B 682 -17.41 14.45 29.43
CA PHE B 682 -18.54 15.36 29.64
C PHE B 682 -18.43 16.15 30.95
N MET B 683 -17.95 15.50 32.01
CA MET B 683 -17.79 16.16 33.31
C MET B 683 -16.74 17.23 33.27
N LEU B 684 -15.63 16.93 32.61
CA LEU B 684 -14.54 17.89 32.50
C LEU B 684 -14.94 19.08 31.60
N ASN B 685 -15.89 18.87 30.69
CA ASN B 685 -16.30 19.93 29.77
C ASN B 685 -17.57 20.73 30.08
N GLY B 686 -18.05 20.66 31.33
CA GLY B 686 -19.20 21.47 31.71
C GLY B 686 -20.60 20.95 31.44
N ALA B 687 -20.78 19.64 31.54
CA ALA B 687 -22.11 19.08 31.33
C ALA B 687 -22.53 18.42 32.63
N LEU B 688 -23.83 18.37 32.88
CA LEU B 688 -24.28 17.69 34.10
C LEU B 688 -24.60 16.28 33.65
N THR B 689 -24.40 15.32 34.55
CA THR B 689 -24.62 13.91 34.25
C THR B 689 -25.91 13.28 34.80
N ILE B 690 -26.65 12.59 33.93
CA ILE B 690 -27.81 11.86 34.39
C ILE B 690 -27.38 10.43 34.15
N GLY B 691 -27.35 9.63 35.22
CA GLY B 691 -26.95 8.25 35.05
C GLY B 691 -27.14 7.35 36.27
N THR B 692 -26.75 6.10 36.09
CA THR B 692 -26.86 5.12 37.14
C THR B 692 -25.57 5.05 37.97
N MET B 693 -25.64 4.31 39.05
CA MET B 693 -24.49 4.12 39.92
C MET B 693 -23.74 2.94 39.28
N ASP B 694 -23.00 3.20 38.21
CA ASP B 694 -22.29 2.15 37.49
C ASP B 694 -20.88 2.60 37.13
N GLY B 695 -20.04 1.66 36.69
CA GLY B 695 -18.68 1.98 36.32
C GLY B 695 -18.10 3.11 37.14
N ALA B 696 -17.42 4.04 36.45
CA ALA B 696 -16.81 5.20 37.11
C ALA B 696 -17.82 6.24 37.55
N ASN B 697 -19.07 6.11 37.11
CA ASN B 697 -20.12 7.06 37.50
C ASN B 697 -20.12 7.22 39.02
N VAL B 698 -19.96 6.10 39.72
CA VAL B 698 -19.99 6.07 41.19
C VAL B 698 -18.91 6.95 41.78
N GLU B 699 -17.73 6.90 41.18
CA GLU B 699 -16.63 7.69 41.68
C GLU B 699 -16.78 9.17 41.34
N MET B 700 -17.54 9.46 40.29
CA MET B 700 -17.78 10.85 39.91
C MET B 700 -18.65 11.49 40.98
N ALA B 701 -19.65 10.74 41.46
CA ALA B 701 -20.53 11.24 42.52
C ALA B 701 -19.69 11.39 43.79
N GLU B 702 -18.82 10.41 44.05
CA GLU B 702 -17.97 10.50 45.24
C GLU B 702 -17.17 11.79 45.23
N GLU B 703 -16.55 12.09 44.09
CA GLU B 703 -15.72 13.28 43.96
C GLU B 703 -16.48 14.59 43.95
N ALA B 704 -17.62 14.60 43.27
CA ALA B 704 -18.40 15.83 43.15
C ALA B 704 -19.56 15.95 44.13
N GLY B 705 -19.90 14.86 44.80
CA GLY B 705 -21.01 14.88 45.74
C GLY B 705 -22.22 14.40 44.96
N GLU B 706 -22.73 13.26 45.39
CA GLU B 706 -23.87 12.62 44.75
C GLU B 706 -24.97 13.61 44.38
N GLU B 707 -25.14 14.63 45.20
CA GLU B 707 -26.16 15.65 45.00
C GLU B 707 -25.93 16.48 43.76
N ASN B 708 -24.70 16.45 43.25
CA ASN B 708 -24.36 17.26 42.08
C ASN B 708 -24.32 16.47 40.79
N LEU B 709 -25.08 15.39 40.77
CA LEU B 709 -25.24 14.54 39.61
C LEU B 709 -26.65 14.01 39.70
N PHE B 710 -27.27 13.70 38.57
CA PHE B 710 -28.61 13.16 38.57
C PHE B 710 -28.59 11.64 38.50
N ILE B 711 -28.30 11.02 39.64
CA ILE B 711 -28.24 9.57 39.78
C ILE B 711 -29.68 9.03 39.90
N PHE B 712 -29.91 7.81 39.43
CA PHE B 712 -31.25 7.23 39.47
C PHE B 712 -31.22 5.73 39.19
N GLY B 713 -32.40 5.12 39.23
CA GLY B 713 -32.53 3.70 38.94
C GLY B 713 -31.88 2.72 39.89
N MET B 714 -31.99 1.45 39.55
CA MET B 714 -31.45 0.38 40.36
C MET B 714 -29.95 0.46 40.53
N ARG B 715 -29.47 -0.09 41.63
CA ARG B 715 -28.04 -0.12 41.93
C ARG B 715 -27.65 -1.58 41.86
N ILE B 716 -26.35 -1.84 41.86
CA ILE B 716 -25.85 -3.21 41.78
C ILE B 716 -26.70 -4.21 42.56
N ASP B 717 -26.99 -3.90 43.82
CA ASP B 717 -27.77 -4.78 44.68
C ASP B 717 -29.22 -4.93 44.22
N ASP B 718 -29.80 -3.83 43.73
CA ASP B 718 -31.18 -3.83 43.28
C ASP B 718 -31.42 -4.69 42.05
N VAL B 719 -30.40 -4.78 41.19
CA VAL B 719 -30.51 -5.59 39.98
C VAL B 719 -30.37 -7.05 40.35
N ALA B 720 -29.59 -7.30 41.40
CA ALA B 720 -29.39 -8.66 41.90
C ALA B 720 -30.72 -9.17 42.47
N ALA B 721 -31.26 -8.42 43.42
CA ALA B 721 -32.53 -8.76 44.07
C ALA B 721 -33.59 -9.04 43.03
N LEU B 722 -33.67 -8.19 42.02
CA LEU B 722 -34.65 -8.36 40.97
C LEU B 722 -34.39 -9.65 40.19
N ASP B 723 -33.13 -9.99 40.00
CA ASP B 723 -32.78 -11.21 39.25
C ASP B 723 -33.23 -12.44 39.99
N LYS B 724 -32.91 -12.51 41.27
CA LYS B 724 -33.31 -13.64 42.09
C LYS B 724 -34.81 -13.76 42.04
N LYS B 725 -35.49 -12.67 42.38
CA LYS B 725 -36.95 -12.60 42.41
C LYS B 725 -37.60 -12.81 41.04
N GLY B 726 -36.84 -12.58 39.98
CA GLY B 726 -37.39 -12.75 38.64
C GLY B 726 -37.97 -11.44 38.11
N TYR B 727 -37.58 -11.09 36.89
CA TYR B 727 -38.03 -9.87 36.23
C TYR B 727 -39.10 -10.14 35.19
N GLU B 728 -40.21 -9.38 35.25
CA GLU B 728 -41.29 -9.54 34.29
C GLU B 728 -41.70 -8.15 33.78
N ALA B 729 -41.04 -7.71 32.72
CA ALA B 729 -41.29 -6.40 32.13
C ALA B 729 -42.76 -6.05 31.97
N LYS B 730 -43.58 -7.06 31.67
CA LYS B 730 -45.02 -6.88 31.46
C LYS B 730 -45.71 -6.11 32.57
N GLU B 731 -45.22 -6.25 33.80
CA GLU B 731 -45.82 -5.57 34.95
C GLU B 731 -45.65 -4.05 34.97
N TYR B 732 -44.51 -3.55 34.51
CA TYR B 732 -44.26 -2.11 34.50
C TYR B 732 -45.07 -1.45 33.39
N TYR B 733 -45.20 -2.17 32.28
CA TYR B 733 -45.98 -1.70 31.13
C TYR B 733 -47.42 -1.57 31.61
N GLU B 734 -47.79 -2.44 32.54
CA GLU B 734 -49.12 -2.46 33.14
C GLU B 734 -49.29 -1.22 34.02
N ALA B 735 -48.40 -1.08 34.99
CA ALA B 735 -48.42 0.02 35.95
C ALA B 735 -48.18 1.43 35.41
N LEU B 736 -47.26 1.55 34.46
CA LEU B 736 -46.90 2.86 33.92
C LEU B 736 -47.68 3.32 32.69
N PRO B 737 -48.66 4.21 32.88
CA PRO B 737 -49.48 4.73 31.79
C PRO B 737 -48.70 5.45 30.68
N GLU B 738 -47.69 6.21 31.06
CA GLU B 738 -46.87 6.91 30.06
C GLU B 738 -46.06 5.87 29.26
N LEU B 739 -45.61 4.82 29.94
CA LEU B 739 -44.82 3.77 29.31
C LEU B 739 -45.69 2.97 28.35
N LYS B 740 -46.86 2.55 28.83
CA LYS B 740 -47.78 1.76 28.01
C LYS B 740 -48.07 2.46 26.69
N LEU B 741 -48.23 3.78 26.75
CA LEU B 741 -48.50 4.56 25.56
C LEU B 741 -47.28 4.52 24.62
N VAL B 742 -46.10 4.75 25.17
CA VAL B 742 -44.89 4.73 24.36
C VAL B 742 -44.81 3.40 23.64
N ILE B 743 -44.90 2.33 24.41
CA ILE B 743 -44.84 0.99 23.87
C ILE B 743 -45.90 0.69 22.82
N ASP B 744 -47.15 1.05 23.08
CA ASP B 744 -48.20 0.78 22.11
C ASP B 744 -47.97 1.52 20.79
N GLN B 745 -47.39 2.70 20.87
CA GLN B 745 -47.10 3.49 19.68
C GLN B 745 -46.01 2.83 18.85
N ILE B 746 -44.99 2.30 19.54
CA ILE B 746 -43.89 1.63 18.85
C ILE B 746 -44.40 0.38 18.15
N ASP B 747 -45.03 -0.50 18.92
CA ASP B 747 -45.56 -1.76 18.43
C ASP B 747 -46.72 -1.66 17.44
N ASN B 748 -47.40 -0.52 17.37
CA ASN B 748 -48.54 -0.36 16.48
C ASN B 748 -48.25 0.37 15.17
N GLY B 749 -47.02 0.82 15.00
CA GLY B 749 -46.66 1.50 13.76
C GLY B 749 -46.79 3.00 13.76
N PHE B 750 -47.00 3.59 14.94
CA PHE B 750 -47.11 5.04 15.01
C PHE B 750 -45.81 5.66 14.50
N PHE B 751 -44.72 4.92 14.66
CA PHE B 751 -43.40 5.39 14.23
C PHE B 751 -42.86 4.59 13.04
N SER B 752 -43.76 3.89 12.35
CA SER B 752 -43.41 3.09 11.17
C SER B 752 -44.71 2.69 10.47
N PRO B 753 -45.54 3.68 10.11
CA PRO B 753 -46.82 3.42 9.45
C PRO B 753 -46.76 2.43 8.27
N LYS B 754 -45.75 2.58 7.42
CA LYS B 754 -45.60 1.71 6.26
C LYS B 754 -45.10 0.31 6.63
N GLN B 755 -44.69 0.14 7.88
CA GLN B 755 -44.20 -1.15 8.37
C GLN B 755 -44.61 -1.30 9.84
N PRO B 756 -45.94 -1.39 10.08
CA PRO B 756 -46.59 -1.54 11.39
C PRO B 756 -45.96 -2.47 12.42
N ASP B 757 -45.28 -3.51 11.97
CA ASP B 757 -44.66 -4.44 12.91
C ASP B 757 -43.13 -4.44 12.80
N LEU B 758 -42.60 -3.39 12.18
CA LEU B 758 -41.15 -3.23 11.98
C LEU B 758 -40.34 -3.40 13.26
N PHE B 759 -40.86 -2.88 14.37
CA PHE B 759 -40.17 -2.96 15.66
C PHE B 759 -40.63 -4.10 16.55
N LYS B 760 -41.25 -5.12 15.94
CA LYS B 760 -41.75 -6.28 16.65
C LYS B 760 -40.64 -6.94 17.46
N ASP B 761 -39.45 -7.00 16.87
CA ASP B 761 -38.30 -7.62 17.54
C ASP B 761 -37.90 -6.87 18.80
N ILE B 762 -38.03 -5.55 18.78
CA ILE B 762 -37.67 -4.72 19.93
C ILE B 762 -38.68 -4.97 21.05
N ILE B 763 -39.96 -5.06 20.66
CA ILE B 763 -41.04 -5.29 21.62
C ILE B 763 -40.90 -6.61 22.35
N ASN B 764 -40.54 -7.65 21.61
CA ASN B 764 -40.38 -8.97 22.18
C ASN B 764 -39.25 -9.04 23.19
N MET B 765 -38.09 -8.51 22.82
CA MET B 765 -36.94 -8.53 23.70
C MET B 765 -37.23 -7.80 25.01
N LEU B 766 -37.86 -6.64 24.90
CA LEU B 766 -38.21 -5.83 26.07
C LEU B 766 -39.20 -6.53 27.02
N PHE B 767 -40.11 -7.30 26.46
CA PHE B 767 -41.10 -8.00 27.27
C PHE B 767 -40.65 -9.36 27.74
N TYR B 768 -39.92 -10.09 26.90
CA TYR B 768 -39.51 -11.44 27.29
C TYR B 768 -38.01 -11.78 27.35
N HIS B 769 -37.14 -10.86 26.98
CA HIS B 769 -35.71 -11.15 27.01
C HIS B 769 -34.82 -9.95 27.30
N ASP B 770 -35.31 -9.00 28.10
CA ASP B 770 -34.51 -7.82 28.42
C ASP B 770 -33.55 -8.03 29.57
N ARG B 771 -32.38 -8.56 29.26
CA ARG B 771 -31.36 -8.80 30.27
C ARG B 771 -30.89 -7.51 30.95
N PHE B 772 -31.21 -6.35 30.36
CA PHE B 772 -30.77 -5.06 30.91
C PHE B 772 -31.86 -4.20 31.54
N LYS B 773 -33.01 -4.82 31.76
CA LYS B 773 -34.16 -4.23 32.43
C LYS B 773 -34.56 -2.79 32.12
N VAL B 774 -34.83 -2.50 30.85
CA VAL B 774 -35.23 -1.14 30.45
C VAL B 774 -36.48 -0.63 31.17
N PHE B 775 -37.54 -1.45 31.18
CA PHE B 775 -38.79 -1.07 31.84
C PHE B 775 -38.63 -0.84 33.35
N ALA B 776 -37.71 -1.56 33.98
CA ALA B 776 -37.49 -1.42 35.42
C ALA B 776 -36.88 -0.09 35.89
N ASP B 777 -36.14 0.62 35.02
CA ASP B 777 -35.57 1.90 35.40
C ASP B 777 -36.28 3.05 34.71
N TYR B 778 -37.25 2.73 33.86
CA TYR B 778 -38.02 3.75 33.13
C TYR B 778 -38.67 4.81 34.02
N GLU B 779 -39.34 4.38 35.10
CA GLU B 779 -40.00 5.35 35.97
C GLU B 779 -39.02 6.26 36.68
N ALA B 780 -38.04 5.67 37.36
CA ALA B 780 -37.03 6.46 38.07
C ALA B 780 -36.29 7.39 37.10
N TYR B 781 -36.08 6.91 35.88
CA TYR B 781 -35.39 7.70 34.84
C TYR B 781 -36.17 8.96 34.44
N VAL B 782 -37.44 8.77 34.06
CA VAL B 782 -38.28 9.89 33.65
C VAL B 782 -38.44 10.88 34.79
N LYS B 783 -38.51 10.38 36.03
CA LYS B 783 -38.64 11.24 37.19
C LYS B 783 -37.37 12.05 37.34
N CYS B 784 -36.24 11.37 37.18
CA CYS B 784 -34.93 12.02 37.29
C CYS B 784 -34.82 13.10 36.23
N GLN B 785 -35.25 12.77 35.01
CA GLN B 785 -35.20 13.70 33.89
C GLN B 785 -36.02 14.95 34.14
N ASP B 786 -37.16 14.80 34.78
CA ASP B 786 -38.02 15.95 35.09
C ASP B 786 -37.27 16.93 35.98
N LYS B 787 -36.56 16.41 36.97
CA LYS B 787 -35.80 17.28 37.87
C LYS B 787 -34.68 18.02 37.14
N VAL B 788 -34.08 17.37 36.14
CA VAL B 788 -33.01 18.01 35.39
C VAL B 788 -33.53 19.30 34.77
N SER B 789 -34.64 19.20 34.04
CA SER B 789 -35.23 20.37 33.40
C SER B 789 -35.59 21.45 34.41
N GLN B 790 -36.02 21.04 35.60
CA GLN B 790 -36.39 22.00 36.63
C GLN B 790 -35.15 22.82 36.99
N LEU B 791 -34.01 22.14 37.15
CA LEU B 791 -32.78 22.82 37.49
C LEU B 791 -32.28 23.66 36.33
N TYR B 792 -32.63 23.28 35.10
CA TYR B 792 -32.19 24.02 33.92
C TYR B 792 -32.88 25.37 33.83
N MET B 793 -34.07 25.47 34.42
CA MET B 793 -34.82 26.72 34.42
C MET B 793 -34.16 27.71 35.35
N ASN B 794 -33.20 27.23 36.15
CA ASN B 794 -32.48 28.08 37.09
C ASN B 794 -31.01 28.13 36.68
N PRO B 795 -30.68 28.97 35.69
CA PRO B 795 -29.32 29.15 35.15
C PRO B 795 -28.23 29.29 36.19
N LYS B 796 -28.52 30.00 37.27
CA LYS B 796 -27.56 30.25 38.33
C LYS B 796 -27.24 28.97 39.13
N ALA B 797 -28.25 28.14 39.36
CA ALA B 797 -28.04 26.91 40.11
C ALA B 797 -27.50 25.79 39.20
N TRP B 798 -27.93 25.79 37.95
CA TRP B 798 -27.45 24.79 36.98
C TRP B 798 -25.95 24.98 36.84
N ASN B 799 -25.55 26.21 36.54
CA ASN B 799 -24.15 26.54 36.37
C ASN B 799 -23.34 26.39 37.65
N THR B 800 -24.00 26.53 38.80
CA THR B 800 -23.29 26.38 40.07
C THR B 800 -22.93 24.89 40.20
N MET B 801 -23.83 24.01 39.79
CA MET B 801 -23.60 22.57 39.88
C MET B 801 -22.52 22.15 38.88
N VAL B 802 -22.59 22.71 37.66
CA VAL B 802 -21.58 22.42 36.65
C VAL B 802 -20.22 22.75 37.23
N LEU B 803 -20.12 23.91 37.87
CA LEU B 803 -18.85 24.33 38.47
C LEU B 803 -18.35 23.28 39.43
N LYS B 804 -19.25 22.76 40.27
CA LYS B 804 -18.88 21.74 41.24
C LYS B 804 -18.43 20.47 40.55
N ASN B 805 -18.92 20.24 39.33
CA ASN B 805 -18.50 19.05 38.61
C ASN B 805 -17.10 19.27 38.06
N ILE B 806 -16.89 20.37 37.34
CA ILE B 806 -15.58 20.67 36.77
C ILE B 806 -14.50 20.77 37.84
N ALA B 807 -14.81 21.45 38.93
CA ALA B 807 -13.85 21.62 40.00
C ALA B 807 -13.52 20.29 40.66
N ALA B 808 -14.36 19.29 40.40
CA ALA B 808 -14.16 17.96 40.99
C ALA B 808 -13.69 16.90 39.97
N SER B 809 -13.34 17.33 38.76
CA SER B 809 -12.93 16.35 37.75
C SER B 809 -11.47 15.91 37.78
N GLY B 810 -10.63 16.63 38.53
CA GLY B 810 -9.22 16.31 38.62
C GLY B 810 -8.83 14.86 38.77
N LYS B 811 -9.61 14.07 39.52
CA LYS B 811 -9.27 12.65 39.70
C LYS B 811 -9.26 11.86 38.40
N PHE B 812 -10.07 12.30 37.44
CA PHE B 812 -10.22 11.56 36.18
C PHE B 812 -9.24 11.84 35.05
N SER B 813 -8.10 12.41 35.41
CA SER B 813 -7.04 12.66 34.44
C SER B 813 -6.30 11.32 34.29
N SER B 814 -5.90 11.00 33.06
CA SER B 814 -5.15 9.76 32.82
C SER B 814 -3.72 9.90 33.36
N ASP B 815 -3.35 11.12 33.75
CA ASP B 815 -2.04 11.34 34.31
C ASP B 815 -2.01 10.68 35.68
N ARG B 816 -3.13 10.76 36.40
CA ARG B 816 -3.24 10.16 37.72
C ARG B 816 -3.38 8.65 37.57
N THR B 817 -4.12 8.21 36.57
CA THR B 817 -4.29 6.78 36.30
C THR B 817 -2.92 6.16 36.03
N ILE B 818 -2.16 6.77 35.11
CA ILE B 818 -0.83 6.28 34.75
C ILE B 818 0.14 6.27 35.93
N LYS B 819 0.06 7.30 36.79
CA LYS B 819 0.95 7.35 37.96
C LYS B 819 0.73 6.13 38.85
N GLU B 820 -0.52 5.75 39.04
CA GLU B 820 -0.85 4.59 39.87
C GLU B 820 -0.37 3.30 39.19
N TYR B 821 -0.53 3.21 37.87
CA TYR B 821 -0.06 2.02 37.14
C TYR B 821 1.45 1.94 37.30
N ALA B 822 2.12 3.07 37.12
CA ALA B 822 3.58 3.16 37.22
C ALA B 822 4.16 2.75 38.57
N GLN B 823 3.60 3.23 39.67
CA GLN B 823 4.20 2.87 40.94
C GLN B 823 3.69 1.59 41.59
N ASN B 824 2.52 1.10 41.19
CA ASN B 824 1.96 -0.11 41.79
C ASN B 824 1.94 -1.35 40.91
N ILE B 825 2.30 -1.20 39.64
CA ILE B 825 2.31 -2.35 38.75
C ILE B 825 3.56 -2.49 37.89
N TRP B 826 3.99 -1.40 37.24
CA TRP B 826 5.15 -1.45 36.35
C TRP B 826 6.44 -1.17 37.11
N ASN B 827 6.33 -0.45 38.23
CA ASN B 827 7.50 -0.13 39.02
C ASN B 827 8.46 0.71 38.16
N VAL B 828 7.95 1.81 37.64
CA VAL B 828 8.77 2.69 36.80
C VAL B 828 8.60 4.14 37.24
N GLU B 829 9.54 4.97 36.82
CA GLU B 829 9.53 6.37 37.20
C GLU B 829 9.92 7.26 36.01
N PRO B 830 9.49 8.55 36.06
CA PRO B 830 9.82 9.49 34.98
C PRO B 830 11.32 9.50 34.65
N SER B 831 11.67 10.03 33.48
CA SER B 831 13.07 10.12 33.05
C SER B 831 13.49 11.56 32.87
#